data_4WIW
#
_entry.id   4WIW
#
_cell.length_a   79.933
_cell.length_b   346.625
_cell.length_c   193.442
_cell.angle_alpha   90.000
_cell.angle_beta   90.000
_cell.angle_gamma   90.000
#
_symmetry.space_group_name_H-M   'C 2 2 21'
#
loop_
_entity.id
_entity.type
_entity.pdbx_description
1 polymer 'Glycoside hydrolase family 18'
2 non-polymer 'CALCIUM ION'
3 non-polymer 'CHLORIDE ION'
4 non-polymer DI(HYDROXYETHYL)ETHER
5 water water
#
_entity_poly.entity_id   1
_entity_poly.type   'polypeptide(L)'
_entity_poly.pdbx_seq_one_letter_code
;SNAKISLQYWDGYASYETYLRQLSLIPGKATDYVDYVSPNWRGSIGTDGSLKLVWDEGSSNYKQLTN(MSE)AHGLG
(MSE)KVLPLINGSGATLNTLLKSPAAREKLIGEIVVLLKNTNADGVVIDFETPLDYGDVKDPYDGVRNDLTAF(MSE)E
SLHSELQS(MSE)NKLVV(MSE)AV(MSE)PR(MSE)SSSQYWLDAYDYEALSHAVDYLHV(MSE)TYDHHYRTSAPGPI
APYPWIKQVLTYIQGQGVD(MSE)SKVL(MSE)GIPYYGRDWVVDGKDANGNPTYNSTAFGYSKALELADSYGATITYSK
YNDADPVGTPTFKYTDEKGVEHTVFFDDYTSWNAKLSIINEFGLAGVGPWA(MSE)GWVDENTAEGLFPLLNQHLR
;
_entity_poly.pdbx_strand_id   A,B,C,D,E,F
#
loop_
_chem_comp.id
_chem_comp.type
_chem_comp.name
_chem_comp.formula
CA non-polymer 'CALCIUM ION' 'Ca 2'
CL non-polymer 'CHLORIDE ION' 'Cl -1'
PEG non-polymer DI(HYDROXYETHYL)ETHER 'C4 H10 O3'
#
# COMPACT_ATOMS: atom_id res chain seq x y z
N ASN A 2 -51.55 -3.26 -23.77
CA ASN A 2 -50.91 -2.17 -24.49
C ASN A 2 -49.81 -1.51 -23.66
N ALA A 3 -49.31 -2.23 -22.66
CA ALA A 3 -48.30 -1.69 -21.75
C ALA A 3 -46.88 -1.97 -22.24
N LYS A 4 -46.11 -0.91 -22.45
CA LYS A 4 -44.73 -1.03 -22.89
C LYS A 4 -43.75 -0.64 -21.78
N ILE A 5 -42.51 -1.08 -21.92
CA ILE A 5 -41.48 -0.84 -20.90
C ILE A 5 -40.83 0.53 -21.03
N SER A 6 -40.84 1.28 -19.93
CA SER A 6 -40.16 2.57 -19.89
C SER A 6 -38.93 2.49 -19.00
N LEU A 7 -37.76 2.34 -19.63
CA LEU A 7 -36.50 2.30 -18.92
C LEU A 7 -35.84 3.67 -18.92
N GLN A 8 -35.80 4.31 -17.76
CA GLN A 8 -35.16 5.62 -17.65
C GLN A 8 -33.78 5.50 -17.04
N TYR A 9 -32.83 6.25 -17.59
CA TYR A 9 -31.47 6.20 -17.07
C TYR A 9 -31.25 7.32 -16.05
N TRP A 10 -30.74 6.91 -14.90
CA TRP A 10 -30.64 7.75 -13.72
C TRP A 10 -29.21 8.25 -13.55
N ASP A 11 -28.77 9.12 -14.46
CA ASP A 11 -27.37 9.53 -14.52
C ASP A 11 -27.01 10.57 -13.46
N GLY A 12 -27.02 10.14 -12.20
CA GLY A 12 -26.64 11.02 -11.10
C GLY A 12 -25.15 10.98 -10.84
N TYR A 13 -24.48 9.98 -11.41
CA TYR A 13 -23.04 9.79 -11.27
C TYR A 13 -22.62 9.69 -9.79
N ALA A 14 -21.76 10.60 -9.35
CA ALA A 14 -21.24 10.51 -7.98
C ALA A 14 -21.90 11.51 -7.03
N SER A 15 -23.00 12.10 -7.48
CA SER A 15 -23.72 13.10 -6.67
C SER A 15 -25.04 12.57 -6.15
N TYR A 16 -25.08 12.31 -4.85
CA TYR A 16 -26.26 11.75 -4.19
C TYR A 16 -27.48 12.67 -4.31
N GLU A 17 -27.23 13.97 -4.38
CA GLU A 17 -28.31 14.95 -4.46
C GLU A 17 -28.87 15.03 -5.87
N THR A 18 -28.02 14.79 -6.86
CA THR A 18 -28.46 14.78 -8.25
C THR A 18 -29.43 13.62 -8.50
N TYR A 19 -29.16 12.48 -7.86
CA TYR A 19 -30.05 11.33 -7.96
C TYR A 19 -31.43 11.69 -7.43
N LEU A 20 -31.46 12.38 -6.29
CA LEU A 20 -32.70 12.77 -5.65
C LEU A 20 -33.46 13.81 -6.46
N ARG A 21 -32.71 14.75 -7.04
CA ARG A 21 -33.33 15.84 -7.80
C ARG A 21 -34.02 15.32 -9.06
N GLN A 22 -33.47 14.25 -9.64
CA GLN A 22 -34.04 13.68 -10.86
C GLN A 22 -35.35 12.93 -10.60
N LEU A 23 -35.43 12.23 -9.46
CA LEU A 23 -36.66 11.54 -9.09
C LEU A 23 -37.77 12.55 -8.85
N SER A 24 -37.43 13.66 -8.20
CA SER A 24 -38.40 14.69 -7.86
C SER A 24 -38.94 15.42 -9.09
N LEU A 25 -38.40 15.09 -10.25
CA LEU A 25 -38.78 15.74 -11.48
C LEU A 25 -39.75 14.88 -12.28
N ILE A 26 -40.18 13.79 -11.67
CA ILE A 26 -41.16 12.89 -12.30
C ILE A 26 -42.53 13.10 -11.66
N PRO A 27 -43.50 13.60 -12.46
CA PRO A 27 -44.79 14.07 -11.96
C PRO A 27 -45.81 12.96 -11.79
N GLY A 28 -46.93 13.28 -11.13
CA GLY A 28 -48.05 12.38 -10.97
C GLY A 28 -47.67 11.02 -10.41
N LYS A 29 -48.47 10.01 -10.73
CA LYS A 29 -48.16 8.64 -10.34
C LYS A 29 -46.97 8.16 -11.17
N ALA A 30 -45.88 7.83 -10.48
CA ALA A 30 -44.60 7.55 -11.11
C ALA A 30 -44.66 6.38 -12.09
N THR A 31 -45.44 5.36 -11.75
CA THR A 31 -45.52 4.15 -12.58
C THR A 31 -46.28 4.38 -13.88
N ASP A 32 -46.83 5.57 -14.06
CA ASP A 32 -47.55 5.91 -15.28
C ASP A 32 -46.60 6.42 -16.36
N TYR A 33 -45.33 6.55 -16.01
CA TYR A 33 -44.35 7.12 -16.93
C TYR A 33 -43.07 6.30 -16.98
N VAL A 34 -42.78 5.57 -15.91
CA VAL A 34 -41.50 4.86 -15.79
C VAL A 34 -41.65 3.49 -15.15
N ASP A 35 -41.09 2.48 -15.80
CA ASP A 35 -41.07 1.12 -15.25
C ASP A 35 -39.79 0.90 -14.44
N TYR A 36 -38.64 1.14 -15.08
CA TYR A 36 -37.36 0.95 -14.41
C TYR A 36 -36.51 2.22 -14.43
N VAL A 37 -35.69 2.38 -13.40
CA VAL A 37 -34.68 3.44 -13.39
C VAL A 37 -33.30 2.80 -13.27
N SER A 38 -32.35 3.30 -14.06
CA SER A 38 -31.01 2.73 -14.07
C SER A 38 -29.96 3.74 -13.60
N PRO A 39 -29.52 3.61 -12.34
CA PRO A 39 -28.49 4.49 -11.77
C PRO A 39 -27.07 4.05 -12.12
N ASN A 40 -26.21 5.00 -12.52
CA ASN A 40 -24.83 4.67 -12.84
C ASN A 40 -23.94 4.76 -11.61
N TRP A 41 -24.12 3.82 -10.70
CA TRP A 41 -23.36 3.78 -9.46
C TRP A 41 -21.96 3.18 -9.66
N ARG A 42 -21.57 3.03 -10.92
CA ARG A 42 -20.26 2.47 -11.24
C ARG A 42 -19.17 3.51 -11.03
N GLY A 43 -18.19 3.19 -10.20
CA GLY A 43 -17.05 4.05 -9.99
C GLY A 43 -15.89 3.64 -10.85
N SER A 44 -15.54 2.36 -10.79
CA SER A 44 -14.47 1.79 -11.63
C SER A 44 -14.51 0.27 -11.66
N ILE A 45 -14.24 -0.31 -12.83
CA ILE A 45 -14.15 -1.76 -12.98
C ILE A 45 -12.71 -2.16 -13.25
N GLY A 46 -12.23 -3.18 -12.56
CA GLY A 46 -10.84 -3.57 -12.64
C GLY A 46 -10.54 -4.79 -13.50
N THR A 47 -9.28 -4.91 -13.90
CA THR A 47 -8.78 -6.03 -14.69
C THR A 47 -9.19 -7.40 -14.13
N ASP A 48 -9.08 -7.55 -12.82
CA ASP A 48 -9.35 -8.82 -12.16
C ASP A 48 -10.85 -9.08 -12.00
N GLY A 49 -11.67 -8.11 -12.39
CA GLY A 49 -13.11 -8.24 -12.29
C GLY A 49 -13.69 -7.58 -11.05
N SER A 50 -12.85 -6.93 -10.26
CA SER A 50 -13.30 -6.24 -9.06
C SER A 50 -14.22 -5.08 -9.43
N LEU A 51 -15.09 -4.68 -8.50
CA LEU A 51 -16.03 -3.61 -8.74
C LEU A 51 -16.00 -2.55 -7.64
N LYS A 52 -15.78 -1.30 -8.04
CA LYS A 52 -15.74 -0.17 -7.12
C LYS A 52 -16.88 0.80 -7.43
N LEU A 53 -17.71 1.08 -6.43
CA LEU A 53 -18.87 1.95 -6.62
C LEU A 53 -18.50 3.42 -6.39
N VAL A 54 -19.43 4.32 -6.69
CA VAL A 54 -19.12 5.75 -6.70
C VAL A 54 -18.90 6.34 -5.32
N TRP A 55 -19.42 5.70 -4.29
CA TRP A 55 -19.25 6.19 -2.93
C TRP A 55 -18.41 5.26 -2.07
N ASP A 56 -18.25 5.62 -0.80
CA ASP A 56 -17.45 4.84 0.13
C ASP A 56 -18.01 3.44 0.31
N GLU A 57 -17.21 2.55 0.88
CA GLU A 57 -17.54 1.13 0.94
C GLU A 57 -18.90 0.84 1.57
N GLY A 58 -19.05 1.19 2.84
CA GLY A 58 -20.27 0.87 3.56
C GLY A 58 -21.32 1.94 3.53
N SER A 59 -21.37 2.70 2.44
CA SER A 59 -22.33 3.80 2.31
C SER A 59 -23.77 3.29 2.25
N SER A 60 -24.67 4.03 2.87
CA SER A 60 -26.08 3.68 2.88
C SER A 60 -26.82 4.34 1.72
N ASN A 61 -26.09 5.08 0.89
CA ASN A 61 -26.68 5.80 -0.23
C ASN A 61 -27.42 4.90 -1.21
N TYR A 62 -26.81 3.76 -1.53
CA TYR A 62 -27.38 2.81 -2.48
C TYR A 62 -28.72 2.28 -1.98
N LYS A 63 -28.74 1.82 -0.73
CA LYS A 63 -29.96 1.28 -0.13
C LYS A 63 -31.06 2.34 -0.03
N GLN A 64 -30.67 3.55 0.35
CA GLN A 64 -31.63 4.63 0.54
C GLN A 64 -32.23 5.11 -0.78
N LEU A 65 -31.39 5.22 -1.81
CA LEU A 65 -31.86 5.67 -3.13
C LEU A 65 -32.81 4.64 -3.74
N THR A 66 -32.56 3.38 -3.46
CA THR A 66 -33.37 2.30 -4.02
C THR A 66 -34.74 2.20 -3.34
N ASN A 67 -34.74 2.33 -2.02
CA ASN A 67 -35.99 2.34 -1.26
C ASN A 67 -36.83 3.56 -1.64
N MSE A 68 -36.14 4.66 -1.92
CA MSE A 68 -36.77 5.86 -2.44
C MSE A 68 -37.56 5.56 -3.72
O MSE A 68 -38.75 5.82 -3.80
CB MSE A 68 -35.72 6.93 -2.70
CG MSE A 68 -36.26 8.28 -3.13
SE MSE A 68 -36.93 9.33 -1.64
CE MSE A 68 -36.90 11.07 -2.50
N ALA A 69 -36.86 4.99 -4.70
CA ALA A 69 -37.47 4.66 -5.99
C ALA A 69 -38.54 3.59 -5.85
N HIS A 70 -38.33 2.64 -4.93
CA HIS A 70 -39.29 1.58 -4.69
C HIS A 70 -40.59 2.12 -4.10
N GLY A 71 -40.47 3.14 -3.26
CA GLY A 71 -41.63 3.76 -2.65
C GLY A 71 -42.50 4.45 -3.68
N LEU A 72 -41.89 4.85 -4.79
CA LEU A 72 -42.60 5.52 -5.86
C LEU A 72 -43.19 4.50 -6.85
N GLY A 73 -42.89 3.23 -6.63
CA GLY A 73 -43.46 2.16 -7.43
C GLY A 73 -42.57 1.72 -8.58
N MSE A 74 -41.35 2.25 -8.63
CA MSE A 74 -40.43 1.92 -9.71
C MSE A 74 -39.50 0.78 -9.31
O MSE A 74 -39.48 0.34 -8.16
CB MSE A 74 -39.61 3.13 -10.11
CG MSE A 74 -40.42 4.26 -10.73
SE MSE A 74 -39.34 5.87 -10.88
CE MSE A 74 -40.61 7.04 -11.75
N LYS A 75 -38.73 0.29 -10.27
CA LYS A 75 -37.71 -0.73 -10.02
C LYS A 75 -36.34 -0.20 -10.42
N VAL A 76 -35.30 -0.68 -9.73
CA VAL A 76 -33.96 -0.15 -9.88
C VAL A 76 -33.01 -1.16 -10.50
N LEU A 77 -32.37 -0.76 -11.60
CA LEU A 77 -31.40 -1.61 -12.29
C LEU A 77 -30.06 -0.89 -12.44
N PRO A 78 -29.18 -0.99 -11.43
CA PRO A 78 -27.87 -0.35 -11.43
C PRO A 78 -27.10 -0.54 -12.74
N LEU A 79 -26.64 0.56 -13.32
CA LEU A 79 -25.92 0.52 -14.58
C LEU A 79 -24.47 0.15 -14.39
N ILE A 80 -24.07 -0.96 -15.00
CA ILE A 80 -22.68 -1.40 -14.95
C ILE A 80 -22.04 -1.22 -16.31
N ASN A 81 -21.33 -0.11 -16.48
CA ASN A 81 -20.76 0.23 -17.77
C ASN A 81 -19.25 0.16 -17.82
N GLY A 82 -18.73 -0.31 -18.96
CA GLY A 82 -17.30 -0.39 -19.18
C GLY A 82 -16.99 -0.35 -20.67
N SER A 83 -15.71 -0.25 -20.99
CA SER A 83 -15.26 -0.24 -22.38
C SER A 83 -13.74 -0.37 -22.44
N GLY A 84 -13.22 -0.48 -23.66
CA GLY A 84 -11.78 -0.43 -23.88
C GLY A 84 -11.00 -1.62 -23.40
N ALA A 85 -9.70 -1.41 -23.21
CA ALA A 85 -8.76 -2.48 -22.89
C ALA A 85 -9.06 -3.13 -21.54
N THR A 86 -9.43 -2.33 -20.56
CA THR A 86 -9.74 -2.83 -19.22
C THR A 86 -10.79 -3.92 -19.25
N LEU A 87 -11.83 -3.69 -20.04
CA LEU A 87 -12.95 -4.61 -20.14
C LEU A 87 -12.60 -5.83 -20.99
N ASN A 88 -11.69 -5.64 -21.95
CA ASN A 88 -11.25 -6.75 -22.79
C ASN A 88 -10.50 -7.81 -21.99
N THR A 89 -9.60 -7.37 -21.11
CA THR A 89 -8.83 -8.29 -20.29
C THR A 89 -9.73 -9.07 -19.34
N LEU A 90 -10.69 -8.36 -18.75
CA LEU A 90 -11.63 -8.95 -17.80
C LEU A 90 -12.39 -10.13 -18.41
N LEU A 91 -13.06 -9.87 -19.53
CA LEU A 91 -13.92 -10.85 -20.17
C LEU A 91 -13.13 -12.05 -20.69
N LYS A 92 -11.88 -11.81 -21.06
CA LYS A 92 -10.98 -12.87 -21.50
C LYS A 92 -10.73 -13.88 -20.39
N SER A 93 -10.68 -13.39 -19.16
CA SER A 93 -10.40 -14.23 -17.99
C SER A 93 -11.68 -14.74 -17.34
N PRO A 94 -11.88 -16.08 -17.35
CA PRO A 94 -13.06 -16.71 -16.76
C PRO A 94 -13.17 -16.48 -15.25
N ALA A 95 -12.04 -16.26 -14.60
CA ALA A 95 -12.02 -15.93 -13.18
C ALA A 95 -12.51 -14.51 -12.96
N ALA A 96 -12.05 -13.59 -13.81
CA ALA A 96 -12.46 -12.19 -13.72
C ALA A 96 -13.95 -12.04 -14.04
N ARG A 97 -14.45 -12.87 -14.94
CA ARG A 97 -15.88 -12.86 -15.26
C ARG A 97 -16.69 -13.33 -14.06
N GLU A 98 -16.21 -14.38 -13.41
CA GLU A 98 -16.82 -14.88 -12.18
C GLU A 98 -16.79 -13.81 -11.10
N LYS A 99 -15.65 -13.13 -11.01
CA LYS A 99 -15.42 -12.10 -9.99
C LYS A 99 -16.42 -10.96 -10.12
N LEU A 100 -16.61 -10.46 -11.34
CA LEU A 100 -17.51 -9.34 -11.57
C LEU A 100 -18.96 -9.71 -11.25
N ILE A 101 -19.37 -10.88 -11.71
CA ILE A 101 -20.72 -11.38 -11.45
C ILE A 101 -20.99 -11.48 -9.95
N GLY A 102 -19.97 -11.93 -9.21
CA GLY A 102 -20.08 -12.02 -7.76
C GLY A 102 -20.26 -10.67 -7.10
N GLU A 103 -19.56 -9.67 -7.62
CA GLU A 103 -19.70 -8.29 -7.14
C GLU A 103 -21.09 -7.75 -7.44
N ILE A 104 -21.63 -8.17 -8.58
CA ILE A 104 -22.99 -7.81 -8.97
C ILE A 104 -24.00 -8.45 -8.02
N VAL A 105 -23.72 -9.70 -7.66
CA VAL A 105 -24.58 -10.45 -6.74
C VAL A 105 -24.66 -9.77 -5.37
N VAL A 106 -23.51 -9.40 -4.82
CA VAL A 106 -23.47 -8.76 -3.51
C VAL A 106 -24.05 -7.35 -3.57
N LEU A 107 -24.06 -6.75 -4.76
CA LEU A 107 -24.66 -5.44 -4.94
C LEU A 107 -26.18 -5.54 -4.84
N LEU A 108 -26.76 -6.51 -5.53
CA LEU A 108 -28.20 -6.70 -5.53
C LEU A 108 -28.71 -7.18 -4.16
N LYS A 109 -27.81 -7.67 -3.33
CA LYS A 109 -28.16 -8.11 -1.99
C LYS A 109 -28.09 -6.96 -0.99
N ASN A 110 -27.06 -6.12 -1.13
CA ASN A 110 -26.87 -4.98 -0.24
C ASN A 110 -27.58 -3.73 -0.75
N THR A 111 -28.62 -3.93 -1.55
CA THR A 111 -29.35 -2.84 -2.17
C THR A 111 -30.82 -3.21 -2.36
N ASN A 112 -31.07 -4.51 -2.48
CA ASN A 112 -32.40 -5.04 -2.79
C ASN A 112 -32.93 -4.45 -4.10
N ALA A 113 -32.01 -4.20 -5.03
CA ALA A 113 -32.38 -3.71 -6.36
C ALA A 113 -33.03 -4.84 -7.16
N ASP A 114 -33.65 -4.48 -8.28
CA ASP A 114 -34.48 -5.43 -9.01
C ASP A 114 -33.74 -6.12 -10.17
N GLY A 115 -32.49 -5.75 -10.38
CA GLY A 115 -31.70 -6.33 -11.46
C GLY A 115 -30.54 -5.44 -11.88
N VAL A 116 -30.06 -5.62 -13.10
CA VAL A 116 -28.88 -4.91 -13.58
C VAL A 116 -28.94 -4.60 -15.08
N VAL A 117 -28.52 -3.40 -15.46
CA VAL A 117 -28.31 -3.07 -16.86
C VAL A 117 -26.82 -3.11 -17.22
N ILE A 118 -26.43 -4.09 -18.03
CA ILE A 118 -25.04 -4.18 -18.47
C ILE A 118 -24.81 -3.27 -19.68
N ASP A 119 -23.79 -2.43 -19.58
CA ASP A 119 -23.49 -1.46 -20.63
C ASP A 119 -22.03 -1.54 -21.05
N PHE A 120 -21.68 -2.64 -21.71
CA PHE A 120 -20.30 -2.82 -22.18
C PHE A 120 -20.15 -2.26 -23.58
N GLU A 121 -19.57 -1.06 -23.68
CA GLU A 121 -19.53 -0.35 -24.94
C GLU A 121 -18.20 -0.52 -25.68
N THR A 122 -18.20 -0.16 -26.97
CA THR A 122 -16.99 -0.12 -27.76
C THR A 122 -16.06 0.97 -27.20
N PRO A 123 -14.74 0.84 -27.40
CA PRO A 123 -14.02 -0.19 -28.17
C PRO A 123 -13.94 -1.56 -27.48
N LEU A 124 -14.26 -2.60 -28.24
CA LEU A 124 -14.14 -3.98 -27.80
C LEU A 124 -13.34 -4.79 -28.80
N ASP A 125 -12.53 -5.72 -28.31
CA ASP A 125 -11.64 -6.51 -29.17
C ASP A 125 -12.40 -7.32 -30.22
N TYR A 126 -12.14 -7.01 -31.50
CA TYR A 126 -12.77 -7.75 -32.58
C TYR A 126 -11.79 -8.64 -33.34
N GLY A 127 -10.54 -8.69 -32.86
CA GLY A 127 -9.53 -9.53 -33.49
C GLY A 127 -9.31 -9.25 -34.96
N ASP A 128 -9.17 -10.32 -35.76
CA ASP A 128 -9.05 -10.18 -37.21
C ASP A 128 -10.37 -9.70 -37.79
N VAL A 129 -10.30 -8.91 -38.84
CA VAL A 129 -11.50 -8.32 -39.44
C VAL A 129 -12.37 -9.37 -40.14
N LYS A 130 -11.73 -10.26 -40.89
CA LYS A 130 -12.46 -11.27 -41.66
C LYS A 130 -13.25 -12.21 -40.76
N ASP A 131 -12.53 -12.87 -39.85
CA ASP A 131 -13.16 -13.75 -38.86
C ASP A 131 -14.19 -12.98 -38.04
N PRO A 132 -15.46 -13.39 -38.11
CA PRO A 132 -16.49 -12.64 -37.38
C PRO A 132 -16.69 -13.18 -35.97
N TYR A 133 -15.95 -14.23 -35.61
CA TYR A 133 -16.23 -14.95 -34.37
C TYR A 133 -15.09 -14.89 -33.37
N ASP A 134 -13.95 -14.32 -33.76
CA ASP A 134 -12.83 -14.18 -32.83
C ASP A 134 -12.94 -12.86 -32.07
N GLY A 135 -12.02 -12.64 -31.15
CA GLY A 135 -12.07 -11.47 -30.30
C GLY A 135 -12.77 -11.78 -28.99
N VAL A 136 -13.36 -10.76 -28.38
CA VAL A 136 -13.98 -10.91 -27.07
C VAL A 136 -15.41 -11.42 -27.18
N ARG A 137 -15.89 -11.52 -28.42
CA ARG A 137 -17.28 -11.89 -28.73
C ARG A 137 -17.84 -13.04 -27.88
N ASN A 138 -17.22 -14.21 -27.97
CA ASN A 138 -17.72 -15.38 -27.25
C ASN A 138 -17.52 -15.27 -25.74
N ASP A 139 -16.49 -14.54 -25.33
CA ASP A 139 -16.25 -14.30 -23.91
C ASP A 139 -17.32 -13.39 -23.33
N LEU A 140 -17.79 -12.45 -24.16
CA LEU A 140 -18.85 -11.55 -23.76
C LEU A 140 -20.16 -12.32 -23.59
N THR A 141 -20.44 -13.20 -24.54
CA THR A 141 -21.63 -14.03 -24.49
C THR A 141 -21.62 -14.94 -23.26
N ALA A 142 -20.45 -15.51 -22.96
CA ALA A 142 -20.29 -16.39 -21.81
C ALA A 142 -20.53 -15.64 -20.51
N PHE A 143 -20.16 -14.37 -20.49
CA PHE A 143 -20.41 -13.52 -19.32
C PHE A 143 -21.91 -13.31 -19.14
N MSE A 144 -22.61 -13.03 -20.23
CA MSE A 144 -24.04 -12.77 -20.17
C MSE A 144 -24.83 -14.00 -19.77
O MSE A 144 -25.83 -13.90 -19.06
CB MSE A 144 -24.54 -12.24 -21.51
CG MSE A 144 -24.05 -10.83 -21.83
SE MSE A 144 -24.39 -9.60 -20.37
CE MSE A 144 -26.33 -9.59 -20.41
N GLU A 145 -24.39 -15.16 -20.25
CA GLU A 145 -25.08 -16.41 -19.96
C GLU A 145 -24.88 -16.82 -18.51
N SER A 146 -23.68 -16.55 -17.99
CA SER A 146 -23.38 -16.86 -16.59
C SER A 146 -24.15 -15.90 -15.68
N LEU A 147 -24.23 -14.64 -16.09
CA LEU A 147 -24.96 -13.62 -15.33
C LEU A 147 -26.45 -13.90 -15.34
N HIS A 148 -26.98 -14.25 -16.51
CA HIS A 148 -28.40 -14.54 -16.66
C HIS A 148 -28.82 -15.73 -15.82
N SER A 149 -28.02 -16.78 -15.85
CA SER A 149 -28.28 -17.99 -15.07
C SER A 149 -28.29 -17.69 -13.58
N GLU A 150 -27.35 -16.84 -13.15
CA GLU A 150 -27.18 -16.53 -11.73
C GLU A 150 -28.31 -15.64 -11.22
N LEU A 151 -28.56 -14.54 -11.93
CA LEU A 151 -29.53 -13.55 -11.47
C LEU A 151 -30.96 -14.06 -11.55
N GLN A 152 -31.24 -14.95 -12.48
CA GLN A 152 -32.60 -15.46 -12.64
C GLN A 152 -32.94 -16.44 -11.51
N SER A 153 -31.90 -16.93 -10.85
CA SER A 153 -32.10 -17.76 -9.65
C SER A 153 -32.53 -16.88 -8.49
N MSE A 154 -32.14 -15.62 -8.54
CA MSE A 154 -32.47 -14.66 -7.50
C MSE A 154 -33.74 -13.89 -7.81
O MSE A 154 -34.12 -12.99 -7.07
CB MSE A 154 -31.32 -13.67 -7.30
CG MSE A 154 -29.96 -14.30 -7.18
SE MSE A 154 -28.54 -12.96 -7.25
CE MSE A 154 -29.10 -11.86 -5.73
N ASN A 155 -34.39 -14.27 -8.92
CA ASN A 155 -35.57 -13.57 -9.41
C ASN A 155 -35.26 -12.09 -9.68
N LYS A 156 -34.14 -11.86 -10.38
CA LYS A 156 -33.71 -10.51 -10.72
C LYS A 156 -33.68 -10.31 -12.23
N LEU A 157 -33.80 -9.06 -12.66
CA LEU A 157 -33.91 -8.74 -14.08
C LEU A 157 -32.54 -8.49 -14.72
N VAL A 158 -32.40 -8.85 -16.00
CA VAL A 158 -31.17 -8.60 -16.74
C VAL A 158 -31.45 -7.84 -18.03
N VAL A 159 -30.89 -6.64 -18.14
CA VAL A 159 -31.02 -5.83 -19.34
C VAL A 159 -29.64 -5.53 -19.90
N MSE A 160 -29.46 -5.70 -21.19
CA MSE A 160 -28.16 -5.42 -21.80
C MSE A 160 -28.21 -4.30 -22.82
O MSE A 160 -28.93 -4.40 -23.82
CB MSE A 160 -27.57 -6.67 -22.43
CG MSE A 160 -26.15 -6.45 -22.93
SE MSE A 160 -25.37 -7.97 -23.84
CE MSE A 160 -23.54 -7.32 -23.97
N ALA A 161 -27.44 -3.25 -22.58
CA ALA A 161 -27.28 -2.17 -23.55
C ALA A 161 -26.21 -2.54 -24.57
N VAL A 162 -26.57 -2.53 -25.85
CA VAL A 162 -25.64 -2.86 -26.92
C VAL A 162 -25.53 -1.74 -27.94
N MSE A 163 -24.43 -1.72 -28.69
CA MSE A 163 -24.23 -0.72 -29.72
C MSE A 163 -25.20 -0.92 -30.88
O MSE A 163 -25.56 -2.05 -31.21
CB MSE A 163 -22.79 -0.76 -30.24
CG MSE A 163 -21.73 -0.52 -29.17
SE MSE A 163 -21.84 1.26 -28.37
CE MSE A 163 -21.26 2.31 -29.92
N PRO A 164 -25.65 0.19 -31.48
CA PRO A 164 -26.57 0.13 -32.63
C PRO A 164 -25.86 -0.26 -33.93
N ARG A 165 -25.96 -1.53 -34.33
CA ARG A 165 -25.30 -1.95 -35.56
C ARG A 165 -26.22 -1.73 -36.76
N MSE A 166 -25.62 -1.26 -37.85
CA MSE A 166 -26.36 -0.86 -39.03
C MSE A 166 -26.29 -1.91 -40.14
O MSE A 166 -27.28 -2.19 -40.82
CB MSE A 166 -25.80 0.45 -39.56
CG MSE A 166 -26.84 1.44 -40.00
SE MSE A 166 -25.98 2.93 -40.90
CE MSE A 166 -24.60 3.38 -39.60
N SER A 167 -25.11 -2.50 -40.31
CA SER A 167 -24.87 -3.45 -41.39
C SER A 167 -23.75 -4.43 -41.04
N SER A 168 -23.44 -5.33 -41.97
CA SER A 168 -22.42 -6.35 -41.75
C SER A 168 -21.00 -5.81 -41.90
N SER A 169 -20.88 -4.70 -42.63
CA SER A 169 -19.58 -4.09 -42.91
C SER A 169 -18.92 -3.48 -41.67
N GLN A 170 -19.71 -3.25 -40.62
CA GLN A 170 -19.19 -2.65 -39.39
C GLN A 170 -18.53 -3.71 -38.51
N TYR A 171 -17.34 -4.15 -38.92
CA TYR A 171 -16.63 -5.25 -38.28
C TYR A 171 -16.24 -4.97 -36.84
N TRP A 172 -16.09 -3.70 -36.48
CA TRP A 172 -15.66 -3.32 -35.14
C TRP A 172 -16.76 -3.54 -34.10
N LEU A 173 -17.92 -4.00 -34.54
CA LEU A 173 -19.03 -4.29 -33.63
C LEU A 173 -19.24 -5.79 -33.48
N ASP A 174 -18.31 -6.57 -34.02
CA ASP A 174 -18.46 -8.03 -34.05
C ASP A 174 -18.38 -8.66 -32.66
N ALA A 175 -18.12 -7.87 -31.64
CA ALA A 175 -18.09 -8.36 -30.27
C ALA A 175 -19.49 -8.74 -29.81
N TYR A 176 -20.50 -8.16 -30.48
CA TYR A 176 -21.88 -8.38 -30.07
C TYR A 176 -22.57 -9.47 -30.88
N ASP A 177 -22.62 -10.67 -30.31
CA ASP A 177 -23.42 -11.76 -30.86
C ASP A 177 -24.88 -11.50 -30.51
N TYR A 178 -25.53 -10.64 -31.30
CA TYR A 178 -26.87 -10.16 -30.99
C TYR A 178 -27.90 -11.26 -30.75
N GLU A 179 -27.87 -12.30 -31.59
CA GLU A 179 -28.82 -13.40 -31.44
C GLU A 179 -28.61 -14.11 -30.10
N ALA A 180 -27.38 -14.55 -29.84
CA ALA A 180 -27.07 -15.30 -28.62
C ALA A 180 -27.23 -14.44 -27.37
N LEU A 181 -27.00 -13.15 -27.52
CA LEU A 181 -27.14 -12.21 -26.40
C LEU A 181 -28.61 -12.02 -26.04
N SER A 182 -29.46 -11.92 -27.06
CA SER A 182 -30.88 -11.70 -26.85
C SER A 182 -31.54 -12.84 -26.08
N HIS A 183 -30.86 -13.98 -26.02
CA HIS A 183 -31.35 -15.14 -25.29
C HIS A 183 -30.80 -15.18 -23.87
N ALA A 184 -29.83 -14.32 -23.59
CA ALA A 184 -29.21 -14.27 -22.27
C ALA A 184 -29.68 -13.05 -21.51
N VAL A 185 -30.71 -12.38 -22.00
CA VAL A 185 -31.26 -11.20 -21.34
C VAL A 185 -32.77 -11.28 -21.24
N ASP A 186 -33.34 -10.39 -20.44
CA ASP A 186 -34.78 -10.23 -20.38
C ASP A 186 -35.20 -9.11 -21.34
N TYR A 187 -34.32 -8.13 -21.48
CA TYR A 187 -34.54 -7.04 -22.42
C TYR A 187 -33.23 -6.63 -23.08
N LEU A 188 -33.29 -6.34 -24.38
CA LEU A 188 -32.12 -5.90 -25.11
C LEU A 188 -32.28 -4.43 -25.49
N HIS A 189 -31.45 -3.58 -24.92
CA HIS A 189 -31.53 -2.15 -25.22
C HIS A 189 -30.57 -1.77 -26.34
N VAL A 190 -31.12 -1.57 -27.53
CA VAL A 190 -30.31 -1.11 -28.66
C VAL A 190 -30.19 0.41 -28.60
N MSE A 191 -29.01 0.89 -28.23
CA MSE A 191 -28.81 2.31 -28.00
C MSE A 191 -28.77 3.09 -29.31
O MSE A 191 -27.70 3.52 -29.74
CB MSE A 191 -27.53 2.54 -27.19
CG MSE A 191 -27.54 1.88 -25.83
SE MSE A 191 -25.87 2.14 -24.85
CE MSE A 191 -24.73 0.89 -25.81
N THR A 192 -29.93 3.28 -29.92
CA THR A 192 -30.01 3.98 -31.20
C THR A 192 -29.94 5.49 -31.04
N TYR A 193 -28.76 5.99 -30.69
CA TYR A 193 -28.49 7.43 -30.68
C TYR A 193 -26.99 7.66 -30.86
N ASP A 194 -26.59 8.93 -30.88
CA ASP A 194 -25.22 9.33 -31.17
C ASP A 194 -24.82 8.94 -32.60
N HIS A 195 -25.77 9.05 -33.52
CA HIS A 195 -25.45 8.86 -34.93
C HIS A 195 -24.48 9.95 -35.35
N HIS A 196 -24.72 11.16 -34.84
CA HIS A 196 -23.74 12.23 -34.88
C HIS A 196 -23.24 12.45 -33.45
N TYR A 197 -21.92 12.57 -33.28
CA TYR A 197 -21.36 12.69 -31.94
C TYR A 197 -20.61 14.01 -31.75
N ARG A 198 -19.84 14.09 -30.67
CA ARG A 198 -19.26 15.35 -30.21
C ARG A 198 -18.38 16.04 -31.25
N THR A 199 -17.51 15.29 -31.90
CA THR A 199 -16.53 15.88 -32.80
C THR A 199 -16.80 15.55 -34.26
N SER A 200 -17.96 14.98 -34.54
CA SER A 200 -18.36 14.70 -35.92
C SER A 200 -18.97 15.93 -36.56
N ALA A 201 -19.37 15.80 -37.82
CA ALA A 201 -20.12 16.85 -38.49
C ALA A 201 -21.48 16.98 -37.82
N PRO A 202 -22.06 18.18 -37.83
CA PRO A 202 -23.39 18.38 -37.25
C PRO A 202 -24.44 17.49 -37.93
N GLY A 203 -25.48 17.12 -37.19
CA GLY A 203 -26.54 16.29 -37.73
C GLY A 203 -27.40 15.73 -36.61
N PRO A 204 -28.53 15.11 -36.98
CA PRO A 204 -29.45 14.53 -35.99
C PRO A 204 -28.77 13.44 -35.17
N ILE A 205 -28.94 13.50 -33.85
CA ILE A 205 -28.30 12.54 -32.96
C ILE A 205 -28.90 11.15 -33.18
N ALA A 206 -30.19 11.12 -33.52
CA ALA A 206 -30.86 9.86 -33.84
C ALA A 206 -31.99 10.07 -34.85
N PRO A 207 -31.64 10.13 -36.15
CA PRO A 207 -32.63 10.34 -37.22
C PRO A 207 -33.63 9.19 -37.30
N TYR A 208 -34.86 9.49 -37.70
CA TYR A 208 -35.92 8.50 -37.77
C TYR A 208 -35.58 7.30 -38.67
N PRO A 209 -35.15 7.53 -39.93
CA PRO A 209 -34.87 6.36 -40.78
C PRO A 209 -33.70 5.52 -40.27
N TRP A 210 -32.73 6.16 -39.61
CA TRP A 210 -31.55 5.44 -39.12
C TRP A 210 -31.90 4.47 -37.99
N ILE A 211 -32.81 4.87 -37.11
CA ILE A 211 -33.24 3.99 -36.03
C ILE A 211 -33.91 2.74 -36.61
N LYS A 212 -34.81 2.95 -37.57
CA LYS A 212 -35.49 1.86 -38.25
C LYS A 212 -34.48 0.96 -38.97
N GLN A 213 -33.48 1.57 -39.57
CA GLN A 213 -32.45 0.85 -40.29
C GLN A 213 -31.68 -0.08 -39.36
N VAL A 214 -31.31 0.44 -38.19
CA VAL A 214 -30.61 -0.34 -37.18
C VAL A 214 -31.46 -1.52 -36.71
N LEU A 215 -32.73 -1.24 -36.39
CA LEU A 215 -33.63 -2.27 -35.90
C LEU A 215 -33.92 -3.33 -36.96
N THR A 216 -33.91 -2.94 -38.23
CA THR A 216 -34.10 -3.89 -39.31
C THR A 216 -32.93 -4.87 -39.36
N TYR A 217 -31.72 -4.35 -39.18
CA TYR A 217 -30.53 -5.21 -39.12
C TYR A 217 -30.60 -6.16 -37.94
N ILE A 218 -30.92 -5.62 -36.76
CA ILE A 218 -31.03 -6.40 -35.54
C ILE A 218 -32.06 -7.51 -35.71
N GLN A 219 -33.16 -7.19 -36.40
CA GLN A 219 -34.21 -8.17 -36.68
C GLN A 219 -33.67 -9.26 -37.60
N GLY A 220 -32.80 -8.86 -38.53
CA GLY A 220 -32.19 -9.79 -39.46
C GLY A 220 -31.26 -10.79 -38.80
N GLN A 221 -30.72 -10.41 -37.65
CA GLN A 221 -29.86 -11.30 -36.88
C GLN A 221 -30.68 -12.35 -36.14
N GLY A 222 -32.00 -12.16 -36.14
CA GLY A 222 -32.92 -13.15 -35.60
C GLY A 222 -33.24 -12.99 -34.13
N VAL A 223 -33.11 -11.77 -33.61
CA VAL A 223 -33.45 -11.53 -32.21
C VAL A 223 -34.94 -11.28 -32.06
N ASP A 224 -35.48 -11.61 -30.90
CA ASP A 224 -36.91 -11.41 -30.63
C ASP A 224 -37.19 -9.93 -30.35
N MSE A 225 -37.82 -9.26 -31.32
CA MSE A 225 -38.03 -7.82 -31.23
C MSE A 225 -38.95 -7.39 -30.09
O MSE A 225 -39.01 -6.22 -29.73
CB MSE A 225 -38.60 -7.29 -32.56
CG MSE A 225 -37.69 -7.56 -33.76
SE MSE A 225 -35.88 -6.87 -33.53
CE MSE A 225 -36.22 -4.98 -33.79
N SER A 226 -39.67 -8.35 -29.52
CA SER A 226 -40.55 -8.08 -28.39
C SER A 226 -39.74 -8.04 -27.09
N LYS A 227 -38.43 -8.20 -27.22
CA LYS A 227 -37.52 -8.08 -26.09
C LYS A 227 -36.58 -6.90 -26.28
N VAL A 228 -36.79 -6.15 -27.35
CA VAL A 228 -35.90 -5.06 -27.71
C VAL A 228 -36.43 -3.68 -27.29
N LEU A 229 -35.62 -2.96 -26.52
CA LEU A 229 -35.91 -1.58 -26.17
C LEU A 229 -35.11 -0.65 -27.07
N MSE A 230 -35.80 0.20 -27.82
CA MSE A 230 -35.12 1.15 -28.68
C MSE A 230 -34.51 2.28 -27.87
O MSE A 230 -34.79 2.42 -26.68
CB MSE A 230 -36.07 1.73 -29.74
CG MSE A 230 -37.18 2.58 -29.17
SE MSE A 230 -38.09 3.61 -30.54
CE MSE A 230 -36.61 4.77 -31.06
N GLY A 231 -33.68 3.08 -28.52
CA GLY A 231 -33.02 4.19 -27.85
C GLY A 231 -33.42 5.52 -28.45
N ILE A 232 -33.41 6.56 -27.62
CA ILE A 232 -33.76 7.89 -28.06
C ILE A 232 -33.04 8.91 -27.17
N PRO A 233 -32.52 9.99 -27.79
CA PRO A 233 -31.79 10.97 -26.99
C PRO A 233 -32.68 12.07 -26.43
N TYR A 234 -32.46 12.44 -25.18
CA TYR A 234 -33.13 13.60 -24.60
C TYR A 234 -32.35 14.86 -24.92
N TYR A 235 -31.06 14.68 -25.21
CA TYR A 235 -30.14 15.80 -25.41
C TYR A 235 -30.01 16.19 -26.88
N GLY A 236 -29.55 17.41 -27.10
CA GLY A 236 -29.19 17.88 -28.43
C GLY A 236 -27.71 18.25 -28.45
N ARG A 237 -27.23 18.82 -29.54
CA ARG A 237 -25.84 19.25 -29.61
C ARG A 237 -25.65 20.57 -30.35
N ASP A 238 -24.74 21.39 -29.84
CA ASP A 238 -24.36 22.66 -30.44
C ASP A 238 -22.96 22.56 -31.02
N TRP A 239 -22.87 22.43 -32.34
CA TRP A 239 -21.58 22.22 -33.01
C TRP A 239 -20.91 23.51 -33.47
N VAL A 240 -19.59 23.57 -33.29
CA VAL A 240 -18.77 24.63 -33.88
C VAL A 240 -17.50 24.04 -34.48
N VAL A 241 -16.89 24.77 -35.40
CA VAL A 241 -15.57 24.41 -35.88
C VAL A 241 -14.54 24.98 -34.91
N ASP A 242 -13.82 24.11 -34.21
CA ASP A 242 -12.94 24.57 -33.15
C ASP A 242 -11.49 24.68 -33.61
N GLY A 243 -11.22 24.39 -34.88
CA GLY A 243 -9.87 24.54 -35.40
C GLY A 243 -9.50 23.64 -36.57
N LYS A 244 -8.23 23.27 -36.63
CA LYS A 244 -7.69 22.46 -37.71
C LYS A 244 -6.89 21.29 -37.15
N ASP A 245 -6.78 20.20 -37.91
CA ASP A 245 -5.89 19.11 -37.52
C ASP A 245 -4.51 19.35 -38.14
N ALA A 246 -3.60 18.41 -37.95
CA ALA A 246 -2.23 18.56 -38.42
C ALA A 246 -2.14 18.67 -39.94
N ASN A 247 -3.18 18.22 -40.62
CA ASN A 247 -3.23 18.28 -42.09
C ASN A 247 -4.11 19.42 -42.59
N GLY A 248 -4.41 20.37 -41.72
CA GLY A 248 -5.17 21.56 -42.10
C GLY A 248 -6.66 21.35 -42.22
N ASN A 249 -7.13 20.16 -41.86
CA ASN A 249 -8.55 19.85 -41.96
C ASN A 249 -9.36 20.45 -40.82
N PRO A 250 -10.49 21.10 -41.16
CA PRO A 250 -11.38 21.66 -40.15
C PRO A 250 -11.85 20.60 -39.17
N THR A 251 -11.77 20.90 -37.88
CA THR A 251 -12.21 19.97 -36.86
C THR A 251 -13.47 20.51 -36.18
N TYR A 252 -14.34 19.60 -35.76
CA TYR A 252 -15.55 20.00 -35.07
C TYR A 252 -15.45 19.73 -33.57
N ASN A 253 -16.23 20.47 -32.81
CA ASN A 253 -16.42 20.23 -31.38
C ASN A 253 -17.81 20.69 -30.99
N SER A 254 -18.35 20.15 -29.91
CA SER A 254 -19.71 20.51 -29.53
C SER A 254 -19.99 20.34 -28.04
N THR A 255 -21.07 20.97 -27.59
CA THR A 255 -21.54 20.81 -26.23
C THR A 255 -22.96 20.26 -26.26
N ALA A 256 -23.31 19.44 -25.28
CA ALA A 256 -24.62 18.79 -25.27
C ALA A 256 -25.55 19.46 -24.26
N PHE A 257 -26.81 19.62 -24.63
CA PHE A 257 -27.80 20.18 -23.72
C PHE A 257 -29.21 19.63 -23.95
N GLY A 258 -30.11 19.97 -23.04
CA GLY A 258 -31.47 19.49 -23.09
C GLY A 258 -32.38 20.30 -23.98
N TYR A 259 -33.63 19.86 -24.10
CA TYR A 259 -34.64 20.48 -24.95
C TYR A 259 -34.85 21.97 -24.63
N SER A 260 -34.91 22.30 -23.34
CA SER A 260 -35.19 23.67 -22.91
C SER A 260 -34.10 24.65 -23.30
N LYS A 261 -32.85 24.25 -23.09
CA LYS A 261 -31.70 25.09 -23.43
C LYS A 261 -31.70 25.44 -24.91
N ALA A 262 -32.04 24.46 -25.75
CA ALA A 262 -32.07 24.66 -27.19
C ALA A 262 -33.10 25.70 -27.60
N LEU A 263 -34.26 25.71 -26.94
CA LEU A 263 -35.30 26.68 -27.22
C LEU A 263 -34.89 28.10 -26.82
N GLU A 264 -34.29 28.22 -25.64
CA GLU A 264 -33.83 29.50 -25.14
C GLU A 264 -32.75 30.07 -26.07
N LEU A 265 -31.89 29.20 -26.57
CA LEU A 265 -30.84 29.59 -27.50
C LEU A 265 -31.42 30.16 -28.78
N ALA A 266 -32.32 29.42 -29.40
CA ALA A 266 -32.94 29.82 -30.66
C ALA A 266 -33.73 31.12 -30.48
N ASP A 267 -34.27 31.32 -29.29
CA ASP A 267 -35.03 32.53 -29.00
C ASP A 267 -34.10 33.73 -28.80
N SER A 268 -32.97 33.49 -28.14
CA SER A 268 -32.00 34.56 -27.85
C SER A 268 -31.41 35.15 -29.12
N TYR A 269 -31.12 34.30 -30.09
CA TYR A 269 -30.48 34.73 -31.32
C TYR A 269 -31.50 34.91 -32.46
N GLY A 270 -32.78 34.73 -32.13
CA GLY A 270 -33.84 34.93 -33.10
C GLY A 270 -33.81 33.97 -34.26
N ALA A 271 -33.10 32.85 -34.10
CA ALA A 271 -33.00 31.86 -35.16
C ALA A 271 -34.29 31.07 -35.28
N THR A 272 -34.67 30.76 -36.52
CA THR A 272 -35.89 30.00 -36.75
C THR A 272 -35.61 28.51 -36.79
N ILE A 273 -36.39 27.76 -36.03
CA ILE A 273 -36.22 26.31 -35.93
C ILE A 273 -36.88 25.63 -37.13
N THR A 274 -36.20 24.63 -37.67
CA THR A 274 -36.65 23.90 -38.84
C THR A 274 -36.52 22.40 -38.59
N TYR A 275 -37.47 21.62 -39.09
CA TYR A 275 -37.38 20.18 -38.98
C TYR A 275 -36.59 19.62 -40.15
N SER A 276 -35.42 19.08 -39.84
CA SER A 276 -34.53 18.54 -40.86
C SER A 276 -34.94 17.13 -41.23
N LYS A 277 -35.36 16.94 -42.48
CA LYS A 277 -35.73 15.62 -42.99
C LYS A 277 -34.49 14.86 -43.43
N TYR A 278 -34.21 13.75 -42.76
CA TYR A 278 -32.99 12.98 -43.02
C TYR A 278 -32.95 12.44 -44.45
N ASN A 279 -34.10 11.98 -44.93
CA ASN A 279 -34.27 11.59 -46.33
C ASN A 279 -35.76 11.53 -46.67
N ASP A 280 -36.08 10.97 -47.84
CA ASP A 280 -37.46 10.89 -48.28
C ASP A 280 -38.30 9.94 -47.40
N ALA A 281 -37.64 9.16 -46.56
CA ALA A 281 -38.32 8.25 -45.66
C ALA A 281 -38.40 8.81 -44.25
N ASP A 282 -38.29 10.14 -44.14
CA ASP A 282 -38.38 10.82 -42.86
C ASP A 282 -39.51 11.86 -42.91
N PRO A 283 -40.72 11.46 -42.48
CA PRO A 283 -41.92 12.31 -42.56
C PRO A 283 -41.86 13.55 -41.67
N VAL A 284 -41.50 13.37 -40.40
CA VAL A 284 -41.52 14.48 -39.45
C VAL A 284 -40.18 15.21 -39.39
N GLY A 285 -39.11 14.46 -39.15
CA GLY A 285 -37.78 15.03 -39.16
C GLY A 285 -37.25 15.40 -37.78
N THR A 286 -36.12 16.10 -37.76
CA THR A 286 -35.45 16.47 -36.53
C THR A 286 -35.24 17.99 -36.49
N PRO A 287 -35.62 18.65 -35.38
CA PRO A 287 -35.52 20.10 -35.30
C PRO A 287 -34.07 20.60 -35.28
N THR A 288 -33.83 21.74 -35.92
CA THR A 288 -32.48 22.27 -36.05
C THR A 288 -32.48 23.77 -36.35
N PHE A 289 -31.37 24.44 -36.00
CA PHE A 289 -31.21 25.85 -36.31
C PHE A 289 -29.74 26.26 -36.24
N LYS A 290 -29.42 27.39 -36.86
CA LYS A 290 -28.06 27.92 -36.83
C LYS A 290 -28.08 29.30 -36.22
N TYR A 291 -26.93 29.75 -35.72
CA TYR A 291 -26.78 31.12 -35.24
C TYR A 291 -25.32 31.51 -35.18
N THR A 292 -25.07 32.82 -35.10
CA THR A 292 -23.73 33.34 -34.95
C THR A 292 -23.60 34.09 -33.63
N ASP A 293 -22.71 33.62 -32.77
CA ASP A 293 -22.54 34.24 -31.46
C ASP A 293 -21.82 35.59 -31.55
N GLU A 294 -21.61 36.22 -30.40
CA GLU A 294 -21.01 37.55 -30.34
C GLU A 294 -19.53 37.57 -30.74
N LYS A 295 -18.92 36.39 -30.81
CA LYS A 295 -17.53 36.30 -31.23
C LYS A 295 -17.38 36.05 -32.73
N GLY A 296 -18.51 35.93 -33.42
CA GLY A 296 -18.49 35.75 -34.86
C GLY A 296 -18.45 34.31 -35.30
N VAL A 297 -18.55 33.40 -34.34
CA VAL A 297 -18.52 31.96 -34.62
C VAL A 297 -19.90 31.45 -34.99
N GLU A 298 -19.98 30.69 -36.07
CA GLU A 298 -21.24 30.09 -36.50
C GLU A 298 -21.50 28.78 -35.76
N HIS A 299 -22.70 28.66 -35.20
CA HIS A 299 -23.11 27.46 -34.48
C HIS A 299 -24.20 26.71 -35.23
N THR A 300 -24.22 25.39 -35.07
CA THR A 300 -25.24 24.55 -35.67
C THR A 300 -25.82 23.63 -34.60
N VAL A 301 -27.13 23.68 -34.43
CA VAL A 301 -27.79 22.92 -33.38
C VAL A 301 -28.74 21.86 -33.92
N PHE A 302 -28.63 20.65 -33.41
CA PHE A 302 -29.59 19.59 -33.67
C PHE A 302 -30.07 19.04 -32.33
N PHE A 303 -31.38 18.89 -32.18
CA PHE A 303 -31.94 18.39 -30.92
C PHE A 303 -33.28 17.71 -31.18
N ASP A 304 -34.00 17.37 -30.12
CA ASP A 304 -35.32 16.75 -30.26
C ASP A 304 -36.37 17.49 -29.45
N ASP A 305 -37.53 17.72 -30.07
CA ASP A 305 -38.67 18.30 -29.36
C ASP A 305 -39.76 17.25 -29.18
N TYR A 306 -40.93 17.69 -28.74
CA TYR A 306 -42.08 16.79 -28.57
C TYR A 306 -42.51 16.21 -29.91
N THR A 307 -42.37 17.01 -30.96
CA THR A 307 -42.78 16.60 -32.29
C THR A 307 -41.92 15.45 -32.82
N SER A 308 -40.60 15.61 -32.78
CA SER A 308 -39.70 14.58 -33.29
C SER A 308 -39.64 13.36 -32.38
N TRP A 309 -39.70 13.60 -31.07
CA TRP A 309 -39.74 12.51 -30.10
C TRP A 309 -40.94 11.59 -30.33
N ASN A 310 -42.09 12.21 -30.63
CA ASN A 310 -43.32 11.47 -30.86
C ASN A 310 -43.23 10.57 -32.09
N ALA A 311 -42.62 11.09 -33.15
CA ALA A 311 -42.45 10.32 -34.38
C ALA A 311 -41.54 9.12 -34.17
N LYS A 312 -40.47 9.33 -33.42
CA LYS A 312 -39.48 8.27 -33.18
C LYS A 312 -40.03 7.19 -32.25
N LEU A 313 -40.87 7.59 -31.29
CA LEU A 313 -41.47 6.65 -30.36
C LEU A 313 -42.50 5.74 -31.06
N SER A 314 -42.96 6.16 -32.23
CA SER A 314 -43.92 5.38 -33.00
C SER A 314 -43.30 4.10 -33.54
N ILE A 315 -41.97 4.09 -33.65
CA ILE A 315 -41.22 2.93 -34.12
C ILE A 315 -41.47 1.71 -33.22
N ILE A 316 -41.85 1.97 -31.97
CA ILE A 316 -42.20 0.91 -31.04
C ILE A 316 -43.37 0.08 -31.58
N ASN A 317 -44.32 0.74 -32.24
CA ASN A 317 -45.47 0.06 -32.82
C ASN A 317 -45.17 -0.59 -34.17
N GLU A 318 -44.24 -0.01 -34.92
CA GLU A 318 -43.89 -0.54 -36.23
C GLU A 318 -43.18 -1.89 -36.13
N PHE A 319 -42.30 -2.02 -35.14
CA PHE A 319 -41.52 -3.23 -34.98
C PHE A 319 -42.06 -4.13 -33.86
N GLY A 320 -43.05 -3.64 -33.14
CA GLY A 320 -43.59 -4.37 -32.00
C GLY A 320 -42.54 -4.52 -30.92
N LEU A 321 -41.91 -3.40 -30.56
CA LEU A 321 -40.85 -3.41 -29.57
C LEU A 321 -41.37 -3.53 -28.14
N ALA A 322 -40.46 -3.78 -27.20
CA ALA A 322 -40.81 -3.88 -25.80
C ALA A 322 -41.04 -2.50 -25.19
N GLY A 323 -40.31 -1.52 -25.71
CA GLY A 323 -40.39 -0.16 -25.23
C GLY A 323 -39.17 0.67 -25.57
N VAL A 324 -38.84 1.63 -24.73
CA VAL A 324 -37.76 2.55 -25.02
C VAL A 324 -36.88 2.79 -23.80
N GLY A 325 -35.59 3.02 -24.06
CA GLY A 325 -34.66 3.41 -23.02
C GLY A 325 -33.94 4.69 -23.41
N PRO A 326 -34.54 5.85 -23.04
CA PRO A 326 -33.97 7.16 -23.38
C PRO A 326 -32.75 7.51 -22.53
N TRP A 327 -31.89 8.35 -23.08
CA TRP A 327 -30.74 8.87 -22.34
C TRP A 327 -30.69 10.39 -22.43
N ALA A 328 -30.72 11.09 -21.30
CA ALA A 328 -30.95 10.53 -19.97
C ALA A 328 -31.75 11.56 -19.17
N MSE A 329 -32.21 11.18 -17.98
CA MSE A 329 -33.06 12.07 -17.18
C MSE A 329 -32.35 13.34 -16.73
O MSE A 329 -33.00 14.33 -16.42
CB MSE A 329 -33.61 11.32 -15.98
CG MSE A 329 -34.87 10.53 -16.28
SE MSE A 329 -35.72 9.89 -14.66
CE MSE A 329 -34.28 8.76 -13.99
N GLY A 330 -31.03 13.31 -16.69
CA GLY A 330 -30.25 14.48 -16.34
C GLY A 330 -30.41 15.59 -17.37
N TRP A 331 -30.87 15.24 -18.56
CA TRP A 331 -31.09 16.21 -19.62
C TRP A 331 -32.51 16.77 -19.61
N VAL A 332 -33.28 16.42 -18.60
CA VAL A 332 -34.66 16.89 -18.49
C VAL A 332 -34.86 17.78 -17.28
N ASP A 333 -35.21 19.03 -17.51
CA ASP A 333 -35.56 19.94 -16.43
C ASP A 333 -37.09 20.03 -16.30
N GLU A 334 -37.56 20.94 -15.44
CA GLU A 334 -38.98 21.05 -15.16
C GLU A 334 -39.78 21.46 -16.40
N ASN A 335 -39.23 22.36 -17.20
CA ASN A 335 -39.94 22.86 -18.38
C ASN A 335 -40.14 21.76 -19.42
N THR A 336 -39.08 20.98 -19.66
CA THR A 336 -39.14 19.87 -20.60
C THR A 336 -40.07 18.77 -20.07
N ALA A 337 -39.95 18.47 -18.79
CA ALA A 337 -40.67 17.37 -18.16
C ALA A 337 -42.18 17.51 -18.29
N GLU A 338 -42.65 18.75 -18.36
CA GLU A 338 -44.09 19.03 -18.38
C GLU A 338 -44.77 18.41 -19.60
N GLY A 339 -44.10 18.45 -20.73
CA GLY A 339 -44.66 17.90 -21.96
C GLY A 339 -44.12 16.54 -22.33
N LEU A 340 -42.94 16.20 -21.81
CA LEU A 340 -42.25 14.97 -22.16
C LEU A 340 -42.89 13.74 -21.52
N PHE A 341 -43.23 13.84 -20.25
CA PHE A 341 -43.79 12.70 -19.53
C PHE A 341 -45.20 12.31 -20.00
N PRO A 342 -46.09 13.30 -20.23
CA PRO A 342 -47.36 12.89 -20.85
C PRO A 342 -47.15 12.23 -22.21
N LEU A 343 -46.16 12.69 -22.96
CA LEU A 343 -45.81 12.10 -24.25
C LEU A 343 -45.40 10.65 -24.08
N LEU A 344 -44.63 10.37 -23.03
CA LEU A 344 -44.20 9.01 -22.72
C LEU A 344 -45.40 8.11 -22.38
N ASN A 345 -46.34 8.67 -21.63
CA ASN A 345 -47.51 7.91 -21.19
C ASN A 345 -48.43 7.53 -22.34
N GLN A 346 -48.40 8.32 -23.41
CA GLN A 346 -49.24 8.05 -24.58
C GLN A 346 -48.70 6.85 -25.37
N HIS A 347 -47.39 6.71 -25.41
CA HIS A 347 -46.76 5.64 -26.18
C HIS A 347 -46.51 4.38 -25.36
N LEU A 348 -46.22 4.56 -24.07
CA LEU A 348 -45.82 3.45 -23.22
C LEU A 348 -46.95 3.01 -22.29
N ARG A 349 -48.02 3.81 -22.24
CA ARG A 349 -49.25 3.47 -21.53
C ARG A 349 -49.02 3.03 -20.08
N ASN B 2 36.33 -21.27 -7.25
CA ASN B 2 37.22 -20.28 -7.83
C ASN B 2 36.51 -19.45 -8.90
N ALA B 3 37.18 -18.39 -9.36
CA ALA B 3 36.57 -17.44 -10.28
C ALA B 3 36.80 -17.78 -11.75
N LYS B 4 35.72 -17.74 -12.53
CA LYS B 4 35.79 -18.01 -13.96
C LYS B 4 35.44 -16.76 -14.75
N ILE B 5 35.52 -16.86 -16.07
CA ILE B 5 35.18 -15.74 -16.94
C ILE B 5 33.72 -15.79 -17.37
N SER B 6 33.02 -14.68 -17.16
CA SER B 6 31.66 -14.52 -17.64
C SER B 6 31.63 -13.51 -18.78
N LEU B 7 31.58 -14.02 -20.01
CA LEU B 7 31.49 -13.17 -21.19
C LEU B 7 30.06 -13.08 -21.68
N GLN B 8 29.44 -11.93 -21.48
CA GLN B 8 28.06 -11.72 -21.94
C GLN B 8 28.05 -10.92 -23.23
N TYR B 9 27.20 -11.34 -24.17
CA TYR B 9 27.07 -10.61 -25.42
C TYR B 9 25.97 -9.56 -25.35
N TRP B 10 26.37 -8.34 -25.67
CA TRP B 10 25.55 -7.15 -25.51
C TRP B 10 24.88 -6.78 -26.83
N ASP B 11 23.82 -7.51 -27.17
CA ASP B 11 23.23 -7.39 -28.51
C ASP B 11 22.16 -6.31 -28.59
N GLY B 12 22.59 -5.06 -28.60
CA GLY B 12 21.67 -3.93 -28.72
C GLY B 12 21.56 -3.47 -30.16
N TYR B 13 22.44 -4.00 -31.01
CA TYR B 13 22.50 -3.64 -32.42
C TYR B 13 22.61 -2.13 -32.59
N ALA B 14 21.57 -1.51 -33.13
CA ALA B 14 21.61 -0.07 -33.38
C ALA B 14 20.67 0.71 -32.46
N SER B 15 20.18 0.04 -31.42
CA SER B 15 19.26 0.69 -30.48
C SER B 15 19.97 1.07 -29.18
N TYR B 16 20.32 2.34 -29.07
CA TYR B 16 21.03 2.87 -27.92
C TYR B 16 20.34 2.54 -26.62
N GLU B 17 19.02 2.65 -26.62
CA GLU B 17 18.21 2.38 -25.43
C GLU B 17 18.31 0.91 -25.02
N THR B 18 18.32 0.02 -26.01
CA THR B 18 18.35 -1.41 -25.75
C THR B 18 19.61 -1.82 -24.99
N TYR B 19 20.74 -1.22 -25.38
CA TYR B 19 22.00 -1.44 -24.67
C TYR B 19 21.87 -1.10 -23.20
N LEU B 20 21.28 0.06 -22.92
CA LEU B 20 21.09 0.53 -21.56
C LEU B 20 20.14 -0.38 -20.76
N ARG B 21 19.10 -0.87 -21.42
CA ARG B 21 18.14 -1.77 -20.77
C ARG B 21 18.80 -3.06 -20.29
N GLN B 22 19.58 -3.68 -21.17
CA GLN B 22 20.28 -4.92 -20.83
C GLN B 22 21.27 -4.71 -19.69
N LEU B 23 21.82 -3.51 -19.61
CA LEU B 23 22.74 -3.17 -18.54
C LEU B 23 21.99 -3.04 -17.22
N SER B 24 20.81 -2.44 -17.29
CA SER B 24 20.01 -2.18 -16.09
C SER B 24 19.39 -3.46 -15.53
N LEU B 25 19.48 -4.53 -16.30
CA LEU B 25 18.87 -5.81 -15.90
C LEU B 25 19.86 -6.66 -15.11
N ILE B 26 21.07 -6.16 -14.93
CA ILE B 26 22.08 -6.88 -14.17
C ILE B 26 22.03 -6.42 -12.71
N PRO B 27 21.67 -7.36 -11.81
CA PRO B 27 21.39 -7.04 -10.41
C PRO B 27 22.62 -6.93 -9.53
N GLY B 28 22.45 -6.40 -8.33
CA GLY B 28 23.49 -6.36 -7.31
C GLY B 28 24.82 -5.83 -7.79
N LYS B 29 25.91 -6.35 -7.23
CA LYS B 29 27.23 -6.02 -7.75
C LYS B 29 27.39 -6.66 -9.11
N ALA B 30 27.54 -5.82 -10.12
CA ALA B 30 27.62 -6.26 -11.51
C ALA B 30 28.72 -7.30 -11.74
N THR B 31 29.87 -7.09 -11.10
CA THR B 31 31.03 -7.97 -11.30
C THR B 31 30.89 -9.33 -10.61
N ASP B 32 29.77 -9.54 -9.92
CA ASP B 32 29.49 -10.83 -9.32
C ASP B 32 28.92 -11.79 -10.35
N TYR B 33 28.55 -11.27 -11.52
CA TYR B 33 27.88 -12.07 -12.53
C TYR B 33 28.53 -11.95 -13.90
N VAL B 34 29.19 -10.83 -14.16
CA VAL B 34 29.74 -10.57 -15.48
C VAL B 34 31.16 -9.99 -15.43
N ASP B 35 32.05 -10.52 -16.27
CA ASP B 35 33.38 -9.95 -16.42
C ASP B 35 33.45 -9.03 -17.63
N TYR B 36 33.09 -9.57 -18.79
CA TYR B 36 33.13 -8.82 -20.04
C TYR B 36 31.75 -8.70 -20.67
N VAL B 37 31.45 -7.53 -21.21
CA VAL B 37 30.27 -7.35 -22.06
C VAL B 37 30.73 -7.04 -23.47
N SER B 38 30.07 -7.63 -24.46
CA SER B 38 30.48 -7.45 -25.84
C SER B 38 29.36 -6.90 -26.71
N PRO B 39 29.42 -5.60 -27.02
CA PRO B 39 28.41 -4.94 -27.87
C PRO B 39 28.64 -5.21 -29.35
N ASN B 40 27.55 -5.41 -30.10
CA ASN B 40 27.66 -5.60 -31.54
C ASN B 40 27.50 -4.29 -32.31
N TRP B 41 28.53 -3.46 -32.25
CA TRP B 41 28.49 -2.12 -32.84
C TRP B 41 28.83 -2.09 -34.32
N ARG B 42 29.20 -3.23 -34.89
CA ARG B 42 29.53 -3.26 -36.31
C ARG B 42 28.29 -3.11 -37.17
N GLY B 43 28.36 -2.23 -38.15
CA GLY B 43 27.29 -2.06 -39.11
C GLY B 43 27.67 -2.66 -40.45
N SER B 44 28.94 -2.55 -40.80
CA SER B 44 29.41 -3.00 -42.11
C SER B 44 30.92 -3.21 -42.16
N ILE B 45 31.34 -4.36 -42.66
CA ILE B 45 32.75 -4.62 -42.92
C ILE B 45 33.04 -4.46 -44.41
N GLY B 46 34.00 -3.62 -44.73
CA GLY B 46 34.38 -3.41 -46.12
C GLY B 46 35.29 -4.52 -46.63
N THR B 47 35.25 -4.76 -47.93
CA THR B 47 36.12 -5.75 -48.54
C THR B 47 37.58 -5.30 -48.45
N ASP B 48 37.78 -4.00 -48.34
CA ASP B 48 39.12 -3.42 -48.27
C ASP B 48 39.62 -3.32 -46.83
N GLY B 49 38.80 -3.75 -45.89
CA GLY B 49 39.18 -3.73 -44.49
C GLY B 49 38.57 -2.60 -43.71
N SER B 50 37.80 -1.75 -44.40
CA SER B 50 37.14 -0.63 -43.75
C SER B 50 36.07 -1.11 -42.79
N LEU B 51 35.93 -0.41 -41.66
CA LEU B 51 34.96 -0.79 -40.64
C LEU B 51 33.96 0.34 -40.37
N LYS B 52 32.69 0.07 -40.63
CA LYS B 52 31.62 1.03 -40.40
C LYS B 52 30.78 0.61 -39.19
N LEU B 53 30.55 1.54 -38.27
CA LEU B 53 29.82 1.23 -37.05
C LEU B 53 28.34 1.57 -37.19
N VAL B 54 27.53 1.11 -36.23
CA VAL B 54 26.08 1.24 -36.32
C VAL B 54 25.59 2.68 -36.25
N TRP B 55 26.38 3.56 -35.66
CA TRP B 55 26.02 4.98 -35.59
C TRP B 55 27.05 5.83 -36.30
N ASP B 56 26.91 7.15 -36.17
CA ASP B 56 27.83 8.10 -36.79
C ASP B 56 29.27 7.86 -36.35
N GLU B 57 30.21 8.49 -37.04
CA GLU B 57 31.61 8.39 -36.65
C GLU B 57 31.86 9.10 -35.32
N GLY B 58 31.39 10.34 -35.23
CA GLY B 58 31.63 11.16 -34.06
C GLY B 58 30.55 11.02 -33.00
N SER B 59 29.72 10.00 -33.10
CA SER B 59 28.67 9.76 -32.11
C SER B 59 29.29 9.42 -30.77
N SER B 60 28.84 10.11 -29.73
CA SER B 60 29.36 9.89 -28.38
C SER B 60 28.74 8.65 -27.74
N ASN B 61 27.85 8.00 -28.47
CA ASN B 61 27.16 6.81 -27.97
C ASN B 61 28.09 5.72 -27.49
N TYR B 62 29.15 5.45 -28.26
CA TYR B 62 30.06 4.35 -27.92
C TYR B 62 30.79 4.62 -26.62
N LYS B 63 31.27 5.84 -26.46
CA LYS B 63 32.04 6.21 -25.28
C LYS B 63 31.14 6.25 -24.05
N GLN B 64 29.91 6.72 -24.22
CA GLN B 64 28.94 6.79 -23.13
C GLN B 64 28.55 5.39 -22.64
N LEU B 65 28.34 4.48 -23.59
CA LEU B 65 27.98 3.11 -23.25
C LEU B 65 29.14 2.39 -22.57
N THR B 66 30.34 2.61 -23.07
CA THR B 66 31.55 2.02 -22.50
C THR B 66 31.78 2.53 -21.08
N ASN B 67 31.51 3.81 -20.89
CA ASN B 67 31.65 4.42 -19.57
C ASN B 67 30.68 3.82 -18.57
N MSE B 68 29.45 3.57 -19.01
CA MSE B 68 28.44 2.91 -18.20
C MSE B 68 28.92 1.57 -17.68
O MSE B 68 28.88 1.30 -16.47
CB MSE B 68 27.15 2.72 -18.99
CG MSE B 68 26.37 3.99 -19.27
SE MSE B 68 25.44 4.65 -17.69
CE MSE B 68 26.77 5.92 -17.03
N ALA B 69 29.38 0.72 -18.59
CA ALA B 69 29.83 -0.62 -18.24
C ALA B 69 31.04 -0.57 -17.29
N HIS B 70 31.93 0.39 -17.55
CA HIS B 70 33.09 0.60 -16.68
C HIS B 70 32.66 1.04 -15.29
N GLY B 71 31.65 1.90 -15.22
CA GLY B 71 31.12 2.37 -13.95
C GLY B 71 30.53 1.25 -13.12
N LEU B 72 30.03 0.22 -13.80
CA LEU B 72 29.49 -0.96 -13.13
C LEU B 72 30.58 -2.00 -12.90
N GLY B 73 31.79 -1.71 -13.35
CA GLY B 73 32.93 -2.56 -13.06
C GLY B 73 33.26 -3.61 -14.10
N MSE B 74 32.62 -3.52 -15.26
CA MSE B 74 32.84 -4.49 -16.32
C MSE B 74 33.77 -3.95 -17.39
O MSE B 74 33.96 -2.74 -17.51
CB MSE B 74 31.51 -4.91 -16.96
CG MSE B 74 30.54 -5.55 -15.99
SE MSE B 74 28.79 -5.69 -16.83
CE MSE B 74 27.78 -6.49 -15.39
N LYS B 75 34.37 -4.85 -18.16
CA LYS B 75 35.22 -4.46 -19.27
C LYS B 75 34.47 -4.66 -20.59
N VAL B 76 34.82 -3.87 -21.60
CA VAL B 76 34.05 -3.81 -22.83
C VAL B 76 34.86 -4.32 -24.03
N LEU B 77 34.30 -5.29 -24.73
CA LEU B 77 34.95 -5.89 -25.90
C LEU B 77 34.03 -5.89 -27.11
N PRO B 78 34.05 -4.80 -27.89
CA PRO B 78 33.19 -4.66 -29.08
C PRO B 78 33.25 -5.88 -30.01
N LEU B 79 32.12 -6.23 -30.60
CA LEU B 79 32.03 -7.39 -31.49
C LEU B 79 32.32 -7.02 -32.94
N ILE B 80 33.32 -7.67 -33.53
CA ILE B 80 33.62 -7.49 -34.94
C ILE B 80 33.26 -8.78 -35.69
N ASN B 81 32.05 -8.83 -36.22
CA ASN B 81 31.53 -10.06 -36.81
C ASN B 81 31.35 -9.99 -38.33
N GLY B 82 31.27 -11.16 -38.96
CA GLY B 82 31.11 -11.23 -40.40
C GLY B 82 31.35 -12.63 -40.91
N SER B 83 31.11 -12.83 -42.20
CA SER B 83 31.29 -14.14 -42.84
C SER B 83 31.20 -14.01 -44.35
N GLY B 84 31.28 -15.15 -45.04
CA GLY B 84 31.06 -15.19 -46.46
C GLY B 84 32.14 -14.55 -47.32
N ALA B 85 31.78 -14.25 -48.56
CA ALA B 85 32.71 -13.78 -49.58
C ALA B 85 33.50 -12.54 -49.16
N THR B 86 32.83 -11.62 -48.47
CA THR B 86 33.43 -10.36 -48.07
C THR B 86 34.65 -10.57 -47.18
N LEU B 87 34.54 -11.53 -46.26
CA LEU B 87 35.64 -11.82 -45.36
C LEU B 87 36.76 -12.59 -46.05
N ASN B 88 36.39 -13.47 -46.98
CA ASN B 88 37.37 -14.20 -47.77
C ASN B 88 38.30 -13.26 -48.51
N THR B 89 37.73 -12.25 -49.15
CA THR B 89 38.50 -11.27 -49.89
C THR B 89 39.43 -10.46 -48.98
N LEU B 90 38.88 -10.02 -47.85
CA LEU B 90 39.63 -9.20 -46.89
C LEU B 90 40.84 -9.94 -46.35
N LEU B 91 40.62 -11.12 -45.80
CA LEU B 91 41.68 -11.87 -45.14
C LEU B 91 42.81 -12.25 -46.09
N LYS B 92 42.47 -12.53 -47.35
CA LYS B 92 43.47 -12.95 -48.33
C LYS B 92 44.31 -11.76 -48.81
N SER B 93 43.92 -10.56 -48.41
CA SER B 93 44.65 -9.35 -48.74
C SER B 93 45.35 -8.77 -47.51
N PRO B 94 46.68 -8.85 -47.47
CA PRO B 94 47.45 -8.34 -46.32
C PRO B 94 47.20 -6.86 -46.06
N ALA B 95 46.93 -6.10 -47.12
CA ALA B 95 46.63 -4.68 -46.97
C ALA B 95 45.28 -4.48 -46.29
N ALA B 96 44.31 -5.31 -46.65
CA ALA B 96 42.97 -5.24 -46.08
C ALA B 96 42.99 -5.66 -44.61
N ARG B 97 43.83 -6.63 -44.29
CA ARG B 97 43.99 -7.07 -42.91
C ARG B 97 44.52 -5.94 -42.06
N GLU B 98 45.64 -5.36 -42.50
CA GLU B 98 46.26 -4.24 -41.81
C GLU B 98 45.30 -3.06 -41.68
N LYS B 99 44.49 -2.85 -42.71
CA LYS B 99 43.51 -1.77 -42.72
C LYS B 99 42.46 -1.94 -41.63
N LEU B 100 41.99 -3.18 -41.44
CA LEU B 100 40.96 -3.48 -40.46
C LEU B 100 41.49 -3.42 -39.04
N ILE B 101 42.71 -3.89 -38.83
CA ILE B 101 43.35 -3.81 -37.52
C ILE B 101 43.37 -2.37 -37.03
N GLY B 102 43.87 -1.48 -37.89
CA GLY B 102 43.97 -0.07 -37.56
C GLY B 102 42.64 0.58 -37.18
N GLU B 103 41.56 0.13 -37.82
CA GLU B 103 40.25 0.69 -37.53
C GLU B 103 39.72 0.17 -36.20
N ILE B 104 40.10 -1.05 -35.85
CA ILE B 104 39.82 -1.60 -34.53
C ILE B 104 40.65 -0.85 -33.49
N VAL B 105 41.87 -0.49 -33.88
CA VAL B 105 42.78 0.26 -33.03
C VAL B 105 42.18 1.61 -32.63
N VAL B 106 41.76 2.40 -33.62
CA VAL B 106 41.17 3.70 -33.35
C VAL B 106 39.83 3.54 -32.65
N LEU B 107 39.18 2.39 -32.85
CA LEU B 107 37.94 2.10 -32.15
C LEU B 107 38.21 1.95 -30.66
N LEU B 108 39.25 1.20 -30.32
CA LEU B 108 39.64 1.03 -28.92
C LEU B 108 40.16 2.35 -28.34
N LYS B 109 40.69 3.21 -29.20
CA LYS B 109 41.16 4.52 -28.78
C LYS B 109 40.00 5.46 -28.45
N ASN B 110 39.11 5.66 -29.42
CA ASN B 110 37.98 6.58 -29.27
C ASN B 110 36.81 5.99 -28.50
N THR B 111 37.10 5.11 -27.54
CA THR B 111 36.07 4.41 -26.80
C THR B 111 36.59 4.03 -25.41
N ASN B 112 37.90 3.84 -25.33
CA ASN B 112 38.56 3.35 -24.14
C ASN B 112 38.05 1.95 -23.78
N ALA B 113 37.68 1.19 -24.80
CA ALA B 113 37.29 -0.21 -24.62
C ALA B 113 38.51 -1.01 -24.17
N ASP B 114 38.26 -2.23 -23.69
CA ASP B 114 39.30 -3.02 -23.04
C ASP B 114 39.80 -4.14 -23.94
N GLY B 115 39.34 -4.17 -25.18
CA GLY B 115 39.73 -5.20 -26.12
C GLY B 115 38.67 -5.44 -27.18
N VAL B 116 38.65 -6.62 -27.75
CA VAL B 116 37.75 -6.91 -28.85
C VAL B 116 37.48 -8.41 -29.00
N VAL B 117 36.28 -8.75 -29.43
CA VAL B 117 35.96 -10.12 -29.79
C VAL B 117 35.84 -10.24 -31.31
N ILE B 118 36.60 -11.16 -31.88
CA ILE B 118 36.53 -11.41 -33.32
C ILE B 118 35.58 -12.55 -33.61
N ASP B 119 34.58 -12.28 -34.45
CA ASP B 119 33.56 -13.28 -34.76
C ASP B 119 33.43 -13.50 -36.25
N PHE B 120 34.45 -14.12 -36.83
CA PHE B 120 34.44 -14.47 -38.24
C PHE B 120 33.85 -15.87 -38.40
N GLU B 121 32.63 -15.96 -38.91
CA GLU B 121 31.91 -17.23 -38.97
C GLU B 121 31.92 -17.84 -40.37
N THR B 122 31.44 -19.08 -40.45
CA THR B 122 31.24 -19.75 -41.72
C THR B 122 30.00 -19.19 -42.40
N PRO B 123 29.92 -19.29 -43.75
CA PRO B 123 30.87 -19.92 -44.68
C PRO B 123 32.19 -19.16 -44.86
N LEU B 124 33.29 -19.86 -44.67
CA LEU B 124 34.62 -19.34 -44.97
C LEU B 124 35.30 -20.24 -45.99
N ASP B 125 36.22 -19.68 -46.76
CA ASP B 125 36.87 -20.40 -47.84
C ASP B 125 37.73 -21.55 -47.32
N TYR B 126 37.35 -22.79 -47.64
CA TYR B 126 38.15 -23.94 -47.27
C TYR B 126 38.90 -24.50 -48.47
N GLY B 127 38.54 -24.04 -49.66
CA GLY B 127 39.21 -24.48 -50.88
C GLY B 127 38.92 -25.93 -51.20
N ASP B 128 39.97 -26.73 -51.42
CA ASP B 128 39.80 -28.14 -51.74
C ASP B 128 39.22 -28.88 -50.53
N VAL B 129 38.49 -29.95 -50.80
CA VAL B 129 37.85 -30.70 -49.72
C VAL B 129 38.86 -31.53 -48.94
N LYS B 130 39.79 -32.16 -49.65
CA LYS B 130 40.75 -33.06 -49.02
C LYS B 130 41.98 -32.35 -48.48
N ASP B 131 42.34 -31.21 -49.07
CA ASP B 131 43.45 -30.40 -48.58
C ASP B 131 43.02 -29.67 -47.30
N PRO B 132 43.65 -29.99 -46.17
CA PRO B 132 43.25 -29.38 -44.90
C PRO B 132 43.80 -27.96 -44.69
N TYR B 133 44.88 -27.61 -45.36
CA TYR B 133 45.59 -26.37 -45.06
C TYR B 133 45.39 -25.26 -46.09
N ASP B 134 44.76 -25.57 -47.22
CA ASP B 134 44.51 -24.56 -48.23
C ASP B 134 43.33 -23.69 -47.83
N GLY B 135 43.09 -22.64 -48.61
CA GLY B 135 41.98 -21.74 -48.33
C GLY B 135 42.38 -20.54 -47.48
N VAL B 136 41.40 -19.94 -46.83
CA VAL B 136 41.61 -18.73 -46.06
C VAL B 136 42.22 -19.03 -44.68
N ARG B 137 42.40 -20.31 -44.39
CA ARG B 137 42.91 -20.77 -43.09
C ARG B 137 44.15 -20.02 -42.60
N ASN B 138 45.22 -20.03 -43.39
CA ASN B 138 46.47 -19.40 -42.98
C ASN B 138 46.37 -17.88 -42.91
N ASP B 139 45.49 -17.30 -43.71
CA ASP B 139 45.28 -15.85 -43.71
C ASP B 139 44.51 -15.41 -42.47
N LEU B 140 43.54 -16.22 -42.06
CA LEU B 140 42.78 -15.95 -40.85
C LEU B 140 43.68 -16.01 -39.62
N THR B 141 44.59 -16.98 -39.62
CA THR B 141 45.59 -17.11 -38.56
C THR B 141 46.52 -15.91 -38.54
N ALA B 142 46.99 -15.51 -39.72
CA ALA B 142 47.87 -14.35 -39.84
C ALA B 142 47.17 -13.07 -39.36
N PHE B 143 45.87 -12.99 -39.57
CA PHE B 143 45.10 -11.83 -39.12
C PHE B 143 45.05 -11.76 -37.60
N MSE B 144 44.86 -12.92 -36.95
CA MSE B 144 44.76 -12.97 -35.51
C MSE B 144 46.10 -12.72 -34.83
O MSE B 144 46.15 -12.15 -33.74
CB MSE B 144 44.19 -14.31 -35.05
CG MSE B 144 42.75 -14.56 -35.49
SE MSE B 144 41.53 -13.16 -34.91
CE MSE B 144 41.84 -13.23 -32.99
N GLU B 145 47.18 -13.13 -35.49
CA GLU B 145 48.52 -12.94 -34.93
C GLU B 145 48.95 -11.48 -35.04
N SER B 146 48.53 -10.80 -36.10
CA SER B 146 48.79 -9.38 -36.25
C SER B 146 47.97 -8.58 -35.25
N LEU B 147 46.72 -8.99 -35.07
CA LEU B 147 45.83 -8.33 -34.12
C LEU B 147 46.31 -8.53 -32.69
N HIS B 148 46.68 -9.76 -32.36
CA HIS B 148 47.15 -10.09 -31.01
C HIS B 148 48.38 -9.28 -30.65
N SER B 149 49.34 -9.24 -31.56
CA SER B 149 50.58 -8.49 -31.35
C SER B 149 50.30 -7.01 -31.12
N GLU B 150 49.37 -6.46 -31.89
CA GLU B 150 49.03 -5.05 -31.81
C GLU B 150 48.36 -4.70 -30.49
N LEU B 151 47.39 -5.52 -30.08
CA LEU B 151 46.60 -5.23 -28.88
C LEU B 151 47.34 -5.60 -27.59
N GLN B 152 48.33 -6.49 -27.71
CA GLN B 152 49.17 -6.83 -26.57
C GLN B 152 49.96 -5.61 -26.10
N SER B 153 50.40 -4.79 -27.06
CA SER B 153 51.21 -3.62 -26.76
C SER B 153 50.38 -2.47 -26.21
N MSE B 154 49.06 -2.61 -26.26
CA MSE B 154 48.16 -1.60 -25.71
C MSE B 154 47.57 -2.05 -24.37
O MSE B 154 46.77 -1.34 -23.77
CB MSE B 154 47.02 -1.30 -26.67
CG MSE B 154 47.45 -0.93 -28.06
SE MSE B 154 45.92 -0.78 -29.26
CE MSE B 154 46.92 -0.32 -30.87
N ASN B 155 47.96 -3.24 -23.94
CA ASN B 155 47.35 -3.90 -22.79
C ASN B 155 45.84 -4.05 -23.02
N LYS B 156 45.48 -4.54 -24.20
CA LYS B 156 44.09 -4.80 -24.54
C LYS B 156 43.88 -6.30 -24.76
N LEU B 157 42.65 -6.76 -24.52
CA LEU B 157 42.33 -8.18 -24.63
C LEU B 157 41.94 -8.58 -26.05
N VAL B 158 42.16 -9.85 -26.38
CA VAL B 158 41.69 -10.40 -27.64
C VAL B 158 40.96 -11.71 -27.41
N VAL B 159 39.67 -11.72 -27.71
CA VAL B 159 38.86 -12.93 -27.63
C VAL B 159 38.40 -13.32 -29.03
N MSE B 160 38.46 -14.60 -29.36
CA MSE B 160 37.95 -15.04 -30.65
C MSE B 160 36.82 -16.05 -30.50
O MSE B 160 36.94 -17.03 -29.78
CB MSE B 160 39.07 -15.63 -31.50
CG MSE B 160 38.66 -15.89 -32.94
SE MSE B 160 40.05 -16.81 -33.96
CE MSE B 160 39.20 -16.78 -35.72
N ALA B 161 35.73 -15.78 -31.20
CA ALA B 161 34.61 -16.71 -31.26
C ALA B 161 34.73 -17.54 -32.53
N VAL B 162 34.63 -18.86 -32.38
CA VAL B 162 34.82 -19.75 -33.51
C VAL B 162 33.73 -20.81 -33.58
N MSE B 163 33.54 -21.37 -34.78
CA MSE B 163 32.51 -22.38 -34.99
C MSE B 163 32.81 -23.66 -34.22
O MSE B 163 33.96 -24.07 -34.10
CB MSE B 163 32.39 -22.68 -36.49
CG MSE B 163 31.94 -21.50 -37.33
SE MSE B 163 30.12 -20.95 -36.99
CE MSE B 163 30.41 -19.64 -35.57
N PRO B 164 31.76 -24.30 -33.69
CA PRO B 164 31.93 -25.56 -32.97
C PRO B 164 32.22 -26.72 -33.91
N ARG B 165 33.40 -27.32 -33.78
CA ARG B 165 33.74 -28.46 -34.62
C ARG B 165 33.70 -29.74 -33.80
N MSE B 166 33.31 -30.83 -34.45
CA MSE B 166 33.00 -32.07 -33.76
C MSE B 166 33.94 -33.21 -34.18
O MSE B 166 34.36 -34.01 -33.36
CB MSE B 166 31.55 -32.46 -34.02
CG MSE B 166 30.95 -33.40 -33.02
SE MSE B 166 29.39 -34.25 -33.79
CE MSE B 166 28.49 -32.67 -34.48
N SER B 167 34.25 -33.27 -35.48
CA SER B 167 35.14 -34.31 -35.99
C SER B 167 35.95 -33.84 -37.19
N SER B 168 36.93 -34.66 -37.56
CA SER B 168 37.81 -34.37 -38.70
C SER B 168 37.05 -34.29 -40.01
N SER B 169 35.92 -34.98 -40.07
CA SER B 169 35.15 -35.11 -41.30
C SER B 169 34.51 -33.80 -41.74
N GLN B 170 34.39 -32.86 -40.80
CA GLN B 170 33.74 -31.58 -41.11
C GLN B 170 34.70 -30.62 -41.78
N TYR B 171 34.97 -30.88 -43.06
CA TYR B 171 36.01 -30.17 -43.81
C TYR B 171 35.69 -28.69 -44.04
N TRP B 172 34.40 -28.34 -44.05
CA TRP B 172 34.00 -26.96 -44.32
C TRP B 172 34.37 -26.02 -43.17
N LEU B 173 34.95 -26.56 -42.11
CA LEU B 173 35.38 -25.79 -40.96
C LEU B 173 36.91 -25.74 -40.85
N ASP B 174 37.59 -26.01 -41.95
CA ASP B 174 39.05 -26.08 -41.95
C ASP B 174 39.70 -24.71 -41.96
N ALA B 175 38.88 -23.67 -42.09
CA ALA B 175 39.39 -22.30 -42.03
C ALA B 175 39.91 -22.00 -40.63
N TYR B 176 39.38 -22.72 -39.65
CA TYR B 176 39.76 -22.53 -38.25
C TYR B 176 40.90 -23.44 -37.83
N ASP B 177 42.11 -22.89 -37.83
CA ASP B 177 43.25 -23.57 -37.23
C ASP B 177 43.21 -23.32 -35.73
N TYR B 178 42.45 -24.13 -35.01
CA TYR B 178 42.20 -23.91 -33.58
C TYR B 178 43.48 -23.87 -32.77
N GLU B 179 44.44 -24.69 -33.16
CA GLU B 179 45.75 -24.73 -32.49
C GLU B 179 46.42 -23.37 -32.53
N ALA B 180 46.69 -22.88 -33.74
CA ALA B 180 47.39 -21.62 -33.91
C ALA B 180 46.59 -20.44 -33.34
N LEU B 181 45.28 -20.50 -33.55
CA LEU B 181 44.38 -19.43 -33.12
C LEU B 181 44.35 -19.27 -31.60
N SER B 182 44.36 -20.39 -30.89
CA SER B 182 44.32 -20.36 -29.43
C SER B 182 45.54 -19.66 -28.85
N HIS B 183 46.65 -19.68 -29.58
CA HIS B 183 47.87 -19.03 -29.15
C HIS B 183 47.83 -17.52 -29.43
N ALA B 184 46.98 -17.13 -30.37
CA ALA B 184 46.89 -15.73 -30.77
C ALA B 184 45.74 -15.00 -30.08
N VAL B 185 45.16 -15.62 -29.05
CA VAL B 185 44.09 -15.00 -28.29
C VAL B 185 44.30 -15.13 -26.79
N ASP B 186 43.56 -14.34 -26.03
CA ASP B 186 43.54 -14.47 -24.58
C ASP B 186 42.51 -15.52 -24.20
N TYR B 187 41.37 -15.49 -24.90
CA TYR B 187 40.34 -16.50 -24.72
C TYR B 187 39.78 -16.96 -26.06
N LEU B 188 39.48 -18.24 -26.15
CA LEU B 188 38.88 -18.81 -27.34
C LEU B 188 37.44 -19.21 -27.05
N HIS B 189 36.50 -18.48 -27.64
CA HIS B 189 35.09 -18.75 -27.40
C HIS B 189 34.51 -19.71 -28.43
N VAL B 190 34.42 -20.99 -28.06
CA VAL B 190 33.82 -21.98 -28.94
C VAL B 190 32.30 -21.95 -28.82
N MSE B 191 31.64 -21.50 -29.87
CA MSE B 191 30.20 -21.25 -29.83
C MSE B 191 29.38 -22.54 -29.86
O MSE B 191 28.74 -22.85 -30.86
CB MSE B 191 29.79 -20.35 -30.98
CG MSE B 191 30.09 -18.87 -30.74
SE MSE B 191 29.98 -17.81 -32.36
CE MSE B 191 29.65 -16.07 -31.55
N THR B 192 29.38 -23.27 -28.75
CA THR B 192 28.67 -24.53 -28.66
C THR B 192 27.17 -24.32 -28.50
N TYR B 193 26.55 -23.77 -29.54
CA TYR B 193 25.09 -23.73 -29.65
C TYR B 193 24.67 -23.74 -31.11
N ASP B 194 23.37 -23.57 -31.35
CA ASP B 194 22.78 -23.68 -32.69
C ASP B 194 23.00 -25.06 -33.28
N HIS B 195 22.94 -26.09 -32.44
CA HIS B 195 23.01 -27.46 -32.94
C HIS B 195 21.75 -27.73 -33.76
N HIS B 196 20.67 -27.06 -33.41
CA HIS B 196 19.48 -26.99 -34.27
C HIS B 196 19.20 -25.52 -34.57
N TYR B 197 19.20 -25.17 -35.84
CA TYR B 197 19.09 -23.77 -36.24
C TYR B 197 17.68 -23.42 -36.74
N ARG B 198 17.52 -22.20 -37.22
CA ARG B 198 16.20 -21.67 -37.58
C ARG B 198 15.47 -22.51 -38.63
N THR B 199 16.18 -22.94 -39.66
CA THR B 199 15.54 -23.63 -40.78
C THR B 199 15.69 -25.14 -40.72
N SER B 200 16.32 -25.65 -39.67
CA SER B 200 16.48 -27.09 -39.50
C SER B 200 15.31 -27.69 -38.74
N ALA B 201 15.22 -29.01 -38.77
CA ALA B 201 14.22 -29.73 -38.00
C ALA B 201 14.36 -29.40 -36.51
N PRO B 202 13.23 -29.42 -35.78
CA PRO B 202 13.19 -29.11 -34.35
C PRO B 202 14.13 -29.99 -33.53
N GLY B 203 14.82 -29.40 -32.55
CA GLY B 203 15.73 -30.14 -31.70
C GLY B 203 16.43 -29.22 -30.71
N PRO B 204 17.22 -29.81 -29.80
CA PRO B 204 17.91 -29.02 -28.77
C PRO B 204 18.94 -28.07 -29.38
N ILE B 205 18.91 -26.81 -28.98
CA ILE B 205 19.84 -25.83 -29.51
C ILE B 205 21.28 -26.20 -29.13
N ALA B 206 21.46 -26.75 -27.94
CA ALA B 206 22.79 -27.12 -27.46
C ALA B 206 22.73 -28.28 -26.46
N PRO B 207 22.61 -29.51 -26.97
CA PRO B 207 22.53 -30.72 -26.13
C PRO B 207 23.81 -30.93 -25.31
N TYR B 208 23.64 -31.34 -24.05
CA TYR B 208 24.78 -31.56 -23.16
C TYR B 208 25.85 -32.49 -23.75
N PRO B 209 25.46 -33.68 -24.27
CA PRO B 209 26.52 -34.55 -24.79
C PRO B 209 27.24 -33.97 -26.00
N TRP B 210 26.54 -33.16 -26.79
CA TRP B 210 27.12 -32.57 -27.99
C TRP B 210 28.18 -31.52 -27.63
N ILE B 211 27.92 -30.72 -26.61
CA ILE B 211 28.86 -29.71 -26.15
C ILE B 211 30.18 -30.38 -25.76
N LYS B 212 30.07 -31.48 -25.03
CA LYS B 212 31.26 -32.24 -24.63
C LYS B 212 32.00 -32.81 -25.84
N GLN B 213 31.24 -33.22 -26.86
CA GLN B 213 31.83 -33.77 -28.07
C GLN B 213 32.63 -32.73 -28.83
N VAL B 214 32.12 -31.51 -28.88
CA VAL B 214 32.81 -30.40 -29.53
C VAL B 214 34.11 -30.07 -28.79
N LEU B 215 34.03 -30.01 -27.47
CA LEU B 215 35.19 -29.66 -26.66
C LEU B 215 36.24 -30.76 -26.66
N THR B 216 35.80 -32.01 -26.73
CA THR B 216 36.72 -33.14 -26.80
C THR B 216 37.54 -33.04 -28.09
N TYR B 217 36.90 -32.61 -29.17
CA TYR B 217 37.61 -32.37 -30.42
C TYR B 217 38.62 -31.25 -30.28
N ILE B 218 38.16 -30.11 -29.76
CA ILE B 218 39.00 -28.93 -29.58
C ILE B 218 40.24 -29.26 -28.75
N GLN B 219 40.04 -30.04 -27.69
CA GLN B 219 41.15 -30.47 -26.83
C GLN B 219 42.14 -31.33 -27.60
N GLY B 220 41.60 -32.18 -28.47
CA GLY B 220 42.43 -33.08 -29.27
C GLY B 220 43.22 -32.37 -30.35
N GLN B 221 42.94 -31.09 -30.55
CA GLN B 221 43.68 -30.28 -31.52
C GLN B 221 44.87 -29.61 -30.86
N GLY B 222 45.02 -29.81 -29.55
CA GLY B 222 46.12 -29.24 -28.80
C GLY B 222 45.81 -27.89 -28.18
N VAL B 223 44.52 -27.54 -28.13
CA VAL B 223 44.11 -26.26 -27.57
C VAL B 223 44.14 -26.28 -26.04
N ASP B 224 44.73 -25.24 -25.46
CA ASP B 224 44.73 -25.06 -24.01
C ASP B 224 43.30 -24.78 -23.51
N MSE B 225 42.69 -25.77 -22.87
CA MSE B 225 41.31 -25.64 -22.42
C MSE B 225 41.16 -24.62 -21.30
O MSE B 225 40.05 -24.22 -20.95
CB MSE B 225 40.77 -27.00 -21.95
CG MSE B 225 40.88 -28.10 -23.01
SE MSE B 225 40.11 -27.61 -24.74
CE MSE B 225 38.22 -27.67 -24.27
N SER B 226 42.29 -24.18 -20.75
CA SER B 226 42.30 -23.12 -19.75
C SER B 226 41.95 -21.77 -20.37
N LYS B 227 42.05 -21.69 -21.69
CA LYS B 227 41.76 -20.45 -22.41
C LYS B 227 40.45 -20.55 -23.19
N VAL B 228 39.68 -21.60 -22.94
CA VAL B 228 38.47 -21.85 -23.71
C VAL B 228 37.20 -21.42 -22.97
N LEU B 229 36.39 -20.62 -23.65
CA LEU B 229 35.04 -20.30 -23.18
C LEU B 229 34.03 -21.14 -23.94
N MSE B 230 33.18 -21.87 -23.22
CA MSE B 230 32.12 -22.63 -23.87
C MSE B 230 30.95 -21.71 -24.20
O MSE B 230 30.99 -20.51 -23.93
CB MSE B 230 31.65 -23.78 -22.99
CG MSE B 230 31.04 -23.35 -21.67
SE MSE B 230 30.01 -24.81 -20.87
CE MSE B 230 28.64 -25.00 -22.23
N GLY B 231 29.91 -22.27 -24.79
CA GLY B 231 28.76 -21.48 -25.17
C GLY B 231 27.45 -22.13 -24.77
N ILE B 232 26.47 -21.30 -24.38
CA ILE B 232 25.11 -21.75 -24.18
C ILE B 232 24.15 -20.74 -24.77
N PRO B 233 23.01 -21.20 -25.28
CA PRO B 233 21.97 -20.27 -25.72
C PRO B 233 21.11 -19.80 -24.56
N TYR B 234 20.72 -18.54 -24.57
CA TYR B 234 19.71 -18.04 -23.64
C TYR B 234 18.34 -18.21 -24.28
N TYR B 235 18.34 -18.47 -25.59
CA TYR B 235 17.12 -18.46 -26.39
C TYR B 235 16.61 -19.86 -26.73
N GLY B 236 15.31 -19.96 -26.96
CA GLY B 236 14.71 -21.18 -27.45
C GLY B 236 14.16 -20.95 -28.85
N ARG B 237 13.56 -21.97 -29.44
CA ARG B 237 12.98 -21.82 -30.78
C ARG B 237 11.62 -22.50 -30.90
N ASP B 238 10.79 -21.97 -31.78
CA ASP B 238 9.45 -22.47 -32.02
C ASP B 238 9.34 -22.83 -33.50
N TRP B 239 9.52 -24.12 -33.81
CA TRP B 239 9.54 -24.57 -35.20
C TRP B 239 8.16 -24.89 -35.77
N VAL B 240 8.00 -24.62 -37.06
CA VAL B 240 6.83 -25.07 -37.82
C VAL B 240 7.28 -25.51 -39.21
N VAL B 241 6.51 -26.42 -39.81
CA VAL B 241 6.75 -26.79 -41.21
C VAL B 241 6.20 -25.69 -42.10
N ASP B 242 7.05 -25.17 -42.98
CA ASP B 242 6.63 -24.04 -43.82
C ASP B 242 6.66 -24.36 -45.31
N GLY B 243 6.72 -25.64 -45.64
CA GLY B 243 6.74 -26.05 -47.03
C GLY B 243 7.46 -27.37 -47.27
N LYS B 244 7.85 -27.61 -48.52
CA LYS B 244 8.50 -28.87 -48.89
C LYS B 244 9.79 -28.67 -49.68
N ASP B 245 10.68 -29.65 -49.55
CA ASP B 245 11.92 -29.69 -50.31
C ASP B 245 11.64 -29.97 -51.78
N ALA B 246 12.66 -29.86 -52.62
CA ALA B 246 12.54 -30.22 -54.03
C ALA B 246 12.33 -31.72 -54.19
N ASN B 247 12.69 -32.46 -53.15
CA ASN B 247 12.50 -33.91 -53.13
C ASN B 247 11.29 -34.32 -52.30
N GLY B 248 10.51 -33.33 -51.88
CA GLY B 248 9.28 -33.58 -51.15
C GLY B 248 9.45 -33.65 -49.64
N ASN B 249 10.65 -33.31 -49.16
CA ASN B 249 10.91 -33.34 -47.72
C ASN B 249 10.43 -32.09 -47.01
N PRO B 250 9.90 -32.25 -45.78
CA PRO B 250 9.42 -31.11 -44.99
C PRO B 250 10.51 -30.10 -44.72
N THR B 251 10.24 -28.83 -45.04
CA THR B 251 11.15 -27.75 -44.68
C THR B 251 10.60 -27.00 -43.48
N TYR B 252 11.50 -26.42 -42.68
CA TYR B 252 11.10 -25.80 -41.43
C TYR B 252 11.45 -24.33 -41.37
N ASN B 253 10.76 -23.62 -40.48
CA ASN B 253 11.14 -22.28 -40.08
C ASN B 253 10.76 -22.09 -38.62
N SER B 254 11.33 -21.08 -37.98
CA SER B 254 11.10 -20.88 -36.55
C SER B 254 11.44 -19.46 -36.10
N THR B 255 10.85 -19.07 -34.98
CA THR B 255 11.21 -17.82 -34.32
C THR B 255 11.90 -18.13 -33.00
N ALA B 256 12.65 -17.18 -32.48
CA ALA B 256 13.39 -17.38 -31.23
C ALA B 256 12.85 -16.51 -30.12
N PHE B 257 12.89 -17.02 -28.89
CA PHE B 257 12.48 -16.25 -27.73
C PHE B 257 13.22 -16.69 -26.47
N GLY B 258 13.01 -15.94 -25.38
CA GLY B 258 13.67 -16.22 -24.12
C GLY B 258 12.93 -17.23 -23.26
N TYR B 259 13.54 -17.58 -22.13
CA TYR B 259 13.00 -18.58 -21.21
C TYR B 259 11.60 -18.20 -20.69
N SER B 260 11.40 -16.93 -20.39
CA SER B 260 10.11 -16.46 -19.89
C SER B 260 8.99 -16.64 -20.91
N LYS B 261 9.27 -16.28 -22.16
CA LYS B 261 8.28 -16.43 -23.23
C LYS B 261 7.92 -17.90 -23.46
N ALA B 262 8.93 -18.77 -23.35
CA ALA B 262 8.72 -20.21 -23.53
C ALA B 262 7.72 -20.74 -22.51
N LEU B 263 7.87 -20.31 -21.26
CA LEU B 263 6.96 -20.74 -20.20
C LEU B 263 5.54 -20.22 -20.43
N GLU B 264 5.43 -18.95 -20.82
CA GLU B 264 4.15 -18.34 -21.12
C GLU B 264 3.44 -19.11 -22.22
N LEU B 265 4.19 -19.45 -23.27
CA LEU B 265 3.66 -20.17 -24.41
C LEU B 265 3.10 -21.53 -23.99
N ALA B 266 3.87 -22.25 -23.17
CA ALA B 266 3.46 -23.57 -22.70
C ALA B 266 2.25 -23.47 -21.78
N ASP B 267 2.22 -22.42 -20.96
CA ASP B 267 1.12 -22.20 -20.03
C ASP B 267 -0.17 -21.86 -20.77
N SER B 268 -0.04 -21.12 -21.86
CA SER B 268 -1.20 -20.69 -22.64
C SER B 268 -1.95 -21.86 -23.25
N TYR B 269 -1.22 -22.72 -23.95
CA TYR B 269 -1.82 -23.86 -24.63
C TYR B 269 -1.93 -25.06 -23.71
N GLY B 270 -1.52 -24.89 -22.45
CA GLY B 270 -1.59 -25.95 -21.46
C GLY B 270 -0.69 -27.11 -21.81
N ALA B 271 0.36 -26.84 -22.57
CA ALA B 271 1.32 -27.87 -22.96
C ALA B 271 2.20 -28.27 -21.79
N THR B 272 2.44 -29.57 -21.65
CA THR B 272 3.30 -30.08 -20.58
C THR B 272 4.75 -30.11 -21.03
N ILE B 273 5.60 -29.39 -20.31
CA ILE B 273 7.02 -29.33 -20.63
C ILE B 273 7.71 -30.62 -20.20
N THR B 274 8.52 -31.18 -21.10
CA THR B 274 9.25 -32.41 -20.85
C THR B 274 10.73 -32.18 -21.14
N TYR B 275 11.60 -33.00 -20.55
CA TYR B 275 13.03 -32.92 -20.82
C TYR B 275 13.45 -33.97 -21.83
N SER B 276 13.82 -33.53 -23.03
CA SER B 276 14.29 -34.41 -24.08
C SER B 276 15.74 -34.84 -23.83
N LYS B 277 15.98 -36.14 -23.83
CA LYS B 277 17.33 -36.65 -23.66
C LYS B 277 17.98 -36.92 -25.01
N TYR B 278 19.10 -36.23 -25.27
CA TYR B 278 19.82 -36.37 -26.53
C TYR B 278 20.31 -37.80 -26.74
N ASN B 279 20.78 -38.43 -25.66
CA ASN B 279 21.09 -39.85 -25.64
C ASN B 279 21.25 -40.33 -24.20
N ASP B 280 21.72 -41.57 -24.04
CA ASP B 280 21.84 -42.18 -22.72
C ASP B 280 22.84 -41.47 -21.81
N ALA B 281 23.66 -40.59 -22.40
CA ALA B 281 24.62 -39.81 -21.62
C ALA B 281 24.14 -38.38 -21.44
N ASP B 282 22.82 -38.21 -21.40
CA ASP B 282 22.21 -36.92 -21.19
C ASP B 282 21.25 -37.01 -20.02
N PRO B 283 21.78 -36.86 -18.80
CA PRO B 283 21.02 -37.07 -17.55
C PRO B 283 19.86 -36.09 -17.39
N VAL B 284 20.14 -34.80 -17.56
CA VAL B 284 19.14 -33.76 -17.36
C VAL B 284 18.32 -33.50 -18.62
N GLY B 285 19.02 -33.28 -19.74
CA GLY B 285 18.36 -33.02 -21.01
C GLY B 285 17.96 -31.57 -21.16
N THR B 286 17.19 -31.28 -22.21
CA THR B 286 16.70 -29.92 -22.45
C THR B 286 15.17 -29.91 -22.52
N PRO B 287 14.54 -28.88 -21.93
CA PRO B 287 13.08 -28.77 -21.89
C PRO B 287 12.45 -28.55 -23.26
N THR B 288 11.33 -29.22 -23.51
CA THR B 288 10.64 -29.13 -24.79
C THR B 288 9.14 -29.31 -24.59
N PHE B 289 8.35 -28.79 -25.54
CA PHE B 289 6.91 -29.04 -25.57
C PHE B 289 6.34 -28.87 -26.96
N LYS B 290 5.14 -29.41 -27.16
CA LYS B 290 4.43 -29.28 -28.44
C LYS B 290 3.08 -28.63 -28.21
N TYR B 291 2.57 -27.93 -29.23
CA TYR B 291 1.24 -27.33 -29.15
C TYR B 291 0.68 -27.02 -30.53
N THR B 292 -0.64 -26.89 -30.60
CA THR B 292 -1.33 -26.54 -31.85
C THR B 292 -2.07 -25.22 -31.67
N ASP B 293 -1.73 -24.22 -32.48
CA ASP B 293 -2.33 -22.90 -32.33
C ASP B 293 -3.77 -22.88 -32.84
N GLU B 294 -4.41 -21.71 -32.71
CA GLU B 294 -5.80 -21.54 -33.11
C GLU B 294 -6.00 -21.76 -34.61
N LYS B 295 -4.93 -21.61 -35.38
CA LYS B 295 -5.00 -21.77 -36.83
C LYS B 295 -4.82 -23.24 -37.24
N GLY B 296 -4.58 -24.10 -36.25
CA GLY B 296 -4.46 -25.52 -36.50
C GLY B 296 -3.05 -25.98 -36.82
N VAL B 297 -2.10 -25.06 -36.75
CA VAL B 297 -0.71 -25.36 -37.09
C VAL B 297 0.02 -26.02 -35.92
N GLU B 298 0.78 -27.07 -36.21
CA GLU B 298 1.52 -27.80 -35.20
C GLU B 298 2.86 -27.13 -34.90
N HIS B 299 3.10 -26.86 -33.63
CA HIS B 299 4.34 -26.24 -33.19
C HIS B 299 5.15 -27.19 -32.31
N THR B 300 6.48 -27.07 -32.39
CA THR B 300 7.37 -27.81 -31.50
C THR B 300 8.44 -26.87 -30.96
N VAL B 301 8.60 -26.85 -29.65
CA VAL B 301 9.48 -25.88 -29.01
C VAL B 301 10.62 -26.54 -28.24
N PHE B 302 11.83 -26.06 -28.45
CA PHE B 302 12.98 -26.45 -27.65
C PHE B 302 13.62 -25.20 -27.03
N PHE B 303 13.88 -25.25 -25.73
CA PHE B 303 14.51 -24.13 -25.05
C PHE B 303 15.37 -24.60 -23.88
N ASP B 304 15.81 -23.65 -23.06
CA ASP B 304 16.64 -23.96 -21.90
C ASP B 304 16.11 -23.30 -20.64
N ASP B 305 16.16 -24.02 -19.52
CA ASP B 305 15.75 -23.46 -18.25
C ASP B 305 16.90 -23.51 -17.25
N TYR B 306 16.60 -23.16 -16.00
CA TYR B 306 17.59 -23.16 -14.95
C TYR B 306 18.21 -24.54 -14.76
N THR B 307 17.39 -25.57 -14.92
CA THR B 307 17.85 -26.94 -14.75
C THR B 307 18.84 -27.35 -15.83
N SER B 308 18.48 -27.11 -17.09
CA SER B 308 19.32 -27.50 -18.22
C SER B 308 20.55 -26.61 -18.32
N TRP B 309 20.40 -25.32 -18.04
CA TRP B 309 21.53 -24.40 -17.97
C TRP B 309 22.53 -24.86 -16.92
N ASN B 310 22.01 -25.27 -15.76
CA ASN B 310 22.82 -25.77 -14.66
C ASN B 310 23.68 -26.96 -15.09
N ALA B 311 23.05 -27.92 -15.76
CA ALA B 311 23.73 -29.13 -16.21
C ALA B 311 24.83 -28.80 -17.23
N LYS B 312 24.56 -27.82 -18.08
CA LYS B 312 25.48 -27.48 -19.16
C LYS B 312 26.66 -26.63 -18.69
N LEU B 313 26.41 -25.76 -17.71
CA LEU B 313 27.50 -24.95 -17.14
C LEU B 313 28.48 -25.80 -16.34
N SER B 314 28.06 -27.01 -15.98
CA SER B 314 28.92 -27.92 -15.22
C SER B 314 30.05 -28.46 -16.09
N ILE B 315 29.89 -28.34 -17.41
CA ILE B 315 30.93 -28.76 -18.36
C ILE B 315 32.21 -27.95 -18.15
N ILE B 316 32.06 -26.72 -17.68
CA ILE B 316 33.20 -25.86 -17.33
C ILE B 316 34.16 -26.59 -16.39
N ASN B 317 33.60 -27.17 -15.33
CA ASN B 317 34.39 -27.91 -14.37
C ASN B 317 34.92 -29.24 -14.91
N GLU B 318 34.15 -29.85 -15.81
CA GLU B 318 34.53 -31.15 -16.36
C GLU B 318 35.72 -31.06 -17.32
N PHE B 319 35.85 -29.93 -18.00
CA PHE B 319 36.95 -29.72 -18.94
C PHE B 319 37.98 -28.72 -18.42
N GLY B 320 37.72 -28.13 -17.26
CA GLY B 320 38.58 -27.09 -16.73
C GLY B 320 38.62 -25.87 -17.64
N LEU B 321 37.44 -25.42 -18.05
CA LEU B 321 37.33 -24.31 -18.98
C LEU B 321 37.60 -22.97 -18.30
N ALA B 322 37.87 -21.95 -19.12
CA ALA B 322 38.07 -20.59 -18.62
C ALA B 322 36.75 -20.01 -18.11
N GLY B 323 35.67 -20.34 -18.79
CA GLY B 323 34.36 -19.85 -18.42
C GLY B 323 33.33 -20.12 -19.50
N VAL B 324 32.36 -19.21 -19.62
CA VAL B 324 31.26 -19.39 -20.56
C VAL B 324 30.93 -18.08 -21.26
N GLY B 325 30.51 -18.18 -22.51
CA GLY B 325 30.06 -17.01 -23.27
C GLY B 325 28.69 -17.25 -23.88
N PRO B 326 27.63 -16.92 -23.14
CA PRO B 326 26.26 -17.17 -23.62
C PRO B 326 25.80 -16.15 -24.65
N TRP B 327 24.85 -16.56 -25.48
CA TRP B 327 24.22 -15.65 -26.42
C TRP B 327 22.70 -15.70 -26.26
N ALA B 328 22.06 -14.58 -25.94
CA ALA B 328 22.70 -13.31 -25.61
C ALA B 328 21.80 -12.59 -24.61
N MSE B 329 22.24 -11.45 -24.10
CA MSE B 329 21.50 -10.78 -23.02
C MSE B 329 20.14 -10.21 -23.44
O MSE B 329 19.33 -9.85 -22.59
CB MSE B 329 22.34 -9.66 -22.41
CG MSE B 329 23.43 -10.18 -21.46
SE MSE B 329 24.27 -8.75 -20.46
CE MSE B 329 24.94 -7.68 -21.93
N GLY B 330 19.89 -10.13 -24.74
CA GLY B 330 18.61 -9.67 -25.23
C GLY B 330 17.49 -10.64 -24.91
N TRP B 331 17.85 -11.90 -24.70
CA TRP B 331 16.88 -12.95 -24.44
C TRP B 331 16.66 -13.16 -22.95
N VAL B 332 17.13 -12.21 -22.15
CA VAL B 332 16.94 -12.26 -20.70
C VAL B 332 16.10 -11.08 -20.23
N ASP B 333 14.95 -11.35 -19.64
CA ASP B 333 14.13 -10.29 -19.06
C ASP B 333 14.15 -10.38 -17.54
N GLU B 334 13.30 -9.58 -16.89
CA GLU B 334 13.30 -9.46 -15.43
C GLU B 334 13.03 -10.79 -14.73
N ASN B 335 12.10 -11.57 -15.28
CA ASN B 335 11.76 -12.86 -14.67
C ASN B 335 12.87 -13.89 -14.81
N THR B 336 13.45 -13.97 -16.01
CA THR B 336 14.56 -14.89 -16.25
C THR B 336 15.77 -14.49 -15.42
N ALA B 337 16.02 -13.18 -15.32
CA ALA B 337 17.15 -12.64 -14.59
C ALA B 337 17.12 -13.02 -13.10
N GLU B 338 15.93 -13.31 -12.60
CA GLU B 338 15.73 -13.61 -11.19
C GLU B 338 16.52 -14.83 -10.74
N GLY B 339 16.53 -15.85 -11.58
CA GLY B 339 17.23 -17.09 -11.24
C GLY B 339 18.46 -17.34 -12.08
N LEU B 340 18.58 -16.63 -13.20
CA LEU B 340 19.72 -16.83 -14.10
C LEU B 340 21.01 -16.32 -13.51
N PHE B 341 21.00 -15.06 -13.07
CA PHE B 341 22.21 -14.44 -12.55
C PHE B 341 22.76 -15.15 -11.30
N PRO B 342 21.89 -15.54 -10.35
CA PRO B 342 22.44 -16.36 -9.27
C PRO B 342 23.08 -17.66 -9.77
N LEU B 343 22.50 -18.26 -10.81
CA LEU B 343 23.04 -19.47 -11.40
C LEU B 343 24.42 -19.22 -12.01
N LEU B 344 24.56 -18.06 -12.67
CA LEU B 344 25.84 -17.64 -13.21
C LEU B 344 26.88 -17.47 -12.11
N ASN B 345 26.48 -16.89 -10.99
CA ASN B 345 27.37 -16.64 -9.87
C ASN B 345 27.83 -17.94 -9.20
N GLN B 346 26.99 -18.96 -9.23
CA GLN B 346 27.36 -20.25 -8.63
C GLN B 346 28.51 -20.90 -9.38
N HIS B 347 28.40 -20.92 -10.71
CA HIS B 347 29.37 -21.61 -11.55
C HIS B 347 30.64 -20.79 -11.84
N LEU B 348 30.49 -19.47 -11.90
CA LEU B 348 31.59 -18.61 -12.35
C LEU B 348 32.26 -17.87 -11.21
N ARG B 349 31.61 -17.84 -10.06
CA ARG B 349 32.18 -17.22 -8.86
C ARG B 349 32.31 -18.25 -7.74
N ASN C 2 -54.82 0.32 17.82
CA ASN C 2 -55.24 1.18 16.72
C ASN C 2 -54.10 2.08 16.27
N ALA C 3 -54.41 3.03 15.39
CA ALA C 3 -53.40 3.90 14.81
C ALA C 3 -53.49 5.34 15.33
N LYS C 4 -52.35 6.02 15.37
CA LYS C 4 -52.30 7.41 15.80
C LYS C 4 -51.73 8.29 14.69
N ILE C 5 -51.68 9.60 14.93
CA ILE C 5 -51.19 10.54 13.94
C ILE C 5 -49.71 10.87 14.14
N SER C 6 -48.90 10.65 13.10
CA SER C 6 -47.48 10.95 13.14
C SER C 6 -47.18 12.22 12.35
N LEU C 7 -47.02 13.34 13.05
CA LEU C 7 -46.72 14.61 12.41
C LEU C 7 -45.23 14.93 12.48
N GLN C 8 -44.53 14.71 11.38
CA GLN C 8 -43.10 14.99 11.32
C GLN C 8 -42.85 16.34 10.66
N TYR C 9 -41.84 17.06 11.14
CA TYR C 9 -41.55 18.39 10.61
C TYR C 9 -40.37 18.38 9.64
N TRP C 10 -40.65 18.87 8.43
CA TRP C 10 -39.73 18.82 7.31
C TRP C 10 -38.86 20.08 7.23
N ASP C 11 -37.85 20.17 8.08
CA ASP C 11 -37.07 21.39 8.22
C ASP C 11 -35.90 21.50 7.23
N GLY C 12 -36.22 21.89 6.00
CA GLY C 12 -35.21 22.07 4.97
C GLY C 12 -34.93 23.53 4.70
N TYR C 13 -35.78 24.40 5.23
CA TYR C 13 -35.64 25.85 5.10
C TYR C 13 -35.57 26.30 3.65
N ALA C 14 -34.37 26.71 3.20
CA ALA C 14 -34.24 27.29 1.87
C ALA C 14 -33.48 26.38 0.90
N SER C 15 -33.02 25.23 1.39
CA SER C 15 -32.23 24.33 0.55
C SER C 15 -33.07 23.17 0.05
N TYR C 16 -33.37 23.19 -1.24
CA TYR C 16 -34.16 22.15 -1.90
C TYR C 16 -33.56 20.76 -1.69
N GLU C 17 -32.23 20.72 -1.62
CA GLU C 17 -31.51 19.46 -1.51
C GLU C 17 -31.68 18.80 -0.14
N THR C 18 -31.95 19.60 0.88
CA THR C 18 -32.12 19.09 2.24
C THR C 18 -33.47 18.41 2.40
N TYR C 19 -34.51 19.02 1.82
CA TYR C 19 -35.84 18.42 1.83
C TYR C 19 -35.79 17.02 1.24
N LEU C 20 -35.19 16.92 0.06
CA LEU C 20 -35.00 15.65 -0.62
C LEU C 20 -34.26 14.63 0.26
N ARG C 21 -33.16 15.09 0.86
CA ARG C 21 -32.29 14.23 1.64
C ARG C 21 -33.01 13.66 2.87
N GLN C 22 -33.76 14.50 3.57
CA GLN C 22 -34.48 14.07 4.76
C GLN C 22 -35.56 13.04 4.43
N LEU C 23 -36.24 13.27 3.31
CA LEU C 23 -37.27 12.35 2.85
C LEU C 23 -36.65 10.99 2.53
N SER C 24 -35.42 11.03 2.03
CA SER C 24 -34.69 9.83 1.64
C SER C 24 -34.29 8.96 2.84
N LEU C 25 -34.29 9.56 4.02
CA LEU C 25 -33.84 8.86 5.21
C LEU C 25 -34.93 7.99 5.82
N ILE C 26 -36.17 8.20 5.39
CA ILE C 26 -37.29 7.41 5.89
C ILE C 26 -37.31 6.03 5.24
N PRO C 27 -37.11 4.98 6.07
CA PRO C 27 -36.96 3.61 5.58
C PRO C 27 -38.29 2.94 5.24
N GLY C 28 -38.24 1.93 4.37
CA GLY C 28 -39.40 1.11 4.04
C GLY C 28 -40.64 1.90 3.66
N LYS C 29 -41.81 1.29 3.89
CA LYS C 29 -43.07 1.98 3.63
C LYS C 29 -43.20 3.18 4.54
N ALA C 30 -43.26 4.36 3.92
CA ALA C 30 -43.30 5.63 4.64
C ALA C 30 -44.51 5.72 5.58
N THR C 31 -45.64 5.17 5.15
CA THR C 31 -46.88 5.26 5.91
C THR C 31 -46.82 4.49 7.23
N ASP C 32 -45.88 3.55 7.32
CA ASP C 32 -45.71 2.76 8.54
C ASP C 32 -45.19 3.60 9.69
N TYR C 33 -44.65 4.77 9.39
CA TYR C 33 -44.02 5.61 10.42
C TYR C 33 -44.53 7.05 10.43
N VAL C 34 -45.02 7.53 9.29
CA VAL C 34 -45.41 8.93 9.16
C VAL C 34 -46.77 9.12 8.49
N ASP C 35 -47.54 10.08 8.97
CA ASP C 35 -48.81 10.45 8.36
C ASP C 35 -48.70 11.77 7.61
N TYR C 36 -48.21 12.81 8.29
CA TYR C 36 -48.05 14.13 7.69
C TYR C 36 -46.62 14.64 7.81
N VAL C 37 -46.14 15.31 6.76
CA VAL C 37 -44.88 16.03 6.85
C VAL C 37 -45.15 17.52 6.72
N SER C 38 -44.43 18.32 7.51
CA SER C 38 -44.62 19.76 7.49
C SER C 38 -43.35 20.49 7.11
N PRO C 39 -43.30 21.04 5.89
CA PRO C 39 -42.15 21.79 5.40
C PRO C 39 -42.25 23.28 5.68
N ASN C 40 -41.19 23.87 6.22
CA ASN C 40 -41.17 25.30 6.46
C ASN C 40 -40.73 26.08 5.23
N TRP C 41 -41.69 26.31 4.33
CA TRP C 41 -41.42 27.01 3.09
C TRP C 41 -41.67 28.51 3.23
N ARG C 42 -41.90 28.96 4.46
CA ARG C 42 -42.14 30.38 4.70
C ARG C 42 -40.82 31.13 4.68
N GLY C 43 -40.71 32.09 3.76
CA GLY C 43 -39.55 32.95 3.69
C GLY C 43 -39.74 34.18 4.56
N SER C 44 -40.84 34.90 4.30
CA SER C 44 -41.12 36.14 5.01
C SER C 44 -42.62 36.45 5.04
N ILE C 45 -43.12 36.89 6.18
CA ILE C 45 -44.52 37.29 6.30
C ILE C 45 -44.63 38.79 6.56
N GLY C 46 -45.25 39.50 5.64
CA GLY C 46 -45.41 40.94 5.74
C GLY C 46 -46.54 41.33 6.68
N THR C 47 -46.47 42.56 7.19
CA THR C 47 -47.47 43.08 8.11
C THR C 47 -48.85 43.16 7.48
N ASP C 48 -48.88 43.31 6.15
CA ASP C 48 -50.14 43.47 5.42
C ASP C 48 -50.79 42.14 5.07
N GLY C 49 -50.16 41.05 5.50
CA GLY C 49 -50.70 39.72 5.23
C GLY C 49 -50.10 39.09 3.99
N SER C 50 -49.07 39.73 3.45
CA SER C 50 -48.37 39.20 2.28
C SER C 50 -47.55 37.97 2.65
N LEU C 51 -47.51 37.01 1.73
CA LEU C 51 -46.74 35.79 1.97
C LEU C 51 -45.66 35.58 0.90
N LYS C 52 -44.41 35.75 1.31
CA LYS C 52 -43.28 35.43 0.45
C LYS C 52 -42.62 34.14 0.93
N LEU C 53 -42.44 33.19 0.01
CA LEU C 53 -41.88 31.90 0.36
C LEU C 53 -40.36 31.85 0.14
N VAL C 54 -39.76 30.70 0.44
CA VAL C 54 -38.31 30.59 0.51
C VAL C 54 -37.62 30.65 -0.84
N TRP C 55 -38.28 30.17 -1.89
CA TRP C 55 -37.70 30.20 -3.22
C TRP C 55 -38.34 31.29 -4.08
N ASP C 56 -37.85 31.42 -5.31
CA ASP C 56 -38.31 32.46 -6.22
C ASP C 56 -39.80 32.33 -6.51
N GLU C 57 -40.37 33.36 -7.16
CA GLU C 57 -41.80 33.49 -7.35
C GLU C 57 -42.46 32.25 -7.95
N GLY C 58 -42.21 32.01 -9.23
CA GLY C 58 -42.84 30.91 -9.93
C GLY C 58 -42.07 29.61 -9.85
N SER C 59 -41.48 29.34 -8.69
CA SER C 59 -40.68 28.14 -8.52
C SER C 59 -41.55 26.88 -8.50
N SER C 60 -41.11 25.87 -9.24
CA SER C 60 -41.84 24.60 -9.31
C SER C 60 -41.41 23.64 -8.21
N ASN C 61 -40.53 24.12 -7.33
CA ASN C 61 -40.00 23.30 -6.24
C ASN C 61 -41.09 22.82 -5.29
N TYR C 62 -42.12 23.63 -5.10
CA TYR C 62 -43.19 23.31 -4.17
C TYR C 62 -44.00 22.11 -4.66
N LYS C 63 -44.40 22.14 -5.93
CA LYS C 63 -45.14 21.04 -6.53
C LYS C 63 -44.36 19.73 -6.47
N GLN C 64 -43.09 19.80 -6.84
CA GLN C 64 -42.24 18.62 -6.91
C GLN C 64 -42.04 17.97 -5.54
N LEU C 65 -41.82 18.79 -4.52
CA LEU C 65 -41.63 18.28 -3.16
C LEU C 65 -42.89 17.61 -2.63
N THR C 66 -44.04 18.21 -2.88
CA THR C 66 -45.31 17.66 -2.41
C THR C 66 -45.62 16.36 -3.15
N ASN C 67 -45.33 16.33 -4.43
CA ASN C 67 -45.55 15.14 -5.25
C ASN C 67 -44.69 13.99 -4.76
N MSE C 68 -43.47 14.31 -4.34
CA MSE C 68 -42.55 13.36 -3.72
C MSE C 68 -43.19 12.64 -2.54
O MSE C 68 -43.28 11.41 -2.52
CB MSE C 68 -41.27 14.06 -3.25
CG MSE C 68 -40.23 14.28 -4.32
SE MSE C 68 -39.17 12.69 -4.66
CE MSE C 68 -40.25 11.91 -6.10
N ALA C 69 -43.63 13.43 -1.56
CA ALA C 69 -44.24 12.88 -0.35
C ALA C 69 -45.49 12.08 -0.68
N HIS C 70 -46.28 12.57 -1.62
CA HIS C 70 -47.49 11.88 -2.07
C HIS C 70 -47.15 10.51 -2.63
N GLY C 71 -46.12 10.46 -3.47
CA GLY C 71 -45.69 9.21 -4.07
C GLY C 71 -45.18 8.23 -3.03
N LEU C 72 -44.66 8.76 -1.94
CA LEU C 72 -44.14 7.91 -0.86
C LEU C 72 -45.25 7.49 0.09
N GLY C 73 -46.38 8.19 0.02
CA GLY C 73 -47.55 7.81 0.81
C GLY C 73 -47.88 8.77 1.94
N MSE C 74 -47.31 9.96 1.90
CA MSE C 74 -47.57 10.95 2.95
C MSE C 74 -48.41 12.11 2.43
O MSE C 74 -48.63 12.25 1.23
CB MSE C 74 -46.27 11.47 3.53
CG MSE C 74 -45.38 10.43 4.17
SE MSE C 74 -43.56 11.08 4.23
CE MSE C 74 -42.73 9.68 5.29
N LYS C 75 -48.85 12.97 3.35
CA LYS C 75 -49.58 14.17 2.98
C LYS C 75 -48.81 15.39 3.47
N VAL C 76 -48.88 16.48 2.71
CA VAL C 76 -48.05 17.65 2.97
C VAL C 76 -48.82 18.81 3.58
N LEU C 77 -48.29 19.35 4.67
CA LEU C 77 -48.88 20.51 5.34
C LEU C 77 -47.84 21.61 5.53
N PRO C 78 -47.74 22.55 4.57
CA PRO C 78 -46.81 23.67 4.63
C PRO C 78 -46.86 24.44 5.96
N LEU C 79 -45.70 24.85 6.46
CA LEU C 79 -45.61 25.55 7.73
C LEU C 79 -45.63 27.06 7.55
N ILE C 80 -46.57 27.72 8.20
CA ILE C 80 -46.66 29.17 8.20
C ILE C 80 -46.35 29.69 9.60
N ASN C 81 -45.09 30.03 9.85
CA ASN C 81 -44.68 30.44 11.19
C ASN C 81 -44.24 31.90 11.27
N GLY C 82 -44.52 32.52 12.40
CA GLY C 82 -44.14 33.90 12.66
C GLY C 82 -44.39 34.29 14.10
N SER C 83 -43.99 35.50 14.46
CA SER C 83 -44.20 36.01 15.82
C SER C 83 -43.91 37.51 15.90
N GLY C 84 -43.85 38.03 17.12
CA GLY C 84 -43.45 39.41 17.35
C GLY C 84 -44.43 40.45 16.85
N ALA C 85 -43.93 41.68 16.71
CA ALA C 85 -44.77 42.82 16.32
C ALA C 85 -45.42 42.65 14.95
N THR C 86 -44.69 42.05 14.03
CA THR C 86 -45.16 41.86 12.66
C THR C 86 -46.44 41.03 12.63
N LEU C 87 -46.49 40.02 13.48
CA LEU C 87 -47.65 39.14 13.55
C LEU C 87 -48.78 39.80 14.34
N ASN C 88 -48.42 40.64 15.30
CA ASN C 88 -49.41 41.39 16.07
C ASN C 88 -50.25 42.29 15.18
N THR C 89 -49.59 43.10 14.37
CA THR C 89 -50.28 44.07 13.53
C THR C 89 -51.02 43.42 12.37
N LEU C 90 -50.60 42.21 11.99
CA LEU C 90 -51.27 41.47 10.92
C LEU C 90 -52.64 41.00 11.39
N LEU C 91 -52.67 40.33 12.54
CA LEU C 91 -53.90 39.75 13.07
C LEU C 91 -54.90 40.83 13.49
N LYS C 92 -54.39 42.01 13.84
CA LYS C 92 -55.25 43.11 14.26
C LYS C 92 -56.01 43.67 13.07
N SER C 93 -55.36 43.67 11.90
CA SER C 93 -55.98 44.15 10.67
C SER C 93 -56.82 43.05 10.02
N PRO C 94 -58.09 43.33 9.76
CA PRO C 94 -59.01 42.36 9.15
C PRO C 94 -58.65 42.06 7.70
N ALA C 95 -58.20 43.07 6.97
CA ALA C 95 -57.83 42.89 5.56
C ALA C 95 -56.54 42.09 5.45
N ALA C 96 -55.60 42.36 6.37
CA ALA C 96 -54.33 41.65 6.39
C ALA C 96 -54.52 40.18 6.72
N ARG C 97 -55.52 39.89 7.57
CA ARG C 97 -55.86 38.51 7.90
C ARG C 97 -56.36 37.77 6.67
N GLU C 98 -57.29 38.39 5.94
CA GLU C 98 -57.83 37.81 4.72
C GLU C 98 -56.76 37.72 3.63
N LYS C 99 -55.83 38.66 3.65
CA LYS C 99 -54.73 38.69 2.69
C LYS C 99 -53.87 37.43 2.80
N LEU C 100 -53.66 36.97 4.04
CA LEU C 100 -52.83 35.80 4.29
C LEU C 100 -53.59 34.51 3.99
N ILE C 101 -54.89 34.50 4.28
CA ILE C 101 -55.73 33.34 3.99
C ILE C 101 -55.70 33.04 2.49
N GLY C 102 -55.90 34.08 1.69
CA GLY C 102 -55.86 33.95 0.24
C GLY C 102 -54.52 33.45 -0.25
N GLU C 103 -53.45 33.92 0.40
CA GLU C 103 -52.09 33.50 0.04
C GLU C 103 -51.87 32.03 0.36
N ILE C 104 -52.49 31.55 1.42
CA ILE C 104 -52.38 30.14 1.79
C ILE C 104 -53.24 29.30 0.84
N VAL C 105 -54.36 29.85 0.41
CA VAL C 105 -55.22 29.18 -0.54
C VAL C 105 -54.51 28.94 -1.87
N VAL C 106 -53.89 29.99 -2.40
CA VAL C 106 -53.15 29.86 -3.67
C VAL C 106 -51.90 29.03 -3.48
N LEU C 107 -51.43 28.94 -2.23
CA LEU C 107 -50.31 28.07 -1.92
C LEU C 107 -50.75 26.61 -2.02
N LEU C 108 -51.99 26.34 -1.60
CA LEU C 108 -52.55 25.00 -1.69
C LEU C 108 -53.07 24.72 -3.10
N LYS C 109 -53.39 25.78 -3.84
CA LYS C 109 -53.87 25.64 -5.21
C LYS C 109 -52.72 25.32 -6.16
N ASN C 110 -51.58 25.98 -5.97
CA ASN C 110 -50.42 25.76 -6.82
C ASN C 110 -49.64 24.52 -6.42
N THR C 111 -50.31 23.63 -5.69
CA THR C 111 -49.78 22.31 -5.37
C THR C 111 -50.96 21.42 -4.99
N ASN C 112 -50.70 20.29 -4.37
CA ASN C 112 -51.76 19.44 -3.86
C ASN C 112 -51.59 19.17 -2.38
N ALA C 113 -50.98 20.11 -1.67
CA ALA C 113 -50.81 20.01 -0.23
C ALA C 113 -52.17 19.88 0.44
N ASP C 114 -52.24 19.04 1.48
CA ASP C 114 -53.52 18.66 2.05
C ASP C 114 -53.90 19.50 3.27
N GLY C 115 -53.37 20.71 3.34
CA GLY C 115 -53.67 21.60 4.44
C GLY C 115 -52.48 22.43 4.85
N VAL C 116 -52.54 22.99 6.06
CA VAL C 116 -51.49 23.90 6.51
C VAL C 116 -51.34 23.87 8.03
N VAL C 117 -50.10 23.95 8.51
CA VAL C 117 -49.82 24.04 9.94
C VAL C 117 -49.49 25.48 10.33
N ILE C 118 -50.37 26.08 11.12
CA ILE C 118 -50.15 27.46 11.58
C ILE C 118 -49.30 27.46 12.84
N ASP C 119 -48.17 28.16 12.77
CA ASP C 119 -47.22 28.20 13.88
C ASP C 119 -47.00 29.64 14.34
N PHE C 120 -48.06 30.28 14.81
CA PHE C 120 -47.98 31.63 15.33
C PHE C 120 -47.52 31.61 16.78
N GLU C 121 -46.27 31.99 17.01
CA GLU C 121 -45.64 31.82 18.31
C GLU C 121 -45.56 33.10 19.12
N THR C 122 -45.24 32.96 20.41
CA THR C 122 -44.99 34.09 21.28
C THR C 122 -43.59 34.64 20.99
N PRO C 123 -43.34 35.93 21.30
CA PRO C 123 -44.21 36.94 21.93
C PRO C 123 -45.41 37.35 21.09
N LEU C 124 -46.59 37.30 21.71
CA LEU C 124 -47.81 37.84 21.12
C LEU C 124 -48.39 38.87 22.07
N ASP C 125 -49.16 39.81 21.52
CA ASP C 125 -49.72 40.88 22.33
C ASP C 125 -50.79 40.37 23.28
N TYR C 126 -50.50 40.45 24.57
CA TYR C 126 -51.45 40.02 25.60
C TYR C 126 -52.07 41.21 26.32
N GLY C 127 -51.74 42.42 25.88
CA GLY C 127 -52.29 43.63 26.45
C GLY C 127 -52.06 43.76 27.94
N ASP C 128 -53.12 44.07 28.69
CA ASP C 128 -53.03 44.21 30.13
C ASP C 128 -52.82 42.86 30.79
N VAL C 129 -52.05 42.85 31.88
CA VAL C 129 -51.68 41.63 32.57
C VAL C 129 -52.87 40.85 33.13
N LYS C 130 -53.79 41.57 33.78
CA LYS C 130 -54.87 40.90 34.50
C LYS C 130 -56.11 40.63 33.64
N ASP C 131 -56.39 41.52 32.69
CA ASP C 131 -57.49 41.29 31.76
C ASP C 131 -57.11 40.17 30.79
N PRO C 132 -57.76 39.00 30.92
CA PRO C 132 -57.33 37.82 30.17
C PRO C 132 -57.77 37.83 28.70
N TYR C 133 -58.73 38.68 28.36
CA TYR C 133 -59.37 38.62 27.05
C TYR C 133 -58.94 39.73 26.10
N ASP C 134 -58.00 40.56 26.52
CA ASP C 134 -57.52 41.64 25.68
C ASP C 134 -56.26 41.21 24.92
N GLY C 135 -55.86 42.01 23.94
CA GLY C 135 -54.71 41.67 23.12
C GLY C 135 -55.14 41.03 21.81
N VAL C 136 -54.20 40.33 21.17
CA VAL C 136 -54.48 39.67 19.90
C VAL C 136 -55.15 38.32 20.08
N ARG C 137 -55.66 38.07 21.29
CA ARG C 137 -56.31 36.80 21.60
C ARG C 137 -57.47 36.51 20.66
N ASN C 138 -58.47 37.38 20.68
CA ASN C 138 -59.66 37.21 19.84
C ASN C 138 -59.36 37.32 18.36
N ASP C 139 -58.32 38.09 18.00
CA ASP C 139 -57.95 38.27 16.60
C ASP C 139 -57.31 37.00 16.02
N LEU C 140 -56.51 36.33 16.84
CA LEU C 140 -55.91 35.07 16.44
C LEU C 140 -56.99 34.01 16.25
N THR C 141 -58.01 34.06 17.09
CA THR C 141 -59.17 33.16 16.99
C THR C 141 -59.94 33.46 15.71
N ALA C 142 -60.11 34.74 15.42
CA ALA C 142 -60.80 35.18 14.21
C ALA C 142 -60.10 34.65 12.96
N PHE C 143 -58.77 34.68 12.99
CA PHE C 143 -57.96 34.20 11.88
C PHE C 143 -58.15 32.70 11.65
N MSE C 144 -58.11 31.93 12.74
CA MSE C 144 -58.24 30.48 12.65
C MSE C 144 -59.64 30.04 12.27
O MSE C 144 -59.83 28.94 11.76
CB MSE C 144 -57.84 29.84 13.98
CG MSE C 144 -56.38 30.06 14.37
SE MSE C 144 -55.12 29.42 13.03
CE MSE C 144 -55.61 27.54 13.02
N GLU C 145 -60.62 30.90 12.52
CA GLU C 145 -62.00 30.58 12.17
C GLU C 145 -62.30 30.93 10.72
N SER C 146 -61.57 31.91 10.19
CA SER C 146 -61.69 32.27 8.78
C SER C 146 -60.90 31.29 7.93
N LEU C 147 -59.85 30.72 8.51
CA LEU C 147 -59.01 29.75 7.83
C LEU C 147 -59.64 28.37 7.81
N HIS C 148 -60.23 27.98 8.94
CA HIS C 148 -60.90 26.68 9.06
C HIS C 148 -62.11 26.62 8.15
N SER C 149 -62.66 27.77 7.81
CA SER C 149 -63.81 27.86 6.91
C SER C 149 -63.39 27.57 5.47
N GLU C 150 -62.35 28.25 5.01
CA GLU C 150 -61.86 28.10 3.63
C GLU C 150 -61.38 26.69 3.34
N LEU C 151 -60.56 26.14 4.24
CA LEU C 151 -59.96 24.83 4.02
C LEU C 151 -60.95 23.69 4.23
N GLN C 152 -62.07 23.99 4.88
CA GLN C 152 -63.14 23.00 5.04
C GLN C 152 -63.83 22.81 3.69
N SER C 153 -63.84 23.88 2.89
CA SER C 153 -64.46 23.87 1.58
C SER C 153 -63.58 23.18 0.56
N MSE C 154 -62.27 23.15 0.82
CA MSE C 154 -61.31 22.57 -0.10
C MSE C 154 -60.90 21.16 0.33
O MSE C 154 -59.97 20.58 -0.22
CB MSE C 154 -60.07 23.46 -0.21
CG MSE C 154 -60.35 24.83 -0.79
SE MSE C 154 -58.75 25.93 -0.96
CE MSE C 154 -58.32 26.14 0.92
N ASN C 155 -61.61 20.63 1.34
CA ASN C 155 -61.32 19.31 1.89
C ASN C 155 -59.89 19.21 2.40
N LYS C 156 -59.38 20.32 2.94
CA LYS C 156 -58.01 20.36 3.46
C LYS C 156 -58.02 20.38 4.98
N LEU C 157 -56.89 20.01 5.57
CA LEU C 157 -56.77 19.96 7.03
C LEU C 157 -56.22 21.26 7.60
N VAL C 158 -56.52 21.52 8.87
CA VAL C 158 -55.99 22.68 9.56
C VAL C 158 -55.38 22.27 10.90
N VAL C 159 -54.06 22.31 10.98
CA VAL C 159 -53.36 21.98 12.21
C VAL C 159 -52.70 23.22 12.79
N MSE C 160 -52.90 23.48 14.08
CA MSE C 160 -52.31 24.66 14.69
C MSE C 160 -51.30 24.31 15.77
O MSE C 160 -51.62 23.60 16.72
CB MSE C 160 -53.39 25.57 15.27
CG MSE C 160 -52.84 26.88 15.81
SE MSE C 160 -54.20 27.94 16.72
CE MSE C 160 -53.12 29.53 17.05
N ALA C 161 -50.08 24.81 15.61
CA ALA C 161 -49.06 24.65 16.64
C ALA C 161 -49.18 25.77 17.65
N VAL C 162 -49.33 25.41 18.92
CA VAL C 162 -49.51 26.40 19.98
C VAL C 162 -48.51 26.22 21.12
N MSE C 163 -48.30 27.29 21.88
CA MSE C 163 -47.39 27.27 23.02
C MSE C 163 -47.92 26.38 24.15
O MSE C 163 -49.13 26.25 24.34
CB MSE C 163 -47.19 28.69 23.56
CG MSE C 163 -46.51 29.64 22.57
SE MSE C 163 -44.63 29.29 22.33
CE MSE C 163 -44.68 28.59 20.53
N PRO C 164 -47.00 25.75 24.90
CA PRO C 164 -47.42 24.92 26.04
C PRO C 164 -47.70 25.77 27.27
N ARG C 165 -48.91 25.70 27.78
CA ARG C 165 -49.28 26.44 28.98
C ARG C 165 -49.43 25.48 30.17
N MSE C 166 -48.94 25.90 31.32
CA MSE C 166 -48.85 25.03 32.48
C MSE C 166 -49.89 25.36 33.54
O MSE C 166 -50.49 24.45 34.13
CB MSE C 166 -47.45 25.13 33.09
CG MSE C 166 -47.10 24.01 34.05
SE MSE C 166 -45.46 24.39 35.02
CE MSE C 166 -44.33 24.92 33.53
N SER C 167 -50.11 26.65 33.79
CA SER C 167 -51.09 27.08 34.78
C SER C 167 -51.78 28.38 34.35
N SER C 168 -52.66 28.87 35.21
CA SER C 168 -53.41 30.09 34.92
C SER C 168 -52.53 31.32 35.00
N SER C 169 -51.51 31.27 35.85
CA SER C 169 -50.68 32.43 36.15
C SER C 169 -49.80 32.87 34.99
N GLN C 170 -49.75 32.08 33.93
CA GLN C 170 -48.90 32.41 32.78
C GLN C 170 -49.63 33.32 31.81
N TYR C 171 -49.80 34.58 32.23
CA TYR C 171 -50.60 35.57 31.50
C TYR C 171 -50.01 35.94 30.13
N TRP C 172 -48.70 35.74 29.96
CA TRP C 172 -48.04 36.12 28.71
C TRP C 172 -48.41 35.16 27.58
N LEU C 173 -49.20 34.14 27.89
CA LEU C 173 -49.69 33.19 26.90
C LEU C 173 -51.19 33.34 26.67
N ASP C 174 -51.75 34.45 27.17
CA ASP C 174 -53.18 34.70 27.08
C ASP C 174 -53.68 34.84 25.65
N ALA C 175 -52.76 35.03 24.71
CA ALA C 175 -53.11 35.18 23.30
C ALA C 175 -53.78 33.92 22.75
N TYR C 176 -53.51 32.78 23.39
CA TYR C 176 -54.07 31.51 22.95
C TYR C 176 -55.37 31.16 23.65
N ASP C 177 -56.47 31.21 22.90
CA ASP C 177 -57.76 30.74 23.39
C ASP C 177 -57.92 29.27 23.01
N TYR C 178 -57.29 28.39 23.79
CA TYR C 178 -57.24 26.96 23.49
C TYR C 178 -58.61 26.35 23.28
N GLU C 179 -59.62 26.87 23.98
CA GLU C 179 -60.99 26.40 23.84
C GLU C 179 -61.54 26.70 22.45
N ALA C 180 -61.48 27.96 22.04
CA ALA C 180 -62.01 28.39 20.75
C ALA C 180 -61.16 27.86 19.59
N LEU C 181 -59.84 27.87 19.77
CA LEU C 181 -58.91 27.43 18.73
C LEU C 181 -59.09 25.95 18.40
N SER C 182 -59.43 25.15 19.40
CA SER C 182 -59.59 23.71 19.22
C SER C 182 -60.79 23.38 18.33
N HIS C 183 -61.70 24.33 18.19
CA HIS C 183 -62.88 24.15 17.35
C HIS C 183 -62.62 24.67 15.94
N ALA C 184 -61.47 25.31 15.75
CA ALA C 184 -61.13 25.88 14.45
C ALA C 184 -59.97 25.12 13.80
N VAL C 185 -59.69 23.93 14.30
CA VAL C 185 -58.63 23.09 13.74
C VAL C 185 -59.08 21.65 13.60
N ASP C 186 -58.32 20.86 12.85
CA ASP C 186 -58.54 19.42 12.76
C ASP C 186 -57.65 18.72 13.78
N TYR C 187 -56.51 19.35 14.06
CA TYR C 187 -55.58 18.87 15.07
C TYR C 187 -54.91 20.04 15.78
N LEU C 188 -54.68 19.89 17.07
CA LEU C 188 -54.03 20.94 17.85
C LEU C 188 -52.68 20.45 18.37
N HIS C 189 -51.61 20.93 17.75
CA HIS C 189 -50.27 20.54 18.15
C HIS C 189 -49.79 21.41 19.32
N VAL C 190 -49.78 20.84 20.51
CA VAL C 190 -49.24 21.53 21.68
C VAL C 190 -47.74 21.22 21.78
N MSE C 191 -46.92 22.19 21.42
CA MSE C 191 -45.48 22.00 21.33
C MSE C 191 -44.82 21.78 22.68
O MSE C 191 -44.06 22.62 23.15
CB MSE C 191 -44.84 23.17 20.61
CG MSE C 191 -45.04 23.16 19.11
SE MSE C 191 -44.49 24.82 18.27
CE MSE C 191 -45.98 25.93 18.83
N THR C 192 -45.11 20.64 23.28
CA THR C 192 -44.58 20.30 24.60
C THR C 192 -43.08 20.00 24.54
N TYR C 193 -42.28 21.01 24.19
CA TYR C 193 -40.83 20.92 24.31
C TYR C 193 -40.24 22.31 24.53
N ASP C 194 -38.92 22.38 24.55
CA ASP C 194 -38.19 23.60 24.89
C ASP C 194 -38.55 24.09 26.30
N HIS C 195 -38.73 23.15 27.22
CA HIS C 195 -38.92 23.50 28.62
C HIS C 195 -37.65 24.15 29.14
N HIS C 196 -36.52 23.72 28.58
CA HIS C 196 -35.25 24.41 28.74
C HIS C 196 -34.77 24.86 27.38
N TYR C 197 -34.44 26.13 27.25
CA TYR C 197 -34.03 26.67 25.95
C TYR C 197 -32.55 26.97 25.89
N ARG C 198 -32.12 27.64 24.82
CA ARG C 198 -30.70 27.83 24.52
C ARG C 198 -29.96 28.60 25.62
N THR C 199 -30.55 29.70 26.08
CA THR C 199 -29.89 30.58 27.03
C THR C 199 -30.32 30.31 28.48
N SER C 200 -31.04 29.23 28.70
CA SER C 200 -31.48 28.88 30.04
C SER C 200 -30.50 27.94 30.71
N ALA C 201 -30.70 27.69 31.99
CA ALA C 201 -29.89 26.73 32.74
C ALA C 201 -30.15 25.34 32.18
N PRO C 202 -29.14 24.45 32.29
CA PRO C 202 -29.27 23.07 31.82
C PRO C 202 -30.46 22.34 32.44
N GLY C 203 -31.14 21.53 31.64
CA GLY C 203 -32.29 20.78 32.10
C GLY C 203 -32.97 20.04 30.96
N PRO C 204 -33.83 19.08 31.30
CA PRO C 204 -34.54 18.27 30.29
C PRO C 204 -35.36 19.14 29.34
N ILE C 205 -35.20 18.94 28.03
CA ILE C 205 -35.91 19.71 27.03
C ILE C 205 -37.43 19.52 27.17
N ALA C 206 -37.84 18.31 27.51
CA ALA C 206 -39.25 18.01 27.70
C ALA C 206 -39.47 16.88 28.70
N PRO C 207 -39.43 17.20 30.00
CA PRO C 207 -39.61 16.24 31.09
C PRO C 207 -40.98 15.56 31.04
N TYR C 208 -41.00 14.24 31.24
CA TYR C 208 -42.23 13.45 31.21
C TYR C 208 -43.36 14.02 32.07
N PRO C 209 -43.09 14.39 33.34
CA PRO C 209 -44.22 14.93 34.12
C PRO C 209 -44.72 16.28 33.62
N TRP C 210 -43.82 17.11 33.10
CA TRP C 210 -44.18 18.43 32.61
C TRP C 210 -45.08 18.34 31.36
N ILE C 211 -44.87 17.32 30.54
CA ILE C 211 -45.72 17.11 29.38
C ILE C 211 -47.15 16.84 29.84
N LYS C 212 -47.30 15.92 30.79
CA LYS C 212 -48.59 15.62 31.39
C LYS C 212 -49.21 16.86 32.02
N GLN C 213 -48.37 17.63 32.71
CA GLN C 213 -48.79 18.82 33.43
C GLN C 213 -49.35 19.88 32.48
N VAL C 214 -48.75 20.00 31.30
CA VAL C 214 -49.24 20.94 30.30
C VAL C 214 -50.55 20.43 29.71
N LEU C 215 -50.56 19.17 29.31
CA LEU C 215 -51.74 18.55 28.71
C LEU C 215 -52.93 18.56 29.66
N THR C 216 -52.69 18.30 30.94
CA THR C 216 -53.77 18.24 31.91
C THR C 216 -54.35 19.64 32.13
N TYR C 217 -53.57 20.67 31.84
CA TYR C 217 -54.09 22.04 31.84
C TYR C 217 -54.95 22.27 30.61
N ILE C 218 -54.41 21.90 29.45
CA ILE C 218 -55.13 22.01 28.18
C ILE C 218 -56.47 21.28 28.25
N GLN C 219 -56.46 20.15 28.96
CA GLN C 219 -57.68 19.39 29.19
C GLN C 219 -58.63 20.16 30.08
N GLY C 220 -58.07 20.87 31.05
CA GLY C 220 -58.85 21.67 31.98
C GLY C 220 -59.59 22.81 31.30
N GLN C 221 -59.00 23.31 30.22
CA GLN C 221 -59.64 24.36 29.42
C GLN C 221 -60.78 23.78 28.61
N GLY C 222 -60.80 22.45 28.47
CA GLY C 222 -61.92 21.76 27.88
C GLY C 222 -61.81 21.45 26.39
N VAL C 223 -60.61 21.23 25.89
CA VAL C 223 -60.44 20.90 24.48
C VAL C 223 -60.54 19.39 24.28
N ASP C 224 -60.98 18.99 23.09
CA ASP C 224 -61.09 17.59 22.73
C ASP C 224 -59.71 16.94 22.76
N MSE C 225 -59.45 16.12 23.76
CA MSE C 225 -58.12 15.58 23.98
C MSE C 225 -57.70 14.60 22.88
O MSE C 225 -56.51 14.40 22.64
CB MSE C 225 -58.04 14.89 25.34
CG MSE C 225 -56.85 15.36 26.16
SE MSE C 225 -56.75 17.31 26.16
CE MSE C 225 -54.82 17.51 26.36
N SER C 226 -58.68 14.01 22.21
CA SER C 226 -58.40 13.10 21.10
C SER C 226 -58.03 13.87 19.84
N LYS C 227 -58.03 15.20 19.96
CA LYS C 227 -57.77 16.08 18.83
C LYS C 227 -56.40 16.75 18.97
N VAL C 228 -55.67 16.37 20.01
CA VAL C 228 -54.43 17.06 20.37
C VAL C 228 -53.18 16.24 20.04
N LEU C 229 -52.23 16.89 19.37
CA LEU C 229 -50.92 16.29 19.11
C LEU C 229 -49.90 16.81 20.11
N MSE C 230 -49.29 15.90 20.87
CA MSE C 230 -48.24 16.29 21.79
C MSE C 230 -46.94 16.51 21.05
O MSE C 230 -46.76 16.00 19.93
CB MSE C 230 -48.07 15.24 22.89
CG MSE C 230 -47.62 13.87 22.39
SE MSE C 230 -46.92 12.74 23.81
CE MSE C 230 -45.30 13.72 24.23
N GLY C 231 -46.03 17.25 21.65
CA GLY C 231 -44.72 17.49 21.07
C GLY C 231 -43.64 16.72 21.80
N ILE C 232 -42.50 16.55 21.13
CA ILE C 232 -41.38 15.84 21.72
C ILE C 232 -40.11 16.21 20.95
N PRO C 233 -39.01 16.48 21.67
CA PRO C 233 -37.79 16.89 20.98
C PRO C 233 -36.98 15.70 20.45
N TYR C 234 -36.55 15.82 19.20
CA TYR C 234 -35.63 14.85 18.63
C TYR C 234 -34.21 15.23 19.00
N TYR C 235 -34.06 16.45 19.51
CA TYR C 235 -32.75 17.03 19.78
C TYR C 235 -32.45 17.15 21.26
N GLY C 236 -31.17 17.33 21.58
CA GLY C 236 -30.73 17.64 22.92
C GLY C 236 -29.92 18.92 22.86
N ARG C 237 -29.40 19.36 24.00
CA ARG C 237 -28.57 20.56 24.02
C ARG C 237 -27.32 20.40 24.89
N ASP C 238 -26.32 21.21 24.58
CA ASP C 238 -25.03 21.18 25.27
C ASP C 238 -24.73 22.55 25.86
N TRP C 239 -25.09 22.74 27.13
CA TRP C 239 -24.98 24.04 27.78
C TRP C 239 -23.60 24.35 28.34
N VAL C 240 -23.21 25.62 28.23
CA VAL C 240 -22.03 26.14 28.90
C VAL C 240 -22.33 27.52 29.46
N VAL C 241 -21.53 27.96 30.43
CA VAL C 241 -21.65 29.31 30.97
C VAL C 241 -20.84 30.28 30.13
N ASP C 242 -21.53 31.21 29.46
CA ASP C 242 -20.88 32.12 28.53
C ASP C 242 -20.64 33.52 29.11
N GLY C 243 -20.96 33.68 30.39
CA GLY C 243 -20.78 34.96 31.05
C GLY C 243 -21.61 35.04 32.32
N LYS C 244 -21.97 36.26 32.72
CA LYS C 244 -22.79 36.44 33.90
C LYS C 244 -23.77 37.60 33.78
N ASP C 245 -24.86 37.51 34.52
CA ASP C 245 -25.93 38.50 34.49
C ASP C 245 -25.49 39.81 35.14
N ALA C 246 -26.28 40.86 34.96
CA ALA C 246 -26.00 42.15 35.59
C ALA C 246 -26.01 42.03 37.11
N ASN C 247 -26.81 41.10 37.63
CA ASN C 247 -26.87 40.84 39.06
C ASN C 247 -25.85 39.78 39.48
N GLY C 248 -24.97 39.42 38.56
CA GLY C 248 -23.88 38.50 38.86
C GLY C 248 -24.26 37.03 38.73
N ASN C 249 -25.41 36.77 38.12
CA ASN C 249 -25.87 35.41 37.93
C ASN C 249 -25.34 34.79 36.65
N PRO C 250 -24.94 33.51 36.69
CA PRO C 250 -24.41 32.81 35.53
C PRO C 250 -25.37 32.78 34.36
N THR C 251 -24.96 33.34 33.22
CA THR C 251 -25.76 33.26 32.00
C THR C 251 -25.31 32.05 31.18
N TYR C 252 -26.24 31.45 30.45
CA TYR C 252 -25.92 30.24 29.72
C TYR C 252 -26.07 30.41 28.21
N ASN C 253 -25.52 29.46 27.47
CA ASN C 253 -25.66 29.39 26.03
C ASN C 253 -25.32 27.98 25.59
N SER C 254 -25.99 27.49 24.55
CA SER C 254 -25.80 26.11 24.14
C SER C 254 -25.94 25.91 22.64
N THR C 255 -25.57 24.71 22.20
CA THR C 255 -25.79 24.29 20.82
C THR C 255 -26.65 23.03 20.84
N ALA C 256 -27.43 22.82 19.79
CA ALA C 256 -28.29 21.66 19.72
C ALA C 256 -27.70 20.58 18.82
N PHE C 257 -28.07 19.32 19.08
CA PHE C 257 -27.70 18.22 18.21
C PHE C 257 -28.64 17.03 18.42
N GLY C 258 -28.48 16.00 17.59
CA GLY C 258 -29.34 14.84 17.65
C GLY C 258 -28.86 13.77 18.60
N TYR C 259 -29.59 12.65 18.61
CA TYR C 259 -29.32 11.54 19.51
C TYR C 259 -27.94 10.90 19.30
N SER C 260 -27.55 10.74 18.04
CA SER C 260 -26.29 10.09 17.71
C SER C 260 -25.07 10.92 18.14
N LYS C 261 -25.13 12.23 17.90
CA LYS C 261 -24.05 13.13 18.30
C LYS C 261 -23.88 13.14 19.83
N ALA C 262 -24.98 12.93 20.53
CA ALA C 262 -24.96 12.89 21.99
C ALA C 262 -24.17 11.71 22.52
N LEU C 263 -24.43 10.53 21.97
CA LEU C 263 -23.72 9.32 22.36
C LEU C 263 -22.22 9.42 22.04
N GLU C 264 -21.90 10.06 20.91
CA GLU C 264 -20.51 10.24 20.50
C GLU C 264 -19.74 11.12 21.48
N LEU C 265 -20.40 12.17 21.98
CA LEU C 265 -19.79 13.06 22.95
C LEU C 265 -19.41 12.32 24.23
N ALA C 266 -20.37 11.60 24.78
CA ALA C 266 -20.16 10.83 26.01
C ALA C 266 -19.06 9.80 25.81
N ASP C 267 -19.05 9.17 24.64
CA ASP C 267 -18.04 8.18 24.29
C ASP C 267 -16.68 8.85 24.15
N SER C 268 -16.67 10.08 23.65
CA SER C 268 -15.42 10.82 23.43
C SER C 268 -14.76 11.21 24.75
N TYR C 269 -15.56 11.58 25.73
CA TYR C 269 -15.04 12.06 26.99
C TYR C 269 -15.26 11.04 28.12
N GLY C 270 -15.70 9.84 27.76
CA GLY C 270 -15.89 8.77 28.73
C GLY C 270 -16.91 9.08 29.81
N ALA C 271 -17.81 10.02 29.53
CA ALA C 271 -18.80 10.43 30.51
C ALA C 271 -19.92 9.41 30.64
N THR C 272 -20.29 9.09 31.87
CA THR C 272 -21.35 8.13 32.14
C THR C 272 -22.72 8.79 32.02
N ILE C 273 -23.63 8.12 31.31
CA ILE C 273 -24.97 8.64 31.09
C ILE C 273 -25.91 8.23 32.22
N THR C 274 -26.61 9.21 32.79
CA THR C 274 -27.55 8.97 33.88
C THR C 274 -28.92 9.54 33.54
N TYR C 275 -29.97 8.77 33.83
CA TYR C 275 -31.33 9.25 33.62
C TYR C 275 -31.75 10.19 34.75
N SER C 276 -31.95 11.46 34.39
CA SER C 276 -32.33 12.48 35.35
C SER C 276 -33.82 12.44 35.65
N LYS C 277 -34.16 12.20 36.91
CA LYS C 277 -35.55 12.15 37.33
C LYS C 277 -36.06 13.55 37.64
N TYR C 278 -37.21 13.90 37.07
CA TYR C 278 -37.80 15.21 37.24
C TYR C 278 -38.43 15.37 38.62
N ASN C 279 -39.29 14.41 38.99
CA ASN C 279 -39.85 14.38 40.33
C ASN C 279 -40.09 12.93 40.77
N ASP C 280 -40.96 12.75 41.76
CA ASP C 280 -41.30 11.41 42.23
C ASP C 280 -42.15 10.67 41.20
N ALA C 281 -42.82 11.43 40.34
CA ALA C 281 -43.69 10.86 39.32
C ALA C 281 -42.99 10.77 37.97
N ASP C 282 -41.67 10.70 38.00
CA ASP C 282 -40.89 10.56 36.78
C ASP C 282 -40.05 9.29 36.80
N PRO C 283 -40.67 8.15 36.48
CA PRO C 283 -40.04 6.83 36.56
C PRO C 283 -38.79 6.70 35.68
N VAL C 284 -38.92 7.04 34.41
CA VAL C 284 -37.82 6.87 33.46
C VAL C 284 -36.87 8.06 33.45
N GLY C 285 -37.42 9.26 33.36
CA GLY C 285 -36.62 10.47 33.32
C GLY C 285 -35.88 10.63 32.00
N THR C 286 -35.09 11.70 31.90
CA THR C 286 -34.35 11.98 30.67
C THR C 286 -32.85 11.74 30.88
N PRO C 287 -32.17 11.19 29.86
CA PRO C 287 -30.73 10.93 29.95
C PRO C 287 -29.93 12.23 29.96
N THR C 288 -28.80 12.22 30.66
CA THR C 288 -27.95 13.40 30.74
C THR C 288 -26.53 13.04 31.16
N PHE C 289 -25.60 13.93 30.87
CA PHE C 289 -24.20 13.74 31.26
C PHE C 289 -23.45 15.06 31.20
N LYS C 290 -22.33 15.11 31.92
CA LYS C 290 -21.45 16.29 31.90
C LYS C 290 -20.04 15.87 31.52
N TYR C 291 -19.29 16.82 30.96
CA TYR C 291 -17.89 16.58 30.64
C TYR C 291 -17.10 17.89 30.65
N THR C 292 -15.79 17.77 30.68
CA THR C 292 -14.93 18.95 30.70
C THR C 292 -14.15 19.07 29.38
N ASP C 293 -14.24 20.24 28.76
CA ASP C 293 -13.55 20.51 27.50
C ASP C 293 -12.04 20.38 27.64
N GLU C 294 -11.37 20.17 26.51
CA GLU C 294 -9.91 20.13 26.50
C GLU C 294 -9.32 21.52 26.64
N LYS C 295 -10.19 22.53 26.58
CA LYS C 295 -9.80 23.92 26.78
C LYS C 295 -10.16 24.39 28.19
N GLY C 296 -10.78 23.50 28.97
CA GLY C 296 -11.04 23.77 30.36
C GLY C 296 -12.48 24.15 30.70
N VAL C 297 -13.37 24.06 29.72
CA VAL C 297 -14.77 24.40 29.93
C VAL C 297 -15.59 23.18 30.31
N GLU C 298 -16.47 23.33 31.29
CA GLU C 298 -17.34 22.23 31.69
C GLU C 298 -18.68 22.32 30.97
N HIS C 299 -19.12 21.20 30.41
CA HIS C 299 -20.36 21.15 29.64
C HIS C 299 -21.43 20.32 30.34
N THR C 300 -22.69 20.64 30.05
CA THR C 300 -23.81 19.86 30.56
C THR C 300 -24.79 19.53 29.43
N VAL C 301 -25.02 18.24 29.21
CA VAL C 301 -25.86 17.82 28.11
C VAL C 301 -27.14 17.11 28.57
N PHE C 302 -28.27 17.61 28.10
CA PHE C 302 -29.55 16.94 28.28
C PHE C 302 -30.11 16.56 26.91
N PHE C 303 -30.49 15.30 26.75
CA PHE C 303 -31.03 14.83 25.47
C PHE C 303 -32.05 13.73 25.68
N ASP C 304 -32.40 13.04 24.61
CA ASP C 304 -33.34 11.94 24.68
C ASP C 304 -32.81 10.70 23.94
N ASP C 305 -33.02 9.53 24.53
CA ASP C 305 -32.68 8.27 23.86
C ASP C 305 -33.96 7.48 23.56
N TYR C 306 -33.79 6.21 23.22
CA TYR C 306 -34.93 5.35 22.92
C TYR C 306 -35.75 5.09 24.18
N THR C 307 -35.08 5.03 25.33
CA THR C 307 -35.76 4.75 26.59
C THR C 307 -36.64 5.91 27.03
N SER C 308 -36.10 7.12 26.97
CA SER C 308 -36.85 8.31 27.38
C SER C 308 -37.95 8.64 26.37
N TRP C 309 -37.64 8.49 25.08
CA TRP C 309 -38.61 8.70 24.02
C TRP C 309 -39.81 7.78 24.18
N ASN C 310 -39.53 6.52 24.49
CA ASN C 310 -40.58 5.52 24.66
C ASN C 310 -41.51 5.88 25.80
N ALA C 311 -40.94 6.38 26.88
CA ALA C 311 -41.73 6.79 28.05
C ALA C 311 -42.62 7.96 27.73
N LYS C 312 -42.09 8.93 26.99
CA LYS C 312 -42.83 10.14 26.66
C LYS C 312 -43.93 9.86 25.64
N LEU C 313 -43.75 8.82 24.84
CA LEU C 313 -44.75 8.44 23.84
C LEU C 313 -45.90 7.66 24.46
N SER C 314 -45.73 7.24 25.71
CA SER C 314 -46.77 6.51 26.43
C SER C 314 -47.84 7.47 26.91
N ILE C 315 -47.54 8.77 26.89
CA ILE C 315 -48.47 9.81 27.29
C ILE C 315 -49.66 9.88 26.34
N ILE C 316 -49.47 9.36 25.13
CA ILE C 316 -50.52 9.31 24.13
C ILE C 316 -51.73 8.50 24.61
N ASN C 317 -51.46 7.36 25.23
CA ASN C 317 -52.52 6.50 25.76
C ASN C 317 -53.12 7.04 27.05
N GLU C 318 -52.28 7.71 27.85
CA GLU C 318 -52.70 8.24 29.15
C GLU C 318 -53.75 9.34 29.01
N PHE C 319 -53.72 10.05 27.89
CA PHE C 319 -54.68 11.13 27.63
C PHE C 319 -55.56 10.85 26.43
N GLY C 320 -55.28 9.73 25.75
CA GLY C 320 -56.02 9.39 24.54
C GLY C 320 -55.84 10.43 23.46
N LEU C 321 -54.59 10.87 23.27
CA LEU C 321 -54.27 11.92 22.30
C LEU C 321 -54.34 11.40 20.86
N ALA C 322 -54.29 12.33 19.92
CA ALA C 322 -54.29 11.97 18.51
C ALA C 322 -52.95 11.36 18.09
N GLY C 323 -51.86 11.86 18.69
CA GLY C 323 -50.55 11.36 18.37
C GLY C 323 -49.41 12.30 18.76
N VAL C 324 -48.38 12.36 17.92
CA VAL C 324 -47.19 13.15 18.22
C VAL C 324 -46.86 14.15 17.12
N GLY C 325 -46.15 15.21 17.50
CA GLY C 325 -45.59 16.15 16.55
C GLY C 325 -44.17 16.53 16.93
N PRO C 326 -43.21 15.62 16.69
CA PRO C 326 -41.82 15.84 17.06
C PRO C 326 -41.13 16.94 16.24
N TRP C 327 -40.10 17.53 16.82
CA TRP C 327 -39.26 18.50 16.11
C TRP C 327 -37.79 18.17 16.34
N ALA C 328 -37.03 17.94 15.27
CA ALA C 328 -37.54 17.88 13.90
C ALA C 328 -36.77 16.79 13.16
N MSE C 329 -37.13 16.56 11.90
CA MSE C 329 -36.51 15.47 11.13
C MSE C 329 -35.02 15.69 10.88
O MSE C 329 -34.26 14.73 10.73
CB MSE C 329 -37.23 15.28 9.79
CG MSE C 329 -38.54 14.49 9.92
SE MSE C 329 -39.09 13.63 8.26
CE MSE C 329 -39.46 15.22 7.19
N GLY C 330 -34.61 16.95 10.84
CA GLY C 330 -33.21 17.30 10.60
C GLY C 330 -32.26 16.80 11.67
N TRP C 331 -32.81 16.49 12.85
CA TRP C 331 -32.00 16.01 13.96
C TRP C 331 -31.94 14.48 13.98
N VAL C 332 -32.36 13.86 12.89
CA VAL C 332 -32.34 12.41 12.78
C VAL C 332 -31.40 11.96 11.66
N ASP C 333 -30.43 11.12 12.01
CA ASP C 333 -29.54 10.55 10.99
C ASP C 333 -29.72 9.04 10.91
N GLU C 334 -28.86 8.39 10.12
CA GLU C 334 -28.96 6.96 9.88
C GLU C 334 -28.87 6.14 11.17
N ASN C 335 -27.98 6.53 12.07
CA ASN C 335 -27.83 5.81 13.33
C ASN C 335 -29.03 6.00 14.25
N THR C 336 -29.59 7.20 14.26
CA THR C 336 -30.75 7.49 15.07
C THR C 336 -32.00 6.84 14.47
N ALA C 337 -32.11 6.90 13.15
CA ALA C 337 -33.29 6.40 12.44
C ALA C 337 -33.41 4.89 12.55
N GLU C 338 -32.30 4.22 12.83
CA GLU C 338 -32.26 2.77 12.89
C GLU C 338 -33.17 2.22 13.99
N GLY C 339 -33.40 3.02 15.03
CA GLY C 339 -34.23 2.59 16.14
C GLY C 339 -35.38 3.54 16.46
N LEU C 340 -35.32 4.76 15.93
CA LEU C 340 -36.36 5.75 16.19
C LEU C 340 -37.64 5.45 15.42
N PHE C 341 -37.51 5.10 14.16
CA PHE C 341 -38.67 4.80 13.33
C PHE C 341 -39.42 3.53 13.77
N PRO C 342 -38.70 2.46 14.15
CA PRO C 342 -39.45 1.35 14.73
C PRO C 342 -40.19 1.76 16.01
N LEU C 343 -39.59 2.64 16.80
CA LEU C 343 -40.22 3.15 18.02
C LEU C 343 -41.51 3.88 17.70
N LEU C 344 -41.48 4.68 16.64
CA LEU C 344 -42.66 5.38 16.16
C LEU C 344 -43.75 4.42 15.74
N ASN C 345 -43.35 3.36 15.04
CA ASN C 345 -44.30 2.35 14.57
C ASN C 345 -44.99 1.61 15.70
N GLN C 346 -44.29 1.46 16.82
CA GLN C 346 -44.83 0.78 17.98
C GLN C 346 -45.98 1.56 18.61
N HIS C 347 -45.80 2.87 18.76
CA HIS C 347 -46.75 3.71 19.46
C HIS C 347 -47.85 4.27 18.56
N LEU C 348 -47.58 4.37 17.27
CA LEU C 348 -48.49 5.07 16.36
C LEU C 348 -49.20 4.13 15.38
N ARG C 349 -48.91 2.85 15.47
CA ARG C 349 -49.58 1.85 14.63
C ARG C 349 -50.17 0.73 15.48
N SER D 1 33.42 10.17 15.35
CA SER D 1 33.19 8.90 16.01
C SER D 1 33.01 9.07 17.52
N ASN D 2 31.88 8.63 18.03
CA ASN D 2 31.60 8.68 19.47
C ASN D 2 31.20 7.30 19.98
N ALA D 3 30.89 6.40 19.05
CA ALA D 3 30.48 5.04 19.39
C ALA D 3 31.68 4.12 19.55
N LYS D 4 31.56 3.16 20.47
CA LYS D 4 32.63 2.21 20.75
C LYS D 4 32.15 0.78 20.53
N ILE D 5 32.93 -0.18 21.02
CA ILE D 5 32.58 -1.60 20.86
C ILE D 5 32.06 -2.22 22.15
N SER D 6 30.86 -2.78 22.08
CA SER D 6 30.28 -3.48 23.22
C SER D 6 30.25 -4.98 22.99
N LEU D 7 31.23 -5.68 23.58
CA LEU D 7 31.31 -7.13 23.47
C LEU D 7 30.73 -7.81 24.71
N GLN D 8 29.54 -8.39 24.56
CA GLN D 8 28.90 -9.08 25.68
C GLN D 8 29.11 -10.58 25.57
N TYR D 9 29.32 -11.23 26.71
CA TYR D 9 29.55 -12.67 26.71
C TYR D 9 28.28 -13.45 27.05
N TRP D 10 27.88 -14.28 26.10
CA TRP D 10 26.66 -15.06 26.16
C TRP D 10 26.87 -16.37 26.92
N ASP D 11 26.92 -16.29 28.25
CA ASP D 11 27.24 -17.47 29.06
C ASP D 11 26.03 -18.38 29.31
N GLY D 12 25.66 -19.14 28.28
CA GLY D 12 24.53 -20.04 28.37
C GLY D 12 24.93 -21.50 28.47
N TYR D 13 26.20 -21.76 28.20
CA TYR D 13 26.77 -23.12 28.29
C TYR D 13 26.00 -24.12 27.44
N ALA D 14 25.50 -25.17 28.09
CA ALA D 14 24.79 -26.23 27.38
C ALA D 14 23.28 -26.11 27.51
N SER D 15 22.81 -24.92 27.85
CA SER D 15 21.38 -24.68 28.03
C SER D 15 20.83 -23.73 26.96
N TYR D 16 20.13 -24.30 25.98
CA TYR D 16 19.52 -23.52 24.90
C TYR D 16 18.56 -22.47 25.45
N GLU D 17 17.90 -22.81 26.55
CA GLU D 17 16.92 -21.93 27.18
C GLU D 17 17.58 -20.66 27.70
N THR D 18 18.73 -20.80 28.34
CA THR D 18 19.41 -19.67 28.97
C THR D 18 19.92 -18.67 27.93
N TYR D 19 20.39 -19.16 26.79
CA TYR D 19 20.79 -18.28 25.69
C TYR D 19 19.61 -17.41 25.29
N LEU D 20 18.45 -18.04 25.18
CA LEU D 20 17.22 -17.35 24.81
C LEU D 20 16.88 -16.28 25.84
N ARG D 21 16.92 -16.65 27.12
CA ARG D 21 16.49 -15.76 28.20
C ARG D 21 17.42 -14.57 28.37
N GLN D 22 18.72 -14.78 28.19
CA GLN D 22 19.70 -13.70 28.32
C GLN D 22 19.54 -12.71 27.17
N LEU D 23 19.29 -13.22 25.97
CA LEU D 23 19.06 -12.38 24.80
C LEU D 23 17.76 -11.61 24.97
N SER D 24 16.83 -12.21 25.69
CA SER D 24 15.51 -11.63 25.93
C SER D 24 15.54 -10.49 26.94
N LEU D 25 16.63 -10.38 27.68
CA LEU D 25 16.72 -9.41 28.76
C LEU D 25 17.43 -8.13 28.31
N ILE D 26 17.27 -7.79 27.04
CA ILE D 26 17.91 -6.62 26.47
C ILE D 26 16.89 -5.63 25.92
N PRO D 27 16.88 -4.40 26.44
CA PRO D 27 15.94 -3.34 26.06
C PRO D 27 15.88 -3.06 24.56
N GLY D 28 14.83 -2.37 24.14
CA GLY D 28 14.59 -2.09 22.73
C GLY D 28 15.75 -1.44 22.01
N LYS D 29 15.85 -1.71 20.70
CA LYS D 29 16.98 -1.30 19.88
C LYS D 29 18.26 -1.82 20.54
N ALA D 30 18.46 -3.12 20.48
CA ALA D 30 19.54 -3.80 21.19
C ALA D 30 20.93 -3.34 20.75
N THR D 31 21.02 -2.79 19.54
CA THR D 31 22.29 -2.30 19.02
C THR D 31 22.75 -1.05 19.75
N ASP D 32 21.84 -0.41 20.48
CA ASP D 32 22.18 0.78 21.26
C ASP D 32 22.89 0.39 22.56
N TYR D 33 23.09 -0.90 22.77
CA TYR D 33 23.74 -1.38 23.98
C TYR D 33 24.81 -2.42 23.68
N VAL D 34 24.60 -3.23 22.63
CA VAL D 34 25.48 -4.34 22.34
C VAL D 34 25.89 -4.39 20.86
N ASP D 35 27.15 -4.73 20.61
CA ASP D 35 27.65 -4.89 19.25
C ASP D 35 27.89 -6.37 18.92
N TYR D 36 28.59 -7.06 19.81
CA TYR D 36 28.90 -8.48 19.61
C TYR D 36 28.45 -9.32 20.80
N VAL D 37 27.90 -10.49 20.51
CA VAL D 37 27.61 -11.47 21.57
C VAL D 37 28.47 -12.71 21.38
N SER D 38 29.05 -13.19 22.47
CA SER D 38 29.96 -14.32 22.42
C SER D 38 29.45 -15.49 23.27
N PRO D 39 28.94 -16.54 22.61
CA PRO D 39 28.44 -17.74 23.27
C PRO D 39 29.51 -18.80 23.45
N ASN D 40 29.57 -19.41 24.63
CA ASN D 40 30.53 -20.48 24.87
C ASN D 40 29.95 -21.84 24.47
N TRP D 41 29.86 -22.05 23.16
CA TRP D 41 29.35 -23.29 22.61
C TRP D 41 30.41 -24.38 22.66
N ARG D 42 31.59 -24.02 23.17
CA ARG D 42 32.69 -24.98 23.31
C ARG D 42 32.35 -25.99 24.39
N GLY D 43 32.26 -27.26 24.01
CA GLY D 43 32.03 -28.33 24.94
C GLY D 43 33.33 -28.99 25.36
N SER D 44 34.23 -29.15 24.40
CA SER D 44 35.50 -29.83 24.64
C SER D 44 36.51 -29.59 23.53
N ILE D 45 37.78 -29.51 23.90
CA ILE D 45 38.87 -29.41 22.94
C ILE D 45 39.92 -30.48 23.19
N GLY D 46 40.14 -31.35 22.20
CA GLY D 46 41.10 -32.43 22.33
C GLY D 46 42.51 -32.02 21.99
N THR D 47 43.47 -32.90 22.27
CA THR D 47 44.88 -32.63 22.01
C THR D 47 45.18 -32.58 20.51
N ASP D 48 44.39 -33.31 19.72
CA ASP D 48 44.61 -33.37 18.29
C ASP D 48 44.05 -32.15 17.56
N GLY D 49 43.33 -31.32 18.30
CA GLY D 49 42.73 -30.13 17.73
C GLY D 49 41.26 -30.33 17.39
N SER D 50 40.68 -31.41 17.90
CA SER D 50 39.27 -31.70 17.68
C SER D 50 38.39 -30.83 18.58
N LEU D 51 37.33 -30.28 18.00
CA LEU D 51 36.43 -29.40 18.74
C LEU D 51 35.04 -30.00 18.88
N LYS D 52 34.69 -30.43 20.09
CA LYS D 52 33.34 -30.89 20.37
C LYS D 52 32.51 -29.76 20.95
N LEU D 53 31.35 -29.51 20.36
CA LEU D 53 30.49 -28.43 20.82
C LEU D 53 29.54 -28.89 21.93
N VAL D 54 28.85 -27.93 22.53
CA VAL D 54 28.00 -28.19 23.69
C VAL D 54 26.87 -29.17 23.41
N TRP D 55 26.38 -29.18 22.16
CA TRP D 55 25.28 -30.07 21.81
C TRP D 55 25.71 -31.15 20.83
N ASP D 56 24.72 -31.84 20.26
CA ASP D 56 24.98 -32.97 19.37
C ASP D 56 25.70 -32.55 18.08
N GLU D 57 26.14 -33.54 17.32
CA GLU D 57 27.00 -33.33 16.16
C GLU D 57 26.37 -32.45 15.08
N GLY D 58 25.06 -32.62 14.87
CA GLY D 58 24.39 -31.91 13.79
C GLY D 58 23.19 -31.08 14.23
N SER D 59 23.24 -30.56 15.46
CA SER D 59 22.15 -29.74 15.98
C SER D 59 22.02 -28.43 15.20
N SER D 60 20.78 -27.99 15.03
CA SER D 60 20.51 -26.74 14.33
C SER D 60 20.44 -25.59 15.32
N ASN D 61 20.73 -25.90 16.58
CA ASN D 61 20.64 -24.91 17.65
C ASN D 61 21.54 -23.70 17.42
N TYR D 62 22.75 -23.95 16.93
CA TYR D 62 23.72 -22.89 16.71
C TYR D 62 23.24 -21.93 15.63
N LYS D 63 22.77 -22.49 14.52
CA LYS D 63 22.29 -21.68 13.40
C LYS D 63 21.07 -20.87 13.80
N GLN D 64 20.21 -21.45 14.63
CA GLN D 64 19.00 -20.77 15.08
C GLN D 64 19.31 -19.65 16.06
N LEU D 65 20.35 -19.86 16.87
CA LEU D 65 20.75 -18.88 17.86
C LEU D 65 21.41 -17.67 17.20
N THR D 66 22.26 -17.92 16.21
CA THR D 66 22.94 -16.84 15.51
C THR D 66 21.96 -16.07 14.62
N ASN D 67 20.91 -16.75 14.18
CA ASN D 67 19.90 -16.12 13.34
C ASN D 67 19.08 -15.11 14.13
N MSE D 68 18.75 -15.49 15.37
CA MSE D 68 17.99 -14.62 16.24
C MSE D 68 18.77 -13.38 16.64
O MSE D 68 18.26 -12.26 16.60
CB MSE D 68 17.53 -15.37 17.49
CG MSE D 68 16.76 -14.50 18.46
SE MSE D 68 15.21 -15.40 19.20
CE MSE D 68 16.10 -16.49 20.54
N ALA D 69 20.03 -13.59 17.03
CA ALA D 69 20.91 -12.50 17.43
C ALA D 69 21.15 -11.55 16.25
N HIS D 70 21.19 -12.10 15.05
CA HIS D 70 21.33 -11.30 13.85
C HIS D 70 20.08 -10.47 13.59
N GLY D 71 18.92 -11.05 13.95
CA GLY D 71 17.65 -10.36 13.80
C GLY D 71 17.57 -9.09 14.63
N LEU D 72 18.15 -9.14 15.83
CA LEU D 72 18.14 -7.99 16.73
C LEU D 72 19.21 -6.96 16.35
N GLY D 73 19.99 -7.28 15.32
CA GLY D 73 20.99 -6.36 14.80
C GLY D 73 22.37 -6.56 15.38
N MSE D 74 22.65 -7.76 15.88
CA MSE D 74 23.93 -8.05 16.51
C MSE D 74 24.81 -8.94 15.64
O MSE D 74 24.41 -9.39 14.58
CB MSE D 74 23.72 -8.72 17.86
CG MSE D 74 23.13 -7.82 18.92
SE MSE D 74 22.76 -8.86 20.52
CE MSE D 74 22.00 -7.47 21.64
N LYS D 75 26.04 -9.19 16.13
CA LYS D 75 26.99 -10.06 15.45
C LYS D 75 27.48 -11.13 16.41
N VAL D 76 27.54 -12.37 15.96
CA VAL D 76 27.85 -13.50 16.83
C VAL D 76 29.30 -13.95 16.72
N LEU D 77 29.98 -14.05 17.86
CA LEU D 77 31.37 -14.51 17.91
C LEU D 77 31.53 -15.67 18.89
N PRO D 78 31.30 -16.91 18.42
CA PRO D 78 31.43 -18.12 19.24
C PRO D 78 32.71 -18.16 20.05
N LEU D 79 32.60 -18.54 21.32
CA LEU D 79 33.72 -18.52 22.25
C LEU D 79 34.44 -19.87 22.34
N ILE D 80 35.73 -19.86 22.05
CA ILE D 80 36.56 -21.06 22.11
C ILE D 80 37.47 -21.05 23.32
N ASN D 81 37.10 -21.82 24.34
CA ASN D 81 37.80 -21.84 25.62
C ASN D 81 38.82 -22.96 25.75
N GLY D 82 39.90 -22.71 26.48
CA GLY D 82 40.90 -23.73 26.72
C GLY D 82 42.04 -23.24 27.61
N SER D 83 42.72 -24.19 28.25
CA SER D 83 43.88 -23.90 29.08
C SER D 83 44.63 -25.17 29.46
N GLY D 84 45.69 -25.01 30.24
CA GLY D 84 46.43 -26.14 30.78
C GLY D 84 47.18 -26.97 29.76
N ALA D 85 47.59 -28.16 30.16
CA ALA D 85 48.43 -29.04 29.33
C ALA D 85 47.77 -29.40 28.01
N THR D 86 46.45 -29.50 28.02
CA THR D 86 45.69 -29.85 26.82
C THR D 86 45.97 -28.86 25.70
N LEU D 87 46.00 -27.59 26.06
CA LEU D 87 46.27 -26.52 25.10
C LEU D 87 47.74 -26.49 24.70
N ASN D 88 48.62 -26.77 25.67
CA ASN D 88 50.06 -26.78 25.43
C ASN D 88 50.46 -27.72 24.31
N THR D 89 50.03 -28.97 24.40
CA THR D 89 50.39 -29.97 23.42
C THR D 89 49.75 -29.70 22.06
N LEU D 90 48.58 -29.06 22.08
CA LEU D 90 47.87 -28.73 20.84
C LEU D 90 48.65 -27.69 20.04
N LEU D 91 48.94 -26.57 20.68
CA LEU D 91 49.62 -25.46 20.03
C LEU D 91 51.02 -25.84 19.56
N LYS D 92 51.63 -26.80 20.26
CA LYS D 92 52.98 -27.26 19.91
C LYS D 92 52.97 -28.03 18.60
N SER D 93 51.86 -28.73 18.35
CA SER D 93 51.71 -29.50 17.12
C SER D 93 51.12 -28.66 15.99
N PRO D 94 51.90 -28.48 14.91
CA PRO D 94 51.48 -27.69 13.74
C PRO D 94 50.26 -28.27 13.04
N ALA D 95 50.07 -29.59 13.15
CA ALA D 95 48.92 -30.25 12.55
C ALA D 95 47.67 -30.03 13.41
N ALA D 96 47.85 -30.11 14.73
CA ALA D 96 46.76 -29.89 15.67
C ALA D 96 46.19 -28.48 15.54
N ARG D 97 47.09 -27.52 15.31
CA ARG D 97 46.68 -26.13 15.13
C ARG D 97 45.81 -25.97 13.89
N GLU D 98 46.27 -26.51 12.77
CA GLU D 98 45.53 -26.43 11.51
C GLU D 98 44.17 -27.12 11.60
N LYS D 99 44.08 -28.14 12.45
CA LYS D 99 42.85 -28.89 12.61
C LYS D 99 41.79 -28.09 13.35
N LEU D 100 42.21 -27.41 14.41
CA LEU D 100 41.30 -26.59 15.20
C LEU D 100 40.78 -25.42 14.39
N ILE D 101 41.62 -24.87 13.53
CA ILE D 101 41.20 -23.78 12.63
C ILE D 101 40.05 -24.24 11.75
N GLY D 102 40.27 -25.35 11.05
CA GLY D 102 39.27 -25.90 10.15
C GLY D 102 37.95 -26.21 10.84
N GLU D 103 38.04 -26.65 12.10
CA GLU D 103 36.85 -26.91 12.90
C GLU D 103 36.10 -25.60 13.19
N ILE D 104 36.86 -24.53 13.39
CA ILE D 104 36.26 -23.21 13.59
C ILE D 104 35.66 -22.72 12.28
N VAL D 105 36.33 -23.04 11.17
CA VAL D 105 35.84 -22.67 9.85
C VAL D 105 34.50 -23.33 9.54
N VAL D 106 34.44 -24.65 9.72
CA VAL D 106 33.20 -25.38 9.46
C VAL D 106 32.13 -25.02 10.47
N LEU D 107 32.55 -24.43 11.59
CA LEU D 107 31.60 -23.88 12.55
C LEU D 107 31.02 -22.58 12.00
N LEU D 108 31.91 -21.70 11.54
CA LEU D 108 31.50 -20.40 11.00
C LEU D 108 30.81 -20.53 9.64
N LYS D 109 30.77 -21.74 9.09
CA LYS D 109 30.06 -21.97 7.84
C LYS D 109 28.67 -22.57 8.11
N ASN D 110 28.62 -23.63 8.91
CA ASN D 110 27.37 -24.27 9.27
C ASN D 110 26.46 -23.33 10.05
N THR D 111 27.09 -22.41 10.78
CA THR D 111 26.40 -21.29 11.39
C THR D 111 26.81 -20.05 10.61
N ASN D 112 26.06 -18.96 10.71
CA ASN D 112 26.41 -17.77 9.96
C ASN D 112 27.05 -16.70 10.83
N ALA D 113 27.85 -17.13 11.80
CA ALA D 113 28.49 -16.21 12.73
C ALA D 113 29.42 -15.24 12.02
N ASP D 114 29.81 -14.19 12.72
CA ASP D 114 30.58 -13.11 12.12
C ASP D 114 32.05 -13.18 12.49
N GLY D 115 32.41 -14.16 13.32
CA GLY D 115 33.79 -14.34 13.73
C GLY D 115 33.92 -15.28 14.92
N VAL D 116 35.02 -15.16 15.65
CA VAL D 116 35.29 -16.06 16.76
C VAL D 116 36.06 -15.34 17.87
N VAL D 117 35.83 -15.76 19.11
CA VAL D 117 36.63 -15.25 20.23
C VAL D 117 37.50 -16.35 20.81
N ILE D 118 38.80 -16.21 20.65
CA ILE D 118 39.76 -17.16 21.23
C ILE D 118 40.02 -16.81 22.68
N ASP D 119 39.84 -17.78 23.57
CA ASP D 119 40.05 -17.56 25.00
C ASP D 119 41.00 -18.61 25.56
N PHE D 120 42.26 -18.52 25.13
CA PHE D 120 43.30 -19.43 25.59
C PHE D 120 43.98 -18.87 26.83
N GLU D 121 43.69 -19.47 27.98
CA GLU D 121 44.13 -18.91 29.26
C GLU D 121 45.27 -19.69 29.92
N THR D 122 45.90 -19.06 30.92
CA THR D 122 46.93 -19.69 31.72
C THR D 122 46.31 -20.79 32.59
N PRO D 123 47.10 -21.79 32.99
CA PRO D 123 48.55 -21.94 32.81
C PRO D 123 48.95 -22.40 31.41
N LEU D 124 49.89 -21.69 30.81
CA LEU D 124 50.46 -22.07 29.53
C LEU D 124 51.97 -22.22 29.72
N ASP D 125 52.59 -23.05 28.90
CA ASP D 125 54.02 -23.33 29.04
C ASP D 125 54.86 -22.07 28.87
N TYR D 126 55.53 -21.66 29.94
CA TYR D 126 56.39 -20.49 29.89
C TYR D 126 57.86 -20.86 29.98
N GLY D 127 58.18 -22.11 29.68
CA GLY D 127 59.55 -22.61 29.66
C GLY D 127 60.37 -22.23 30.88
N ASP D 128 61.64 -21.92 30.67
CA ASP D 128 62.50 -21.44 31.75
C ASP D 128 62.00 -20.09 32.25
N VAL D 129 62.20 -19.83 33.54
CA VAL D 129 61.69 -18.60 34.15
C VAL D 129 62.30 -17.34 33.52
N LYS D 130 63.61 -17.34 33.34
CA LYS D 130 64.31 -16.13 32.91
C LYS D 130 64.36 -15.96 31.39
N ASP D 131 64.21 -17.04 30.64
CA ASP D 131 64.14 -16.96 29.19
C ASP D 131 62.77 -16.40 28.80
N PRO D 132 62.74 -15.24 28.14
CA PRO D 132 61.45 -14.61 27.87
C PRO D 132 60.79 -15.06 26.56
N TYR D 133 61.46 -15.89 25.78
CA TYR D 133 60.97 -16.20 24.44
C TYR D 133 60.75 -17.70 24.19
N ASP D 134 60.93 -18.53 25.21
CA ASP D 134 60.72 -19.96 25.03
C ASP D 134 59.34 -20.36 25.53
N GLY D 135 59.01 -21.64 25.40
CA GLY D 135 57.71 -22.14 25.80
C GLY D 135 56.73 -22.19 24.63
N VAL D 136 55.46 -22.07 24.95
CA VAL D 136 54.40 -22.15 23.94
C VAL D 136 54.20 -20.80 23.24
N ARG D 137 54.95 -19.80 23.70
CA ARG D 137 54.79 -18.40 23.27
C ARG D 137 54.65 -18.20 21.77
N ASN D 138 55.62 -18.66 20.99
CA ASN D 138 55.61 -18.45 19.55
C ASN D 138 54.61 -19.35 18.83
N ASP D 139 54.29 -20.48 19.43
CA ASP D 139 53.29 -21.38 18.88
C ASP D 139 51.89 -20.77 18.99
N LEU D 140 51.61 -20.14 20.13
CA LEU D 140 50.35 -19.46 20.34
C LEU D 140 50.19 -18.31 19.34
N THR D 141 51.29 -17.63 19.05
CA THR D 141 51.29 -16.54 18.09
C THR D 141 51.08 -17.07 16.68
N ALA D 142 51.75 -18.17 16.36
CA ALA D 142 51.61 -18.82 15.05
C ALA D 142 50.17 -19.26 14.82
N PHE D 143 49.53 -19.74 15.86
CA PHE D 143 48.14 -20.18 15.79
C PHE D 143 47.21 -19.02 15.44
N MSE D 144 47.46 -17.87 16.05
CA MSE D 144 46.63 -16.69 15.84
C MSE D 144 46.82 -16.10 14.45
O MSE D 144 45.87 -15.63 13.82
CB MSE D 144 46.91 -15.63 16.91
CG MSE D 144 46.54 -16.07 18.31
SE MSE D 144 44.65 -16.55 18.47
CE MSE D 144 43.87 -14.86 17.92
N GLU D 145 48.06 -16.12 13.96
CA GLU D 145 48.36 -15.61 12.63
C GLU D 145 47.70 -16.46 11.54
N SER D 146 47.61 -17.77 11.78
CA SER D 146 46.98 -18.68 10.83
C SER D 146 45.46 -18.57 10.89
N LEU D 147 44.95 -18.19 12.05
CA LEU D 147 43.52 -18.01 12.23
C LEU D 147 43.06 -16.70 11.62
N HIS D 148 43.78 -15.63 11.90
CA HIS D 148 43.47 -14.31 11.39
C HIS D 148 43.53 -14.28 9.87
N SER D 149 44.56 -14.92 9.32
CA SER D 149 44.74 -14.98 7.87
C SER D 149 43.60 -15.72 7.20
N GLU D 150 43.13 -16.79 7.86
CA GLU D 150 42.07 -17.62 7.31
C GLU D 150 40.73 -16.90 7.35
N LEU D 151 40.38 -16.37 8.52
CA LEU D 151 39.09 -15.73 8.73
C LEU D 151 38.96 -14.41 7.97
N GLN D 152 40.08 -13.76 7.71
CA GLN D 152 40.06 -12.48 7.00
C GLN D 152 39.66 -12.69 5.55
N SER D 153 39.89 -13.90 5.04
CA SER D 153 39.49 -14.25 3.69
C SER D 153 37.99 -14.51 3.63
N MSE D 154 37.38 -14.72 4.79
CA MSE D 154 35.96 -15.01 4.88
C MSE D 154 35.17 -13.81 5.38
O MSE D 154 33.97 -13.90 5.63
CB MSE D 154 35.70 -16.20 5.81
CG MSE D 154 36.44 -17.46 5.43
SE MSE D 154 36.09 -18.88 6.74
CE MSE D 154 37.90 -19.08 7.42
N ASN D 155 35.86 -12.67 5.54
CA ASN D 155 35.28 -11.46 6.12
C ASN D 155 34.73 -11.74 7.51
N LYS D 156 35.45 -12.56 8.27
CA LYS D 156 35.08 -12.87 9.65
C LYS D 156 36.05 -12.21 10.62
N LEU D 157 35.53 -11.76 11.76
CA LEU D 157 36.34 -11.05 12.74
C LEU D 157 37.08 -11.99 13.68
N VAL D 158 38.21 -11.52 14.21
CA VAL D 158 38.99 -12.29 15.17
C VAL D 158 39.21 -11.49 16.44
N VAL D 159 38.71 -12.01 17.56
CA VAL D 159 38.91 -11.39 18.85
C VAL D 159 39.59 -12.36 19.79
N MSE D 160 40.64 -11.92 20.47
CA MSE D 160 41.37 -12.78 21.38
C MSE D 160 41.34 -12.27 22.82
O MSE D 160 41.74 -11.15 23.09
CB MSE D 160 42.82 -12.95 20.92
CG MSE D 160 43.60 -13.96 21.74
SE MSE D 160 45.50 -13.97 21.34
CE MSE D 160 46.02 -15.55 22.37
N ALA D 161 40.87 -13.12 23.72
CA ALA D 161 40.85 -12.79 25.14
C ALA D 161 42.17 -13.22 25.77
N VAL D 162 42.96 -12.24 26.19
CA VAL D 162 44.26 -12.51 26.80
C VAL D 162 44.25 -12.22 28.30
N MSE D 163 45.23 -12.78 28.99
CA MSE D 163 45.37 -12.57 30.42
C MSE D 163 45.83 -11.16 30.73
O MSE D 163 46.53 -10.54 29.93
CB MSE D 163 46.34 -13.59 31.03
CG MSE D 163 45.87 -15.03 30.92
SE MSE D 163 44.35 -15.45 32.05
CE MSE D 163 42.88 -14.93 30.87
N PRO D 164 45.44 -10.63 31.91
CA PRO D 164 45.93 -9.31 32.31
C PRO D 164 47.36 -9.40 32.85
N ARG D 165 48.26 -8.64 32.25
CA ARG D 165 49.62 -8.57 32.77
C ARG D 165 49.91 -7.17 33.29
N MSE D 166 50.69 -7.10 34.35
CA MSE D 166 50.91 -5.85 35.06
C MSE D 166 52.35 -5.35 34.96
O MSE D 166 52.59 -4.19 34.63
CB MSE D 166 50.52 -6.03 36.51
CG MSE D 166 50.23 -4.76 37.26
SE MSE D 166 50.12 -5.16 39.14
CE MSE D 166 49.15 -6.85 39.03
N SER D 167 53.30 -6.24 35.24
CA SER D 167 54.71 -5.88 35.18
C SER D 167 55.57 -6.94 34.49
N SER D 168 56.83 -6.62 34.28
CA SER D 168 57.79 -7.51 33.65
C SER D 168 58.02 -8.77 34.46
N SER D 169 57.90 -8.64 35.78
CA SER D 169 58.27 -9.72 36.70
C SER D 169 57.30 -10.91 36.66
N GLN D 170 56.20 -10.77 35.94
CA GLN D 170 55.19 -11.83 35.86
C GLN D 170 55.50 -12.80 34.73
N TYR D 171 56.53 -13.62 34.92
CA TYR D 171 57.06 -14.48 33.86
C TYR D 171 56.12 -15.60 33.43
N TRP D 172 55.16 -15.95 34.29
CA TRP D 172 54.23 -17.03 33.97
C TRP D 172 53.20 -16.60 32.92
N LEU D 173 53.31 -15.34 32.50
CA LEU D 173 52.42 -14.79 31.47
C LEU D 173 53.17 -14.57 30.16
N ASP D 174 54.40 -15.07 30.10
CA ASP D 174 55.26 -14.84 28.94
C ASP D 174 54.76 -15.51 27.67
N ALA D 175 53.72 -16.34 27.79
CA ALA D 175 53.16 -17.02 26.64
C ALA D 175 52.48 -16.03 25.68
N TYR D 176 52.12 -14.87 26.19
CA TYR D 176 51.42 -13.87 25.40
C TYR D 176 52.34 -12.80 24.82
N ASP D 177 52.70 -12.96 23.55
CA ASP D 177 53.41 -11.91 22.82
C ASP D 177 52.39 -10.84 22.44
N TYR D 178 52.10 -9.94 23.38
CA TYR D 178 51.02 -8.99 23.24
C TYR D 178 51.11 -8.13 21.97
N GLU D 179 52.32 -7.69 21.63
CA GLU D 179 52.49 -6.86 20.45
C GLU D 179 52.22 -7.66 19.18
N ALA D 180 52.74 -8.89 19.13
CA ALA D 180 52.56 -9.74 17.96
C ALA D 180 51.11 -10.20 17.83
N LEU D 181 50.48 -10.50 18.96
CA LEU D 181 49.10 -10.98 18.95
C LEU D 181 48.14 -9.87 18.53
N SER D 182 48.51 -8.62 18.82
CA SER D 182 47.67 -7.48 18.49
C SER D 182 47.61 -7.26 16.98
N HIS D 183 48.62 -7.76 16.28
CA HIS D 183 48.67 -7.65 14.82
C HIS D 183 48.06 -8.90 14.16
N ALA D 184 47.56 -9.82 14.98
CA ALA D 184 46.94 -11.04 14.49
C ALA D 184 45.47 -11.11 14.91
N VAL D 185 44.91 -9.97 15.30
CA VAL D 185 43.51 -9.89 15.69
C VAL D 185 42.88 -8.60 15.17
N ASP D 186 41.56 -8.54 15.22
CA ASP D 186 40.83 -7.33 14.92
C ASP D 186 40.60 -6.55 16.22
N TYR D 187 40.40 -7.29 17.30
CA TYR D 187 40.29 -6.71 18.63
C TYR D 187 41.01 -7.58 19.66
N LEU D 188 41.70 -6.94 20.59
CA LEU D 188 42.38 -7.65 21.65
C LEU D 188 41.68 -7.39 22.98
N HIS D 189 40.94 -8.38 23.46
CA HIS D 189 40.19 -8.25 24.71
C HIS D 189 41.05 -8.62 25.91
N VAL D 190 41.54 -7.61 26.62
CA VAL D 190 42.32 -7.83 27.82
C VAL D 190 41.39 -8.00 29.02
N MSE D 191 41.27 -9.22 29.49
CA MSE D 191 40.35 -9.56 30.58
C MSE D 191 40.74 -8.93 31.91
O MSE D 191 41.16 -9.63 32.83
CB MSE D 191 40.25 -11.07 30.73
CG MSE D 191 39.56 -11.77 29.57
SE MSE D 191 39.66 -13.70 29.72
CE MSE D 191 37.93 -14.15 28.95
N THR D 192 40.58 -7.62 32.02
CA THR D 192 40.94 -6.91 33.25
C THR D 192 39.92 -7.13 34.36
N TYR D 193 39.86 -8.36 34.86
CA TYR D 193 39.07 -8.67 36.05
C TYR D 193 39.63 -9.90 36.76
N ASP D 194 38.92 -10.34 37.79
CA ASP D 194 39.36 -11.43 38.67
C ASP D 194 40.69 -11.13 39.34
N HIS D 195 40.94 -9.86 39.63
CA HIS D 195 42.11 -9.46 40.42
C HIS D 195 42.09 -10.19 41.74
N HIS D 196 40.89 -10.28 42.33
CA HIS D 196 40.62 -11.19 43.43
C HIS D 196 39.70 -12.30 42.93
N TYR D 197 40.09 -13.55 43.13
CA TYR D 197 39.35 -14.68 42.58
C TYR D 197 38.68 -15.52 43.65
N ARG D 198 38.12 -16.66 43.24
CA ARG D 198 37.22 -17.45 44.08
C ARG D 198 37.84 -17.91 45.40
N THR D 199 39.10 -18.35 45.37
CA THR D 199 39.73 -18.90 46.56
C THR D 199 40.78 -17.98 47.18
N SER D 200 40.88 -16.75 46.68
CA SER D 200 41.80 -15.79 47.24
C SER D 200 41.15 -15.03 48.38
N ALA D 201 41.94 -14.19 49.06
CA ALA D 201 41.40 -13.31 50.08
C ALA D 201 40.42 -12.33 49.45
N PRO D 202 39.45 -11.84 50.24
CA PRO D 202 38.46 -10.89 49.72
C PRO D 202 39.09 -9.57 49.27
N GLY D 203 38.64 -9.06 48.13
CA GLY D 203 39.12 -7.80 47.61
C GLY D 203 38.37 -7.42 46.34
N PRO D 204 38.64 -6.22 45.82
CA PRO D 204 37.94 -5.74 44.61
C PRO D 204 38.22 -6.64 43.41
N ILE D 205 37.18 -7.02 42.68
CA ILE D 205 37.33 -7.89 41.53
C ILE D 205 38.15 -7.22 40.43
N ALA D 206 37.98 -5.92 40.28
CA ALA D 206 38.71 -5.15 39.28
C ALA D 206 38.82 -3.69 39.68
N PRO D 207 39.78 -3.37 40.55
CA PRO D 207 39.98 -2.01 41.06
C PRO D 207 40.33 -1.04 39.94
N TYR D 208 39.76 0.16 39.98
CA TYR D 208 40.00 1.17 38.94
C TYR D 208 41.48 1.43 38.63
N PRO D 209 42.33 1.60 39.66
CA PRO D 209 43.74 1.84 39.31
C PRO D 209 44.41 0.62 38.67
N TRP D 210 43.99 -0.58 39.05
CA TRP D 210 44.61 -1.80 38.55
C TRP D 210 44.32 -2.00 37.05
N ILE D 211 43.11 -1.67 36.64
CA ILE D 211 42.75 -1.73 35.22
C ILE D 211 43.72 -0.89 34.39
N LYS D 212 43.98 0.32 34.87
CA LYS D 212 44.85 1.26 34.17
C LYS D 212 46.29 0.77 34.12
N GLN D 213 46.74 0.15 35.22
CA GLN D 213 48.09 -0.41 35.27
C GLN D 213 48.29 -1.48 34.22
N VAL D 214 47.32 -2.37 34.08
CA VAL D 214 47.35 -3.43 33.09
C VAL D 214 47.42 -2.84 31.68
N LEU D 215 46.49 -1.93 31.39
CA LEU D 215 46.45 -1.29 30.08
C LEU D 215 47.71 -0.48 29.80
N THR D 216 48.30 0.10 30.83
CA THR D 216 49.54 0.85 30.68
C THR D 216 50.68 -0.08 30.30
N TYR D 217 50.75 -1.24 30.94
CA TYR D 217 51.71 -2.27 30.57
C TYR D 217 51.52 -2.70 29.12
N ILE D 218 50.27 -3.01 28.78
CA ILE D 218 49.93 -3.45 27.42
C ILE D 218 50.33 -2.38 26.40
N GLN D 219 50.05 -1.12 26.72
CA GLN D 219 50.43 0.00 25.86
C GLN D 219 51.96 0.10 25.74
N GLY D 220 52.66 -0.32 26.79
CA GLY D 220 54.11 -0.31 26.80
C GLY D 220 54.73 -1.35 25.89
N GLN D 221 53.96 -2.40 25.60
CA GLN D 221 54.44 -3.44 24.69
C GLN D 221 54.27 -3.01 23.24
N GLY D 222 53.62 -1.87 23.04
CA GLY D 222 53.48 -1.29 21.72
C GLY D 222 52.29 -1.79 20.93
N VAL D 223 51.20 -2.10 21.62
CA VAL D 223 49.98 -2.52 20.93
C VAL D 223 49.09 -1.32 20.67
N ASP D 224 48.29 -1.41 19.61
CA ASP D 224 47.37 -0.34 19.26
C ASP D 224 46.16 -0.34 20.20
N MSE D 225 46.10 0.66 21.07
CA MSE D 225 45.03 0.75 22.06
C MSE D 225 43.68 0.99 21.41
O MSE D 225 42.64 0.86 22.05
CB MSE D 225 45.34 1.86 23.07
CG MSE D 225 46.69 1.71 23.75
SE MSE D 225 46.96 -0.07 24.54
CE MSE D 225 45.75 0.07 26.06
N SER D 226 43.68 1.33 20.12
CA SER D 226 42.45 1.45 19.34
C SER D 226 41.83 0.08 19.09
N LYS D 227 42.57 -0.97 19.41
CA LYS D 227 42.13 -2.33 19.15
C LYS D 227 41.91 -3.11 20.44
N VAL D 228 42.10 -2.44 21.57
CA VAL D 228 41.98 -3.10 22.87
C VAL D 228 40.58 -2.98 23.46
N LEU D 229 40.02 -4.10 23.88
CA LEU D 229 38.79 -4.12 24.65
C LEU D 229 39.12 -4.41 26.12
N MSE D 230 38.77 -3.48 27.00
CA MSE D 230 39.00 -3.70 28.42
C MSE D 230 37.96 -4.66 28.99
O MSE D 230 36.90 -4.87 28.38
CB MSE D 230 38.97 -2.38 29.20
CG MSE D 230 37.62 -1.69 29.22
SE MSE D 230 37.57 -0.22 30.50
CE MSE D 230 37.49 -1.25 32.15
N GLY D 231 38.27 -5.25 30.12
CA GLY D 231 37.34 -6.15 30.78
C GLY D 231 36.70 -5.48 31.98
N ILE D 232 35.54 -5.95 32.36
CA ILE D 232 34.86 -5.45 33.56
C ILE D 232 33.97 -6.57 34.10
N PRO D 233 33.88 -6.67 35.43
CA PRO D 233 33.00 -7.67 36.03
C PRO D 233 31.59 -7.17 36.26
N TYR D 234 30.61 -7.98 35.92
CA TYR D 234 29.22 -7.68 36.26
C TYR D 234 28.91 -8.26 37.64
N TYR D 235 29.75 -9.19 38.06
CA TYR D 235 29.51 -9.97 39.26
C TYR D 235 30.30 -9.49 40.47
N GLY D 236 29.84 -9.87 41.64
CA GLY D 236 30.58 -9.68 42.87
C GLY D 236 30.79 -11.03 43.52
N ARG D 237 31.52 -11.06 44.63
CA ARG D 237 31.74 -12.32 45.33
C ARG D 237 31.50 -12.22 46.82
N ASP D 238 31.13 -13.34 47.42
CA ASP D 238 30.88 -13.44 48.85
C ASP D 238 31.85 -14.45 49.46
N TRP D 239 32.94 -13.94 50.03
CA TRP D 239 33.99 -14.81 50.56
C TRP D 239 33.74 -15.27 51.99
N VAL D 240 34.22 -16.46 52.30
CA VAL D 240 34.25 -16.96 53.67
C VAL D 240 35.50 -17.81 53.89
N VAL D 241 35.90 -17.97 55.15
CA VAL D 241 37.02 -18.83 55.49
C VAL D 241 36.54 -20.29 55.55
N ASP D 242 37.11 -21.13 54.69
CA ASP D 242 36.64 -22.51 54.57
C ASP D 242 37.67 -23.53 55.02
N GLY D 243 38.81 -23.06 55.52
CA GLY D 243 39.85 -23.96 55.98
C GLY D 243 41.12 -23.26 56.43
N LYS D 244 42.26 -23.89 56.15
CA LYS D 244 43.54 -23.37 56.61
C LYS D 244 44.69 -24.00 55.82
N ASP D 245 45.72 -23.19 55.55
CA ASP D 245 46.90 -23.63 54.81
C ASP D 245 47.63 -24.79 55.46
N ALA D 246 48.58 -25.36 54.74
CA ALA D 246 49.50 -26.34 55.30
C ALA D 246 50.45 -25.62 56.26
N ASN D 247 50.54 -24.30 56.11
CA ASN D 247 51.36 -23.47 56.98
C ASN D 247 50.55 -22.83 58.10
N GLY D 248 49.23 -22.89 58.00
CA GLY D 248 48.37 -22.38 59.05
C GLY D 248 47.62 -21.10 58.70
N ASN D 249 47.79 -20.63 57.47
CA ASN D 249 47.08 -19.45 57.01
C ASN D 249 45.66 -19.79 56.56
N PRO D 250 44.71 -18.88 56.82
CA PRO D 250 43.31 -19.07 56.41
C PRO D 250 43.16 -19.26 54.91
N THR D 251 42.35 -20.23 54.49
CA THR D 251 42.02 -20.40 53.08
C THR D 251 40.59 -19.88 52.84
N TYR D 252 40.33 -19.43 51.62
CA TYR D 252 39.07 -18.79 51.32
C TYR D 252 38.27 -19.50 50.24
N ASN D 253 36.95 -19.37 50.32
CA ASN D 253 36.06 -19.81 49.26
C ASN D 253 34.95 -18.76 49.10
N SER D 254 34.35 -18.70 47.92
CA SER D 254 33.33 -17.70 47.67
C SER D 254 32.33 -18.12 46.59
N THR D 255 31.15 -17.51 46.64
CA THR D 255 30.15 -17.69 45.60
C THR D 255 29.94 -16.36 44.88
N ALA D 256 29.56 -16.42 43.61
CA ALA D 256 29.39 -15.22 42.80
C ALA D 256 27.92 -14.89 42.59
N PHE D 257 27.62 -13.60 42.42
CA PHE D 257 26.27 -13.13 42.15
C PHE D 257 26.28 -11.77 41.46
N GLY D 258 25.14 -11.39 40.91
CA GLY D 258 25.02 -10.12 40.21
C GLY D 258 24.87 -8.94 41.15
N TYR D 259 24.68 -7.76 40.57
CA TYR D 259 24.56 -6.52 41.33
C TYR D 259 23.30 -6.47 42.20
N SER D 260 22.18 -6.93 41.65
CA SER D 260 20.91 -6.90 42.38
C SER D 260 20.94 -7.80 43.61
N LYS D 261 21.55 -8.97 43.48
CA LYS D 261 21.66 -9.91 44.59
C LYS D 261 22.53 -9.33 45.70
N ALA D 262 23.51 -8.53 45.31
CA ALA D 262 24.40 -7.88 46.27
C ALA D 262 23.64 -6.91 47.16
N LEU D 263 22.74 -6.13 46.57
CA LEU D 263 21.92 -5.20 47.32
C LEU D 263 20.93 -5.94 48.23
N GLU D 264 20.44 -7.08 47.75
CA GLU D 264 19.49 -7.88 48.53
C GLU D 264 20.15 -8.42 49.78
N LEU D 265 21.44 -8.72 49.70
CA LEU D 265 22.20 -9.18 50.86
C LEU D 265 22.38 -8.05 51.88
N ALA D 266 22.86 -6.91 51.40
CA ALA D 266 23.10 -5.75 52.25
C ALA D 266 21.84 -5.31 52.97
N ASP D 267 20.71 -5.42 52.29
CA ASP D 267 19.42 -5.08 52.89
C ASP D 267 19.02 -6.12 53.92
N SER D 268 19.27 -7.38 53.60
CA SER D 268 18.88 -8.51 54.46
C SER D 268 19.52 -8.43 55.84
N TYR D 269 20.82 -8.18 55.88
CA TYR D 269 21.55 -8.16 57.15
C TYR D 269 21.83 -6.75 57.63
N GLY D 270 21.25 -5.77 56.96
CA GLY D 270 21.40 -4.38 57.33
C GLY D 270 22.85 -3.89 57.29
N ALA D 271 23.66 -4.55 56.46
CA ALA D 271 25.07 -4.19 56.33
C ALA D 271 25.23 -2.86 55.61
N THR D 272 26.14 -2.03 56.11
CA THR D 272 26.40 -0.72 55.51
C THR D 272 27.41 -0.81 54.37
N ILE D 273 26.96 -0.47 53.17
CA ILE D 273 27.83 -0.51 51.99
C ILE D 273 28.75 0.69 51.94
N THR D 274 30.05 0.44 52.06
CA THR D 274 31.05 1.49 51.94
C THR D 274 31.90 1.26 50.70
N TYR D 275 32.80 2.19 50.41
CA TYR D 275 33.63 2.11 49.21
C TYR D 275 35.10 1.95 49.53
N SER D 276 35.70 0.88 49.02
CA SER D 276 37.12 0.63 49.19
C SER D 276 37.92 1.26 48.07
N LYS D 277 38.81 2.18 48.41
CA LYS D 277 39.61 2.87 47.42
C LYS D 277 41.01 2.26 47.33
N TYR D 278 41.34 1.76 46.14
CA TYR D 278 42.57 0.99 45.93
C TYR D 278 43.83 1.77 46.28
N ASN D 279 43.87 3.05 45.92
CA ASN D 279 44.97 3.92 46.31
C ASN D 279 44.57 5.39 46.29
N ASP D 280 45.57 6.27 46.27
CA ASP D 280 45.32 7.70 46.25
C ASP D 280 44.73 8.18 44.93
N ALA D 281 44.82 7.34 43.90
CA ALA D 281 44.34 7.70 42.58
C ALA D 281 43.02 7.01 42.27
N ASP D 282 42.31 6.62 43.32
CA ASP D 282 41.02 5.96 43.16
C ASP D 282 39.92 6.78 43.85
N PRO D 283 39.34 7.74 43.12
CA PRO D 283 38.32 8.66 43.64
C PRO D 283 37.01 7.98 44.05
N VAL D 284 36.45 7.16 43.17
CA VAL D 284 35.19 6.49 43.46
C VAL D 284 35.38 5.28 44.37
N GLY D 285 36.25 4.36 43.96
CA GLY D 285 36.49 3.15 44.74
C GLY D 285 35.60 2.01 44.31
N THR D 286 35.56 0.96 45.12
CA THR D 286 34.76 -0.22 44.82
C THR D 286 33.87 -0.58 46.01
N PRO D 287 32.57 -0.76 45.76
CA PRO D 287 31.58 -1.05 46.80
C PRO D 287 31.85 -2.36 47.51
N THR D 288 31.62 -2.39 48.82
CA THR D 288 31.88 -3.57 49.62
C THR D 288 31.13 -3.54 50.95
N PHE D 289 30.92 -4.69 51.55
CA PHE D 289 30.33 -4.78 52.88
C PHE D 289 30.60 -6.14 53.52
N LYS D 290 30.61 -6.15 54.85
CA LYS D 290 30.77 -7.38 55.61
C LYS D 290 29.47 -7.66 56.36
N TYR D 291 29.22 -8.93 56.68
CA TYR D 291 28.07 -9.28 57.51
C TYR D 291 28.27 -10.64 58.17
N THR D 292 27.72 -10.80 59.36
CA THR D 292 27.74 -12.08 60.06
C THR D 292 26.35 -12.70 60.00
N ASP D 293 26.21 -13.78 59.26
CA ASP D 293 24.91 -14.41 59.06
C ASP D 293 24.54 -15.36 60.19
N GLU D 294 23.52 -16.18 59.97
CA GLU D 294 23.17 -17.23 60.91
C GLU D 294 24.31 -18.22 61.03
N LYS D 295 24.36 -18.96 62.13
CA LYS D 295 25.44 -19.89 62.45
C LYS D 295 26.78 -19.18 62.61
N GLY D 296 26.74 -17.86 62.83
CA GLY D 296 27.90 -17.07 63.18
C GLY D 296 29.07 -17.05 62.20
N VAL D 297 28.79 -17.23 60.92
CA VAL D 297 29.84 -17.22 59.91
C VAL D 297 30.04 -15.81 59.33
N GLU D 298 31.25 -15.29 59.46
CA GLU D 298 31.56 -13.96 58.95
C GLU D 298 31.76 -13.98 57.44
N HIS D 299 31.01 -13.12 56.74
CA HIS D 299 31.09 -13.02 55.29
C HIS D 299 31.72 -11.70 54.84
N THR D 300 32.33 -11.71 53.67
CA THR D 300 32.90 -10.49 53.08
C THR D 300 32.52 -10.37 51.61
N VAL D 301 31.94 -9.24 51.24
CA VAL D 301 31.45 -9.05 49.87
C VAL D 301 32.09 -7.88 49.14
N PHE D 302 32.57 -8.13 47.93
CA PHE D 302 33.03 -7.07 47.04
C PHE D 302 32.26 -7.15 45.73
N PHE D 303 31.73 -6.03 45.27
CA PHE D 303 30.96 -6.01 44.03
C PHE D 303 31.06 -4.66 43.32
N ASP D 304 30.28 -4.50 42.26
CA ASP D 304 30.28 -3.26 41.50
C ASP D 304 28.88 -2.70 41.32
N ASP D 305 28.74 -1.40 41.51
CA ASP D 305 27.47 -0.72 41.25
C ASP D 305 27.62 0.24 40.09
N TYR D 306 26.61 1.07 39.87
CA TYR D 306 26.63 2.04 38.78
C TYR D 306 27.71 3.09 39.00
N THR D 307 28.04 3.34 40.26
CA THR D 307 29.05 4.32 40.62
C THR D 307 30.44 3.90 40.17
N SER D 308 30.82 2.66 40.49
CA SER D 308 32.14 2.14 40.15
C SER D 308 32.24 1.76 38.69
N TRP D 309 31.16 1.22 38.14
CA TRP D 309 31.10 0.86 36.72
C TRP D 309 31.31 2.07 35.83
N ASN D 310 30.69 3.19 36.20
CA ASN D 310 30.81 4.41 35.42
C ASN D 310 32.24 4.94 35.47
N ALA D 311 32.86 4.84 36.63
CA ALA D 311 34.24 5.29 36.80
C ALA D 311 35.20 4.43 36.00
N LYS D 312 34.90 3.13 35.93
CA LYS D 312 35.80 2.18 35.27
C LYS D 312 35.60 2.16 33.77
N LEU D 313 34.38 2.44 33.31
CA LEU D 313 34.12 2.53 31.88
C LEU D 313 34.67 3.82 31.30
N SER D 314 35.03 4.75 32.18
CA SER D 314 35.61 6.02 31.75
C SER D 314 37.04 5.84 31.27
N ILE D 315 37.62 4.70 31.58
CA ILE D 315 38.99 4.38 31.18
C ILE D 315 39.07 4.25 29.66
N ILE D 316 37.95 3.86 29.04
CA ILE D 316 37.85 3.76 27.60
C ILE D 316 38.25 5.07 26.91
N ASN D 317 37.85 6.18 27.51
CA ASN D 317 38.14 7.50 26.95
C ASN D 317 39.55 7.98 27.33
N GLU D 318 40.01 7.60 28.51
CA GLU D 318 41.33 7.99 28.99
C GLU D 318 42.43 7.36 28.16
N PHE D 319 42.29 6.07 27.88
CA PHE D 319 43.30 5.34 27.12
C PHE D 319 42.98 5.29 25.63
N GLY D 320 41.81 5.79 25.26
CA GLY D 320 41.37 5.75 23.88
C GLY D 320 41.21 4.31 23.40
N LEU D 321 40.54 3.50 24.20
CA LEU D 321 40.33 2.09 23.90
C LEU D 321 39.32 1.88 22.79
N ALA D 322 39.15 0.63 22.37
CA ALA D 322 38.18 0.28 21.35
C ALA D 322 36.79 0.15 21.96
N GLY D 323 36.74 -0.41 23.16
CA GLY D 323 35.47 -0.63 23.85
C GLY D 323 35.68 -1.46 25.10
N VAL D 324 34.68 -2.28 25.43
CA VAL D 324 34.73 -3.07 26.65
C VAL D 324 34.12 -4.46 26.44
N GLY D 325 34.69 -5.46 27.10
CA GLY D 325 34.14 -6.80 27.08
C GLY D 325 33.84 -7.28 28.48
N PRO D 326 32.64 -6.92 28.99
CA PRO D 326 32.24 -7.29 30.35
C PRO D 326 31.89 -8.77 30.48
N TRP D 327 32.09 -9.33 31.66
CA TRP D 327 31.68 -10.69 31.96
C TRP D 327 30.81 -10.73 33.22
N ALA D 328 29.60 -11.27 33.12
CA ALA D 328 29.00 -11.73 31.85
C ALA D 328 27.50 -11.44 31.90
N MSE D 329 26.82 -11.65 30.78
CA MSE D 329 25.38 -11.35 30.68
C MSE D 329 24.53 -12.11 31.69
O MSE D 329 23.51 -11.61 32.16
CB MSE D 329 24.87 -11.64 29.28
CG MSE D 329 25.51 -10.78 28.20
SE MSE D 329 24.28 -10.46 26.74
CE MSE D 329 22.92 -9.49 27.73
N GLY D 330 24.95 -13.33 32.03
CA GLY D 330 24.22 -14.16 32.97
C GLY D 330 24.07 -13.52 34.33
N TRP D 331 25.02 -12.66 34.69
CA TRP D 331 25.00 -12.01 35.99
C TRP D 331 24.20 -10.71 35.97
N VAL D 332 23.27 -10.60 35.02
CA VAL D 332 22.43 -9.42 34.91
C VAL D 332 20.95 -9.80 34.81
N ASP D 333 20.19 -9.51 35.86
CA ASP D 333 18.74 -9.71 35.82
C ASP D 333 18.04 -8.41 35.45
N GLU D 334 16.72 -8.40 35.54
CA GLU D 334 15.93 -7.24 35.12
C GLU D 334 16.22 -6.01 35.97
N ASN D 335 16.34 -6.19 37.29
CA ASN D 335 16.58 -5.08 38.20
C ASN D 335 17.90 -4.38 37.90
N THR D 336 18.95 -5.17 37.65
CA THR D 336 20.25 -4.64 37.29
C THR D 336 20.20 -3.98 35.92
N ALA D 337 19.56 -4.66 34.97
CA ALA D 337 19.50 -4.22 33.57
C ALA D 337 18.82 -2.87 33.42
N GLU D 338 17.99 -2.50 34.40
CA GLU D 338 17.22 -1.26 34.32
C GLU D 338 18.13 -0.03 34.37
N GLY D 339 19.32 -0.19 34.91
CA GLY D 339 20.27 0.91 35.01
C GLY D 339 21.58 0.67 34.27
N LEU D 340 21.94 -0.60 34.12
CA LEU D 340 23.21 -0.97 33.51
C LEU D 340 23.28 -0.60 32.02
N PHE D 341 22.22 -0.93 31.29
CA PHE D 341 22.21 -0.69 29.84
C PHE D 341 22.21 0.80 29.46
N PRO D 342 21.44 1.65 30.17
CA PRO D 342 21.59 3.08 29.89
C PRO D 342 23.03 3.57 30.12
N LEU D 343 23.70 2.96 31.09
CA LEU D 343 25.10 3.28 31.39
C LEU D 343 26.01 2.80 30.26
N LEU D 344 25.71 1.63 29.72
CA LEU D 344 26.44 1.10 28.57
C LEU D 344 26.27 2.00 27.36
N ASN D 345 25.05 2.50 27.18
CA ASN D 345 24.74 3.40 26.08
C ASN D 345 25.44 4.74 26.22
N GLN D 346 25.62 5.18 27.46
CA GLN D 346 26.25 6.45 27.74
C GLN D 346 27.71 6.49 27.27
N HIS D 347 28.46 5.44 27.58
CA HIS D 347 29.88 5.38 27.28
C HIS D 347 30.17 4.89 25.87
N LEU D 348 29.39 3.94 25.39
CA LEU D 348 29.71 3.24 24.15
C LEU D 348 28.94 3.77 22.94
N ARG D 349 28.11 4.78 23.15
CA ARG D 349 27.39 5.40 22.04
C ARG D 349 27.48 6.93 22.09
N ASN E 2 2.16 -6.69 -3.52
CA ASN E 2 1.49 -7.97 -3.31
C ASN E 2 1.73 -8.50 -1.90
N ALA E 3 1.87 -7.58 -0.95
CA ALA E 3 2.15 -7.94 0.44
C ALA E 3 0.87 -8.24 1.22
N LYS E 4 0.71 -9.48 1.62
CA LYS E 4 -0.46 -9.91 2.38
C LYS E 4 -0.11 -10.05 3.86
N ILE E 5 -1.13 -10.12 4.71
CA ILE E 5 -0.93 -10.19 6.16
C ILE E 5 -0.68 -11.62 6.62
N SER E 6 0.44 -11.82 7.31
CA SER E 6 0.79 -13.14 7.83
C SER E 6 0.67 -13.20 9.35
N LEU E 7 -0.50 -13.60 9.83
CA LEU E 7 -0.74 -13.69 11.27
C LEU E 7 -0.41 -15.07 11.82
N GLN E 8 0.72 -15.18 12.52
CA GLN E 8 1.13 -16.44 13.10
C GLN E 8 0.74 -16.50 14.57
N TYR E 9 0.36 -17.69 15.04
CA TYR E 9 -0.08 -17.84 16.42
C TYR E 9 1.02 -18.40 17.31
N TRP E 10 1.34 -17.62 18.34
CA TRP E 10 2.45 -17.88 19.25
C TRP E 10 1.99 -18.73 20.44
N ASP E 11 1.76 -20.02 20.20
CA ASP E 11 1.16 -20.87 21.23
C ASP E 11 2.17 -21.41 22.24
N GLY E 12 2.54 -20.58 23.21
CA GLY E 12 3.48 -20.97 24.24
C GLY E 12 2.82 -21.26 25.57
N TYR E 13 1.58 -20.81 25.73
CA TYR E 13 0.80 -21.00 26.95
C TYR E 13 1.50 -20.39 28.18
N ALA E 14 1.90 -21.23 29.12
CA ALA E 14 2.50 -20.74 30.35
C ALA E 14 4.01 -20.99 30.39
N SER E 15 4.57 -21.38 29.25
CA SER E 15 6.00 -21.69 29.17
C SER E 15 6.80 -20.57 28.53
N TYR E 16 7.51 -19.81 29.34
CA TYR E 16 8.32 -18.69 28.87
C TYR E 16 9.38 -19.15 27.87
N GLU E 17 9.94 -20.33 28.11
N GLU E 17 9.91 -20.35 28.11
CA GLU E 17 10.93 -20.91 27.21
CA GLU E 17 10.93 -20.93 27.24
C GLU E 17 10.35 -21.14 25.82
C GLU E 17 10.39 -21.24 25.84
N THR E 18 9.15 -21.73 25.80
CA THR E 18 8.51 -22.12 24.54
C THR E 18 8.28 -20.92 23.60
N TYR E 19 7.79 -19.82 24.15
CA TYR E 19 7.60 -18.60 23.38
C TYR E 19 8.89 -18.18 22.69
N LEU E 20 9.98 -18.18 23.44
CA LEU E 20 11.28 -17.83 22.91
C LEU E 20 11.76 -18.85 21.88
N ARG E 21 11.56 -20.13 22.20
CA ARG E 21 11.99 -21.21 21.31
C ARG E 21 11.33 -21.12 19.93
N GLN E 22 10.03 -20.90 19.92
CA GLN E 22 9.29 -20.78 18.66
C GLN E 22 9.73 -19.55 17.88
N LEU E 23 9.96 -18.47 18.61
CA LEU E 23 10.36 -17.20 17.99
C LEU E 23 11.74 -17.34 17.35
N SER E 24 12.55 -18.27 17.85
CA SER E 24 13.89 -18.50 17.33
C SER E 24 13.87 -19.41 16.10
N LEU E 25 12.70 -19.93 15.78
CA LEU E 25 12.57 -20.88 14.67
C LEU E 25 12.26 -20.15 13.35
N ILE E 26 12.00 -18.85 13.44
CA ILE E 26 11.81 -18.04 12.24
C ILE E 26 13.17 -17.81 11.58
N PRO E 27 13.30 -18.22 10.31
CA PRO E 27 14.56 -18.09 9.56
C PRO E 27 14.70 -16.73 8.88
N GLY E 28 15.92 -16.36 8.52
CA GLY E 28 16.19 -15.14 7.77
C GLY E 28 15.59 -13.89 8.37
N LYS E 29 15.28 -12.91 7.53
CA LYS E 29 14.61 -11.71 7.97
C LYS E 29 13.17 -12.02 8.34
N ALA E 30 12.81 -11.75 9.59
CA ALA E 30 11.52 -12.13 10.15
C ALA E 30 10.34 -11.61 9.36
N THR E 31 10.44 -10.35 8.91
CA THR E 31 9.32 -9.69 8.23
C THR E 31 9.07 -10.24 6.83
N ASP E 32 9.91 -11.17 6.39
CA ASP E 32 9.73 -11.80 5.09
C ASP E 32 8.78 -12.99 5.17
N TYR E 33 8.34 -13.32 6.38
CA TYR E 33 7.47 -14.47 6.60
C TYR E 33 6.29 -14.16 7.49
N VAL E 34 6.49 -13.25 8.44
CA VAL E 34 5.48 -12.98 9.46
C VAL E 34 5.25 -11.48 9.66
N ASP E 35 3.98 -11.10 9.87
CA ASP E 35 3.64 -9.71 10.20
C ASP E 35 3.25 -9.59 11.66
N TYR E 36 2.34 -10.44 12.11
CA TYR E 36 1.88 -10.39 13.49
C TYR E 36 2.06 -11.74 14.20
N VAL E 37 2.37 -11.68 15.48
CA VAL E 37 2.41 -12.87 16.32
C VAL E 37 1.38 -12.74 17.44
N SER E 38 0.69 -13.82 17.75
CA SER E 38 -0.38 -13.78 18.74
C SER E 38 -0.15 -14.78 19.86
N PRO E 39 0.33 -14.29 21.02
CA PRO E 39 0.55 -15.13 22.19
C PRO E 39 -0.73 -15.32 23.00
N ASN E 40 -0.97 -16.55 23.45
CA ASN E 40 -2.16 -16.82 24.27
C ASN E 40 -1.83 -16.66 25.76
N TRP E 41 -1.53 -15.43 26.15
CA TRP E 41 -1.15 -15.12 27.52
C TRP E 41 -2.32 -15.19 28.50
N ARG E 42 -3.52 -15.46 28.00
CA ARG E 42 -4.69 -15.53 28.86
C ARG E 42 -4.66 -16.76 29.77
N GLY E 43 -4.75 -16.53 31.07
CA GLY E 43 -4.84 -17.62 32.02
C GLY E 43 -6.28 -18.00 32.27
N SER E 44 -7.10 -16.99 32.56
CA SER E 44 -8.50 -17.21 32.90
C SER E 44 -9.36 -15.97 32.67
N ILE E 45 -10.55 -16.18 32.13
CA ILE E 45 -11.53 -15.10 31.95
C ILE E 45 -12.61 -15.18 33.03
N GLY E 46 -12.81 -14.09 33.76
CA GLY E 46 -13.82 -14.04 34.79
C GLY E 46 -15.17 -13.63 34.25
N THR E 47 -16.22 -13.96 35.00
CA THR E 47 -17.58 -13.62 34.57
C THR E 47 -17.86 -12.14 34.74
N ASP E 48 -17.08 -11.49 35.60
CA ASP E 48 -17.29 -10.07 35.90
C ASP E 48 -16.50 -9.17 34.95
N GLY E 49 -15.68 -9.78 34.11
CA GLY E 49 -14.87 -9.03 33.17
C GLY E 49 -13.40 -8.95 33.57
N SER E 50 -12.99 -9.77 34.52
CA SER E 50 -11.60 -9.81 34.96
C SER E 50 -10.75 -10.61 33.98
N LEU E 51 -9.46 -10.30 33.93
CA LEU E 51 -8.55 -10.97 33.01
C LEU E 51 -7.28 -11.46 33.72
N LYS E 52 -7.26 -12.74 34.06
CA LYS E 52 -6.09 -13.35 34.67
C LYS E 52 -5.14 -13.87 33.60
N LEU E 53 -3.88 -13.46 33.67
CA LEU E 53 -2.89 -13.87 32.67
C LEU E 53 -2.11 -15.10 33.10
N VAL E 54 -1.31 -15.64 32.19
CA VAL E 54 -0.62 -16.91 32.41
C VAL E 54 0.40 -16.87 33.55
N TRP E 55 1.03 -15.71 33.75
CA TRP E 55 2.03 -15.59 34.79
C TRP E 55 1.55 -14.70 35.94
N ASP E 56 2.50 -14.23 36.74
CA ASP E 56 2.17 -13.46 37.94
C ASP E 56 1.70 -12.06 37.61
N GLU E 57 1.57 -11.24 38.65
CA GLU E 57 1.01 -9.89 38.51
C GLU E 57 1.90 -8.98 37.68
N GLY E 58 2.99 -8.50 38.29
CA GLY E 58 3.89 -7.59 37.61
C GLY E 58 5.07 -8.29 36.96
N SER E 59 4.80 -9.42 36.31
CA SER E 59 5.84 -10.19 35.65
C SER E 59 6.36 -9.43 34.43
N SER E 60 7.68 -9.36 34.30
CA SER E 60 8.31 -8.61 33.22
C SER E 60 8.29 -9.39 31.90
N ASN E 61 7.86 -10.64 31.97
CA ASN E 61 7.84 -11.54 30.81
C ASN E 61 7.11 -10.96 29.61
N TYR E 62 6.00 -10.29 29.86
CA TYR E 62 5.17 -9.74 28.79
C TYR E 62 5.91 -8.67 28.00
N LYS E 63 6.57 -7.76 28.71
CA LYS E 63 7.35 -6.70 28.06
C LYS E 63 8.55 -7.27 27.33
N GLN E 64 9.22 -8.23 27.95
CA GLN E 64 10.43 -8.82 27.40
C GLN E 64 10.16 -9.59 26.11
N LEU E 65 9.03 -10.29 26.07
CA LEU E 65 8.64 -11.05 24.88
C LEU E 65 8.22 -10.11 23.75
N THR E 66 7.48 -9.06 24.10
CA THR E 66 7.00 -8.10 23.12
C THR E 66 8.16 -7.29 22.55
N ASN E 67 9.10 -6.91 23.40
CA ASN E 67 10.32 -6.24 22.96
C ASN E 67 11.13 -7.14 22.06
N MSE E 68 11.11 -8.44 22.36
CA MSE E 68 11.80 -9.44 21.56
C MSE E 68 11.25 -9.48 20.14
O MSE E 68 11.99 -9.37 19.17
CB MSE E 68 11.67 -10.81 22.22
CG MSE E 68 12.69 -11.84 21.75
SE MSE E 68 14.49 -11.38 22.31
CE MSE E 68 15.36 -13.10 21.95
N ALA E 69 9.93 -9.64 20.03
CA ALA E 69 9.27 -9.69 18.73
C ALA E 69 9.42 -8.37 17.98
N HIS E 70 9.31 -7.26 18.71
CA HIS E 70 9.47 -5.94 18.12
C HIS E 70 10.87 -5.76 17.56
N GLY E 71 11.86 -6.36 18.21
CA GLY E 71 13.24 -6.28 17.78
C GLY E 71 13.49 -7.08 16.53
N LEU E 72 12.56 -7.97 16.20
CA LEU E 72 12.68 -8.80 15.00
C LEU E 72 11.89 -8.19 13.83
N GLY E 73 11.10 -7.16 14.13
CA GLY E 73 10.37 -6.45 13.10
C GLY E 73 8.88 -6.77 13.07
N MSE E 74 8.43 -7.57 14.03
CA MSE E 74 7.03 -7.99 14.08
C MSE E 74 6.24 -7.15 15.07
O MSE E 74 6.80 -6.40 15.86
CB MSE E 74 6.93 -9.46 14.44
CG MSE E 74 7.66 -10.41 13.52
SE MSE E 74 7.70 -12.18 14.32
CE MSE E 74 8.64 -13.18 12.94
N LYS E 75 4.92 -7.28 15.01
CA LYS E 75 4.03 -6.60 15.95
C LYS E 75 3.23 -7.62 16.73
N VAL E 76 2.94 -7.32 18.00
CA VAL E 76 2.36 -8.31 18.90
C VAL E 76 0.87 -8.07 19.17
N LEU E 77 0.08 -9.12 18.97
CA LEU E 77 -1.36 -9.08 19.22
C LEU E 77 -1.78 -10.22 20.15
N PRO E 78 -1.75 -9.96 21.48
CA PRO E 78 -2.13 -10.96 22.49
C PRO E 78 -3.51 -11.58 22.24
N LEU E 79 -3.65 -12.87 22.54
CA LEU E 79 -4.90 -13.58 22.28
C LEU E 79 -5.78 -13.67 23.53
N ILE E 80 -6.97 -13.10 23.45
CA ILE E 80 -7.96 -13.22 24.51
C ILE E 80 -9.05 -14.20 24.10
N ASN E 81 -8.87 -15.46 24.45
CA ASN E 81 -9.79 -16.52 24.02
C ASN E 81 -10.74 -16.97 25.12
N GLY E 82 -11.68 -17.84 24.77
CA GLY E 82 -12.65 -18.35 25.72
C GLY E 82 -14.00 -18.59 25.07
N SER E 83 -14.88 -19.28 25.80
CA SER E 83 -16.19 -19.63 25.27
C SER E 83 -17.14 -20.08 26.38
N GLY E 84 -18.17 -20.81 26.00
CA GLY E 84 -19.10 -21.40 26.95
C GLY E 84 -19.94 -20.39 27.72
N ALA E 85 -20.48 -20.83 28.85
CA ALA E 85 -21.37 -19.99 29.65
C ALA E 85 -20.63 -18.83 30.31
N THR E 86 -19.35 -19.03 30.59
CA THR E 86 -18.51 -18.01 31.22
C THR E 86 -18.47 -16.74 30.39
N LEU E 87 -18.64 -16.90 29.08
CA LEU E 87 -18.53 -15.79 28.15
C LEU E 87 -19.89 -15.20 27.83
N ASN E 88 -20.93 -16.05 27.85
CA ASN E 88 -22.30 -15.59 27.66
C ASN E 88 -22.70 -14.59 28.73
N THR E 89 -22.28 -14.85 29.97
CA THR E 89 -22.58 -13.99 31.09
C THR E 89 -21.84 -12.65 30.98
N LEU E 90 -20.58 -12.72 30.55
CA LEU E 90 -19.75 -11.52 30.43
C LEU E 90 -20.32 -10.55 29.40
N LEU E 91 -20.68 -11.06 28.23
CA LEU E 91 -21.17 -10.21 27.14
C LEU E 91 -22.57 -9.66 27.44
N LYS E 92 -23.36 -10.42 28.19
CA LYS E 92 -24.71 -9.99 28.55
C LYS E 92 -24.67 -8.84 29.54
N SER E 93 -23.58 -8.76 30.31
CA SER E 93 -23.40 -7.69 31.29
C SER E 93 -22.59 -6.54 30.71
N PRO E 94 -23.22 -5.35 30.60
CA PRO E 94 -22.56 -4.17 30.04
C PRO E 94 -21.38 -3.72 30.88
N ALA E 95 -21.52 -3.83 32.21
CA ALA E 95 -20.45 -3.46 33.13
C ALA E 95 -19.26 -4.39 32.97
N ALA E 96 -19.54 -5.68 32.77
CA ALA E 96 -18.49 -6.68 32.64
C ALA E 96 -17.72 -6.51 31.34
N ARG E 97 -18.42 -6.09 30.29
CA ARG E 97 -17.79 -5.84 29.00
C ARG E 97 -16.80 -4.68 29.08
N GLU E 98 -17.27 -3.55 29.62
CA GLU E 98 -16.45 -2.36 29.79
C GLU E 98 -15.21 -2.65 30.63
N LYS E 99 -15.37 -3.52 31.63
CA LYS E 99 -14.27 -3.89 32.51
C LYS E 99 -13.20 -4.68 31.75
N LEU E 100 -13.65 -5.63 30.93
CA LEU E 100 -12.73 -6.45 30.14
C LEU E 100 -11.95 -5.60 29.15
N ILE E 101 -12.59 -4.56 28.63
CA ILE E 101 -11.92 -3.63 27.72
C ILE E 101 -10.78 -2.91 28.45
N GLY E 102 -11.05 -2.52 29.70
CA GLY E 102 -10.06 -1.84 30.51
C GLY E 102 -8.88 -2.69 30.89
N GLU E 103 -9.12 -3.99 31.09
CA GLU E 103 -8.06 -4.94 31.40
C GLU E 103 -7.16 -5.15 30.19
N ILE E 104 -7.74 -5.00 28.99
CA ILE E 104 -6.98 -5.11 27.76
C ILE E 104 -6.13 -3.86 27.55
N VAL E 105 -6.71 -2.71 27.87
CA VAL E 105 -6.02 -1.43 27.75
C VAL E 105 -4.73 -1.40 28.59
N VAL E 106 -4.83 -1.87 29.83
CA VAL E 106 -3.66 -1.91 30.70
C VAL E 106 -2.69 -3.00 30.25
N LEU E 107 -3.19 -3.96 29.48
CA LEU E 107 -2.34 -5.02 28.93
C LEU E 107 -1.58 -4.49 27.73
N LEU E 108 -2.06 -3.39 27.14
CA LEU E 108 -1.38 -2.80 26.00
C LEU E 108 -0.49 -1.64 26.42
N LYS E 109 -0.82 -1.02 27.55
CA LYS E 109 0.00 0.06 28.07
C LYS E 109 1.21 -0.48 28.81
N ASN E 110 1.04 -1.63 29.47
CA ASN E 110 2.11 -2.23 30.25
C ASN E 110 2.86 -3.31 29.47
N THR E 111 2.73 -3.29 28.15
CA THR E 111 3.39 -4.28 27.31
C THR E 111 3.86 -3.64 26.00
N ASN E 112 3.29 -2.48 25.69
CA ASN E 112 3.57 -1.77 24.46
C ASN E 112 3.28 -2.62 23.22
N ALA E 113 2.31 -3.52 23.35
CA ALA E 113 1.87 -4.35 22.23
C ALA E 113 1.19 -3.47 21.18
N ASP E 114 0.81 -4.08 20.06
CA ASP E 114 0.28 -3.31 18.93
C ASP E 114 -1.21 -3.54 18.72
N GLY E 115 -1.83 -4.29 19.62
CA GLY E 115 -3.25 -4.58 19.53
C GLY E 115 -3.62 -5.85 20.27
N VAL E 116 -4.69 -6.51 19.83
CA VAL E 116 -5.18 -7.70 20.50
C VAL E 116 -6.09 -8.51 19.58
N VAL E 117 -5.98 -9.84 19.64
CA VAL E 117 -6.85 -10.71 18.86
C VAL E 117 -7.94 -11.34 19.73
N ILE E 118 -9.20 -11.01 19.45
CA ILE E 118 -10.32 -11.58 20.18
C ILE E 118 -10.67 -12.96 19.64
N ASP E 119 -10.81 -13.93 20.53
CA ASP E 119 -11.13 -15.30 20.12
C ASP E 119 -12.28 -15.85 20.95
N PHE E 120 -13.50 -15.42 20.61
CA PHE E 120 -14.68 -15.89 21.29
C PHE E 120 -15.36 -16.96 20.45
N GLU E 121 -15.39 -18.19 20.94
CA GLU E 121 -15.79 -19.33 20.12
C GLU E 121 -17.07 -20.04 20.56
N THR E 122 -17.53 -20.93 19.69
CA THR E 122 -18.64 -21.84 19.98
C THR E 122 -18.31 -22.69 21.19
N PRO E 123 -19.28 -22.91 22.09
CA PRO E 123 -20.68 -22.47 22.03
C PRO E 123 -20.94 -21.09 22.60
N LEU E 124 -21.77 -20.32 21.88
CA LEU E 124 -22.29 -19.06 22.37
C LEU E 124 -23.82 -19.09 22.28
N ASP E 125 -24.47 -18.45 23.24
CA ASP E 125 -25.94 -18.48 23.33
C ASP E 125 -26.61 -17.92 22.08
N TYR E 126 -27.28 -18.80 21.34
CA TYR E 126 -27.99 -18.39 20.14
C TYR E 126 -29.49 -18.27 20.41
N GLY E 127 -29.88 -18.46 21.67
CA GLY E 127 -31.28 -18.36 22.06
C GLY E 127 -32.16 -19.32 21.28
N ASP E 128 -33.29 -18.83 20.79
CA ASP E 128 -34.21 -19.65 20.01
C ASP E 128 -33.58 -20.05 18.67
N VAL E 129 -34.00 -21.20 18.15
CA VAL E 129 -33.44 -21.76 16.93
C VAL E 129 -33.81 -20.94 15.69
N LYS E 130 -35.05 -20.46 15.65
CA LYS E 130 -35.57 -19.82 14.45
C LYS E 130 -35.35 -18.30 14.41
N ASP E 131 -35.29 -17.67 15.59
CA ASP E 131 -34.96 -16.25 15.65
C ASP E 131 -33.46 -16.08 15.46
N PRO E 132 -33.05 -15.45 14.36
CA PRO E 132 -31.62 -15.32 14.09
C PRO E 132 -30.93 -14.26 14.94
N TYR E 133 -31.66 -13.22 15.31
CA TYR E 133 -31.06 -12.02 15.90
C TYR E 133 -31.08 -12.01 17.43
N ASP E 134 -31.61 -13.07 18.04
CA ASP E 134 -31.67 -13.14 19.50
C ASP E 134 -30.39 -13.73 20.08
N GLY E 135 -30.33 -13.76 21.41
CA GLY E 135 -29.18 -14.35 22.10
C GLY E 135 -28.07 -13.36 22.39
N VAL E 136 -26.85 -13.88 22.45
CA VAL E 136 -25.68 -13.07 22.78
C VAL E 136 -25.18 -12.29 21.57
N ARG E 137 -25.84 -12.47 20.44
CA ARG E 137 -25.44 -11.87 19.16
C ARG E 137 -25.18 -10.37 19.23
N ASN E 138 -26.20 -9.60 19.63
CA ASN E 138 -26.09 -8.15 19.64
C ASN E 138 -25.22 -7.64 20.80
N ASP E 139 -25.04 -8.47 21.81
CA ASP E 139 -24.16 -8.13 22.92
C ASP E 139 -22.70 -8.34 22.53
N LEU E 140 -22.45 -9.36 21.71
CA LEU E 140 -21.12 -9.65 21.21
C LEU E 140 -20.66 -8.54 20.26
N THR E 141 -21.60 -8.02 19.47
CA THR E 141 -21.30 -6.93 18.56
C THR E 141 -20.99 -5.66 19.34
N ALA E 142 -21.73 -5.45 20.42
CA ALA E 142 -21.54 -4.27 21.27
C ALA E 142 -20.17 -4.29 21.93
N PHE E 143 -19.67 -5.49 22.22
CA PHE E 143 -18.34 -5.65 22.81
C PHE E 143 -17.26 -5.22 21.84
N MSE E 144 -17.40 -5.62 20.57
CA MSE E 144 -16.40 -5.33 19.57
C MSE E 144 -16.39 -3.85 19.19
O MSE E 144 -15.33 -3.27 18.95
CB MSE E 144 -16.63 -6.19 18.32
CG MSE E 144 -16.39 -7.67 18.53
SE MSE E 144 -14.64 -8.07 19.33
CE MSE E 144 -13.49 -7.25 17.99
N GLU E 145 -17.57 -3.24 19.14
CA GLU E 145 -17.67 -1.83 18.79
C GLU E 145 -17.11 -0.95 19.90
N SER E 146 -17.24 -1.39 21.14
CA SER E 146 -16.68 -0.67 22.28
C SER E 146 -15.16 -0.83 22.32
N LEU E 147 -14.69 -2.01 21.93
CA LEU E 147 -13.26 -2.31 21.91
C LEU E 147 -12.57 -1.57 20.78
N HIS E 148 -13.22 -1.54 19.62
CA HIS E 148 -12.68 -0.87 18.44
C HIS E 148 -12.56 0.63 18.68
N SER E 149 -13.57 1.20 19.32
CA SER E 149 -13.59 2.63 19.61
C SER E 149 -12.44 3.04 20.54
N GLU E 150 -12.15 2.20 21.52
CA GLU E 150 -11.13 2.51 22.52
C GLU E 150 -9.72 2.29 21.98
N LEU E 151 -9.56 1.23 21.19
CA LEU E 151 -8.22 0.87 20.69
C LEU E 151 -7.78 1.74 19.52
N GLN E 152 -8.73 2.21 18.72
N GLN E 152 -8.74 2.22 18.73
CA GLN E 152 -8.40 3.11 17.61
CA GLN E 152 -8.44 3.10 17.61
C GLN E 152 -7.95 4.46 18.15
C GLN E 152 -7.96 4.46 18.15
N SER E 153 -8.30 4.74 19.40
CA SER E 153 -7.90 5.98 20.05
C SER E 153 -6.46 5.90 20.54
N MSE E 154 -5.91 4.69 20.53
CA MSE E 154 -4.51 4.48 20.94
C MSE E 154 -3.68 4.02 19.77
O MSE E 154 -2.53 3.60 19.94
CB MSE E 154 -4.44 3.45 22.06
CG MSE E 154 -5.55 3.52 23.08
SE MSE E 154 -5.35 2.14 24.45
CE MSE E 154 -5.08 0.61 23.28
N ASN E 155 -4.24 4.10 18.56
CA ASN E 155 -3.61 3.61 17.34
C ASN E 155 -3.25 2.13 17.46
N LYS E 156 -4.15 1.35 18.05
CA LYS E 156 -3.95 -0.08 18.22
C LYS E 156 -4.84 -0.88 17.29
N LEU E 157 -4.33 -2.01 16.81
CA LEU E 157 -5.05 -2.85 15.85
C LEU E 157 -6.02 -3.79 16.55
N VAL E 158 -7.14 -4.07 15.88
CA VAL E 158 -8.13 -5.01 16.41
C VAL E 158 -8.35 -6.15 15.42
N VAL E 159 -8.11 -7.37 15.87
CA VAL E 159 -8.33 -8.56 15.05
C VAL E 159 -9.28 -9.50 15.78
N MSE E 160 -10.26 -10.06 15.05
CA MSE E 160 -11.20 -10.98 15.68
C MSE E 160 -11.21 -12.34 14.99
O MSE E 160 -11.34 -12.43 13.78
CB MSE E 160 -12.61 -10.39 15.68
CG MSE E 160 -13.62 -11.27 16.42
SE MSE E 160 -15.42 -10.55 16.41
CE MSE E 160 -16.27 -11.85 17.59
N ALA E 161 -11.11 -13.39 15.80
CA ALA E 161 -11.20 -14.75 15.30
C ALA E 161 -12.63 -15.25 15.44
N VAL E 162 -13.24 -15.63 14.32
CA VAL E 162 -14.61 -16.11 14.33
C VAL E 162 -14.71 -17.53 13.80
N MSE E 163 -15.84 -18.17 14.05
CA MSE E 163 -16.07 -19.54 13.60
C MSE E 163 -16.40 -19.57 12.12
O MSE E 163 -17.02 -18.64 11.59
CB MSE E 163 -17.20 -20.18 14.42
CG MSE E 163 -16.88 -20.38 15.89
SE MSE E 163 -15.62 -21.83 16.24
CE MSE E 163 -13.93 -20.87 16.06
N PRO E 164 -15.98 -20.65 11.43
CA PRO E 164 -16.29 -20.75 10.00
C PRO E 164 -17.72 -21.22 9.75
N ARG E 165 -18.54 -20.34 9.19
CA ARG E 165 -19.92 -20.69 8.90
C ARG E 165 -20.08 -20.99 7.41
N MSE E 166 -20.86 -22.02 7.12
CA MSE E 166 -20.96 -22.56 5.77
C MSE E 166 -22.26 -22.16 5.07
O MSE E 166 -22.26 -21.75 3.92
CB MSE E 166 -20.84 -24.08 5.83
CG MSE E 166 -20.39 -24.72 4.55
SE MSE E 166 -20.70 -26.63 4.65
CE MSE E 166 -19.76 -27.02 6.30
N SER E 167 -23.38 -22.29 5.79
CA SER E 167 -24.69 -21.94 5.24
C SER E 167 -25.64 -21.42 6.31
N SER E 168 -26.82 -21.01 5.87
CA SER E 168 -27.83 -20.44 6.76
C SER E 168 -28.30 -21.42 7.82
N SER E 169 -28.32 -22.70 7.48
CA SER E 169 -28.90 -23.73 8.35
C SER E 169 -28.11 -23.94 9.64
N GLN E 170 -26.85 -23.49 9.65
CA GLN E 170 -26.04 -23.58 10.86
C GLN E 170 -26.43 -22.50 11.86
N TYR E 171 -27.55 -22.71 12.56
CA TYR E 171 -28.13 -21.69 13.41
C TYR E 171 -27.35 -21.46 14.70
N TRP E 172 -26.55 -22.44 15.10
CA TRP E 172 -25.79 -22.33 16.35
C TRP E 172 -24.63 -21.36 16.25
N LEU E 173 -24.43 -20.80 15.06
CA LEU E 173 -23.39 -19.79 14.84
C LEU E 173 -24.00 -18.41 14.66
N ASP E 174 -25.25 -18.25 15.08
CA ASP E 174 -25.98 -16.99 14.92
C ASP E 174 -25.48 -15.90 15.85
N ALA E 175 -24.60 -16.26 16.78
CA ALA E 175 -24.02 -15.29 17.70
C ALA E 175 -23.10 -14.31 16.96
N TYR E 176 -22.63 -14.72 15.79
CA TYR E 176 -21.73 -13.88 14.99
C TYR E 176 -22.48 -13.06 13.94
N ASP E 177 -22.52 -11.75 14.15
CA ASP E 177 -23.05 -10.82 13.16
C ASP E 177 -21.90 -10.39 12.26
N TYR E 178 -21.51 -11.27 11.35
CA TYR E 178 -20.35 -11.06 10.48
C TYR E 178 -20.32 -9.70 9.81
N GLU E 179 -21.50 -9.22 9.38
CA GLU E 179 -21.61 -7.91 8.77
C GLU E 179 -21.13 -6.80 9.71
N ALA E 180 -21.80 -6.67 10.85
CA ALA E 180 -21.47 -5.63 11.82
C ALA E 180 -20.13 -5.87 12.50
N LEU E 181 -19.73 -7.14 12.58
CA LEU E 181 -18.49 -7.51 13.25
C LEU E 181 -17.27 -7.05 12.46
N SER E 182 -17.38 -7.12 11.14
CA SER E 182 -16.25 -6.77 10.26
C SER E 182 -15.95 -5.28 10.29
N HIS E 183 -16.93 -4.47 10.70
CA HIS E 183 -16.75 -3.03 10.76
C HIS E 183 -16.15 -2.60 12.09
N ALA E 184 -16.14 -3.51 13.05
CA ALA E 184 -15.58 -3.23 14.37
C ALA E 184 -14.18 -3.82 14.50
N VAL E 185 -13.59 -4.22 13.37
CA VAL E 185 -12.26 -4.80 13.37
C VAL E 185 -11.38 -4.24 12.25
N ASP E 186 -10.08 -4.48 12.37
CA ASP E 186 -9.14 -4.15 11.31
C ASP E 186 -8.94 -5.37 10.42
N TYR E 187 -9.03 -6.55 11.01
CA TYR E 187 -8.93 -7.81 10.27
C TYR E 187 -9.85 -8.86 10.90
N LEU E 188 -10.60 -9.56 10.06
CA LEU E 188 -11.47 -10.64 10.52
C LEU E 188 -10.84 -11.99 10.21
N HIS E 189 -10.52 -12.75 11.25
CA HIS E 189 -9.87 -14.04 11.08
C HIS E 189 -10.89 -15.18 11.11
N VAL E 190 -11.27 -15.66 9.93
CA VAL E 190 -12.18 -16.80 9.83
C VAL E 190 -11.38 -18.09 9.96
N MSE E 191 -11.58 -18.80 11.07
CA MSE E 191 -10.79 -19.98 11.38
C MSE E 191 -11.21 -21.18 10.53
O MSE E 191 -11.78 -22.14 11.04
CB MSE E 191 -10.89 -20.32 12.86
CG MSE E 191 -10.01 -19.46 13.75
SE MSE E 191 -10.51 -19.54 15.62
CE MSE E 191 -8.82 -18.97 16.42
N THR E 192 -10.89 -21.13 9.25
CA THR E 192 -11.24 -22.20 8.33
C THR E 192 -10.35 -23.42 8.51
N TYR E 193 -10.45 -24.05 9.67
CA TYR E 193 -9.79 -25.33 9.91
C TYR E 193 -10.56 -26.12 10.98
N ASP E 194 -10.04 -27.30 11.32
CA ASP E 194 -10.72 -28.24 12.19
C ASP E 194 -12.09 -28.60 11.63
N HIS E 195 -12.14 -28.88 10.33
CA HIS E 195 -13.33 -29.40 9.69
C HIS E 195 -13.62 -30.77 10.29
N HIS E 196 -12.56 -31.54 10.50
CA HIS E 196 -12.62 -32.74 11.33
C HIS E 196 -11.83 -32.48 12.61
N TYR E 197 -12.50 -32.65 13.74
CA TYR E 197 -11.88 -32.34 15.03
C TYR E 197 -11.38 -33.60 15.72
N ARG E 198 -10.89 -33.44 16.95
CA ARG E 198 -10.21 -34.51 17.67
C ARG E 198 -11.05 -35.78 17.83
N THR E 199 -12.31 -35.62 18.21
CA THR E 199 -13.15 -36.77 18.53
C THR E 199 -14.13 -37.13 17.41
N SER E 200 -13.99 -36.49 16.26
CA SER E 200 -14.83 -36.79 15.11
C SER E 200 -14.22 -37.93 14.30
N ALA E 201 -14.93 -38.35 13.26
CA ALA E 201 -14.42 -39.34 12.32
C ALA E 201 -13.25 -38.74 11.54
N PRO E 202 -12.32 -39.60 11.09
CA PRO E 202 -11.16 -39.12 10.32
C PRO E 202 -11.56 -38.41 9.03
N GLY E 203 -10.75 -37.42 8.64
CA GLY E 203 -11.01 -36.63 7.45
C GLY E 203 -10.12 -35.42 7.40
N PRO E 204 -10.17 -34.68 6.28
CA PRO E 204 -9.30 -33.51 6.10
C PRO E 204 -9.59 -32.41 7.11
N ILE E 205 -8.55 -31.88 7.74
CA ILE E 205 -8.68 -30.80 8.72
C ILE E 205 -9.25 -29.54 8.07
N ALA E 206 -8.84 -29.26 6.83
CA ALA E 206 -9.32 -28.09 6.12
C ALA E 206 -9.32 -28.30 4.60
N PRO E 207 -10.35 -28.99 4.08
CA PRO E 207 -10.46 -29.28 2.65
C PRO E 207 -10.53 -28.02 1.79
N TYR E 208 -9.81 -28.01 0.67
CA TYR E 208 -9.77 -26.86 -0.23
C TYR E 208 -11.13 -26.33 -0.67
N PRO E 209 -12.07 -27.22 -1.08
CA PRO E 209 -13.38 -26.66 -1.44
C PRO E 209 -14.14 -26.11 -0.24
N TRP E 210 -13.95 -26.70 0.93
CA TRP E 210 -14.67 -26.26 2.12
C TRP E 210 -14.24 -24.87 2.56
N ILE E 211 -12.95 -24.58 2.45
CA ILE E 211 -12.43 -23.24 2.73
C ILE E 211 -13.19 -22.24 1.87
N LYS E 212 -13.29 -22.56 0.59
CA LYS E 212 -13.96 -21.71 -0.39
C LYS E 212 -15.45 -21.56 -0.07
N GLN E 213 -16.08 -22.64 0.35
CA GLN E 213 -17.50 -22.62 0.71
C GLN E 213 -17.75 -21.71 1.92
N VAL E 214 -16.81 -21.70 2.85
CA VAL E 214 -16.93 -20.87 4.04
C VAL E 214 -16.77 -19.41 3.68
N LEU E 215 -15.72 -19.11 2.91
CA LEU E 215 -15.42 -17.73 2.54
C LEU E 215 -16.48 -17.13 1.64
N THR E 216 -17.09 -17.96 0.79
CA THR E 216 -18.11 -17.46 -0.13
C THR E 216 -19.41 -17.16 0.62
N TYR E 217 -19.60 -17.82 1.77
CA TYR E 217 -20.73 -17.51 2.64
C TYR E 217 -20.49 -16.17 3.33
N ILE E 218 -19.31 -16.02 3.91
CA ILE E 218 -18.94 -14.78 4.60
C ILE E 218 -19.02 -13.60 3.64
N GLN E 219 -18.63 -13.84 2.38
CA GLN E 219 -18.70 -12.82 1.35
C GLN E 219 -20.14 -12.43 1.04
N GLY E 220 -21.04 -13.42 1.09
CA GLY E 220 -22.45 -13.19 0.84
C GLY E 220 -23.13 -12.43 1.96
N GLN E 221 -22.47 -12.36 3.11
CA GLN E 221 -23.01 -11.64 4.26
C GLN E 221 -22.62 -10.17 4.20
N GLY E 222 -21.86 -9.81 3.18
CA GLY E 222 -21.56 -8.42 2.89
C GLY E 222 -20.33 -7.85 3.59
N VAL E 223 -19.39 -8.71 3.96
CA VAL E 223 -18.16 -8.23 4.57
C VAL E 223 -17.13 -7.94 3.49
N ASP E 224 -16.22 -7.01 3.79
CA ASP E 224 -15.14 -6.68 2.88
C ASP E 224 -14.04 -7.73 2.98
N MSE E 225 -13.78 -8.42 1.88
CA MSE E 225 -12.80 -9.50 1.87
C MSE E 225 -11.37 -8.97 1.91
O MSE E 225 -10.41 -9.74 1.98
CB MSE E 225 -13.00 -10.40 0.65
CG MSE E 225 -14.41 -10.91 0.49
SE MSE E 225 -15.09 -11.83 2.09
CE MSE E 225 -14.20 -13.55 1.89
N SER E 226 -11.23 -7.64 1.87
CA SER E 226 -9.94 -7.00 2.06
C SER E 226 -9.53 -7.06 3.52
N LYS E 227 -10.49 -7.39 4.38
CA LYS E 227 -10.25 -7.47 5.82
C LYS E 227 -10.14 -8.91 6.32
N VAL E 228 -10.50 -9.87 5.48
CA VAL E 228 -10.58 -11.26 5.92
C VAL E 228 -9.23 -11.97 5.90
N LEU E 229 -8.89 -12.61 7.02
CA LEU E 229 -7.75 -13.50 7.09
C LEU E 229 -8.24 -14.94 7.16
N MSE E 230 -7.94 -15.74 6.13
CA MSE E 230 -8.34 -17.13 6.15
C MSE E 230 -7.51 -17.92 7.13
O MSE E 230 -6.50 -17.42 7.64
CB MSE E 230 -8.25 -17.75 4.76
CG MSE E 230 -6.82 -17.88 4.25
SE MSE E 230 -6.69 -19.07 2.71
CE MSE E 230 -6.94 -20.78 3.61
N GLY E 231 -7.92 -19.14 7.40
CA GLY E 231 -7.20 -20.00 8.31
C GLY E 231 -6.70 -21.26 7.63
N ILE E 232 -5.61 -21.80 8.15
CA ILE E 232 -5.03 -23.02 7.61
C ILE E 232 -4.35 -23.78 8.76
N PRO E 233 -4.45 -25.11 8.75
CA PRO E 233 -3.79 -25.88 9.81
C PRO E 233 -2.35 -26.23 9.47
N TYR E 234 -1.45 -26.09 10.43
CA TYR E 234 -0.08 -26.56 10.27
C TYR E 234 -0.02 -28.03 10.66
N TYR E 235 -1.05 -28.47 11.38
CA TYR E 235 -1.08 -29.79 12.00
C TYR E 235 -1.95 -30.78 11.26
N GLY E 236 -1.74 -32.06 11.54
CA GLY E 236 -2.60 -33.13 11.07
C GLY E 236 -3.09 -33.90 12.27
N ARG E 237 -3.79 -35.00 12.05
CA ARG E 237 -4.28 -35.81 13.16
C ARG E 237 -4.15 -37.30 12.91
N ASP E 238 -4.09 -38.07 13.99
CA ASP E 238 -3.98 -39.52 13.92
C ASP E 238 -5.13 -40.16 14.70
N TRP E 239 -6.21 -40.49 13.99
CA TRP E 239 -7.42 -41.01 14.61
C TRP E 239 -7.39 -42.51 14.88
N VAL E 240 -8.05 -42.91 15.96
CA VAL E 240 -8.30 -44.31 16.25
C VAL E 240 -9.71 -44.48 16.80
N VAL E 241 -10.24 -45.69 16.73
CA VAL E 241 -11.51 -46.00 17.38
C VAL E 241 -11.25 -46.36 18.83
N ASP E 242 -11.84 -45.60 19.75
CA ASP E 242 -11.57 -45.80 21.18
C ASP E 242 -12.76 -46.40 21.92
N GLY E 243 -13.94 -46.33 21.31
CA GLY E 243 -15.13 -46.88 21.93
C GLY E 243 -16.33 -46.94 20.99
N LYS E 244 -17.51 -47.06 21.57
CA LYS E 244 -18.75 -47.09 20.79
C LYS E 244 -19.78 -46.11 21.33
N ASP E 245 -20.62 -45.61 20.43
CA ASP E 245 -21.69 -44.69 20.78
C ASP E 245 -22.77 -45.39 21.60
N ALA E 246 -23.77 -44.65 22.05
CA ALA E 246 -24.88 -45.22 22.78
C ALA E 246 -25.72 -46.13 21.87
N ASN E 247 -25.57 -45.94 20.55
CA ASN E 247 -26.30 -46.74 19.58
C ASN E 247 -25.41 -47.77 18.88
N GLY E 248 -24.18 -47.90 19.35
CA GLY E 248 -23.25 -48.89 18.82
C GLY E 248 -22.32 -48.36 17.76
N ASN E 249 -22.46 -47.08 17.43
CA ASN E 249 -21.61 -46.45 16.43
C ASN E 249 -20.20 -46.20 16.98
N PRO E 250 -19.18 -46.41 16.15
CA PRO E 250 -17.79 -46.22 16.60
C PRO E 250 -17.51 -44.77 16.99
N THR E 251 -16.86 -44.57 18.14
CA THR E 251 -16.41 -43.24 18.53
C THR E 251 -14.91 -43.13 18.29
N TYR E 252 -14.44 -41.91 18.04
CA TYR E 252 -13.04 -41.72 17.66
C TYR E 252 -12.28 -40.80 18.60
N ASN E 253 -10.96 -40.94 18.58
CA ASN E 253 -10.07 -40.07 19.33
C ASN E 253 -8.75 -39.95 18.58
N SER E 254 -8.09 -38.81 18.68
CA SER E 254 -6.88 -38.58 17.90
C SER E 254 -5.85 -37.73 18.62
N THR E 255 -4.60 -37.86 18.19
CA THR E 255 -3.53 -36.96 18.61
C THR E 255 -3.20 -36.03 17.46
N ALA E 256 -2.46 -34.96 17.73
CA ALA E 256 -2.10 -34.01 16.69
C ALA E 256 -0.59 -33.88 16.57
N PHE E 257 -0.12 -33.58 15.36
CA PHE E 257 1.30 -33.39 15.12
C PHE E 257 1.54 -32.58 13.85
N GLY E 258 2.80 -32.24 13.61
CA GLY E 258 3.16 -31.43 12.46
C GLY E 258 3.47 -32.24 11.20
N TYR E 259 3.88 -31.52 10.16
CA TYR E 259 4.20 -32.14 8.87
C TYR E 259 5.30 -33.18 8.97
N SER E 260 6.40 -32.83 9.63
CA SER E 260 7.56 -33.71 9.73
C SER E 260 7.21 -35.03 10.43
N LYS E 261 6.51 -34.92 11.56
CA LYS E 261 6.11 -36.10 12.32
C LYS E 261 5.17 -36.99 11.50
N ALA E 262 4.40 -36.37 10.60
CA ALA E 262 3.47 -37.11 9.76
C ALA E 262 4.21 -38.03 8.78
N LEU E 263 5.26 -37.50 8.16
CA LEU E 263 6.04 -38.28 7.20
C LEU E 263 6.82 -39.41 7.86
N GLU E 264 7.22 -39.19 9.11
CA GLU E 264 7.94 -40.21 9.87
C GLU E 264 7.05 -41.44 10.10
N LEU E 265 5.80 -41.21 10.49
CA LEU E 265 4.84 -42.28 10.70
C LEU E 265 4.67 -43.12 9.44
N ALA E 266 4.47 -42.44 8.32
CA ALA E 266 4.33 -43.11 7.03
C ALA E 266 5.58 -43.91 6.70
N ASP E 267 6.74 -43.33 7.00
CA ASP E 267 8.02 -43.98 6.75
C ASP E 267 8.23 -45.15 7.69
N SER E 268 7.75 -45.01 8.93
CA SER E 268 7.93 -46.03 9.95
C SER E 268 7.17 -47.32 9.64
N TYR E 269 5.91 -47.17 9.24
CA TYR E 269 5.05 -48.31 9.01
C TYR E 269 4.94 -48.64 7.52
N GLY E 270 5.73 -47.96 6.71
CA GLY E 270 5.75 -48.20 5.28
C GLY E 270 4.42 -47.92 4.60
N ALA E 271 3.62 -47.04 5.19
CA ALA E 271 2.32 -46.69 4.64
C ALA E 271 2.47 -45.66 3.52
N THR E 272 1.81 -45.91 2.40
CA THR E 272 1.84 -44.99 1.27
C THR E 272 0.89 -43.82 1.49
N ILE E 273 1.30 -42.65 1.04
CA ILE E 273 0.51 -41.44 1.22
C ILE E 273 -0.29 -41.09 -0.02
N THR E 274 -1.60 -41.20 0.08
CA THR E 274 -2.51 -40.85 -1.01
C THR E 274 -3.16 -39.49 -0.77
N TYR E 275 -3.96 -39.03 -1.72
CA TYR E 275 -4.59 -37.73 -1.61
C TYR E 275 -6.11 -37.80 -1.67
N SER E 276 -6.76 -37.31 -0.62
CA SER E 276 -8.22 -37.30 -0.55
C SER E 276 -8.78 -36.01 -1.15
N LYS E 277 -9.47 -36.14 -2.27
CA LYS E 277 -10.07 -34.99 -2.94
C LYS E 277 -11.51 -34.82 -2.47
N TYR E 278 -11.80 -33.66 -1.89
CA TYR E 278 -13.09 -33.38 -1.26
C TYR E 278 -14.26 -33.48 -2.24
N ASN E 279 -14.06 -32.96 -3.45
CA ASN E 279 -15.05 -33.12 -4.52
C ASN E 279 -14.39 -32.98 -5.88
N ASP E 280 -15.21 -32.86 -6.92
CA ASP E 280 -14.71 -32.78 -8.28
C ASP E 280 -13.98 -31.46 -8.57
N ALA E 281 -14.09 -30.52 -7.64
CA ALA E 281 -13.46 -29.21 -7.81
C ALA E 281 -12.21 -29.07 -6.95
N ASP E 282 -11.62 -30.21 -6.57
CA ASP E 282 -10.46 -30.23 -5.68
C ASP E 282 -9.27 -30.93 -6.33
N PRO E 283 -8.51 -30.19 -7.17
CA PRO E 283 -7.40 -30.71 -7.97
C PRO E 283 -6.31 -31.40 -7.15
N VAL E 284 -5.71 -30.68 -6.20
CA VAL E 284 -4.62 -31.23 -5.40
C VAL E 284 -5.13 -32.20 -4.34
N GLY E 285 -6.01 -31.73 -3.47
CA GLY E 285 -6.55 -32.56 -2.41
C GLY E 285 -5.76 -32.43 -1.12
N THR E 286 -6.00 -33.38 -0.21
CA THR E 286 -5.30 -33.40 1.08
C THR E 286 -4.68 -34.77 1.34
N PRO E 287 -3.41 -34.80 1.77
CA PRO E 287 -2.68 -36.06 1.98
C PRO E 287 -3.20 -36.85 3.17
N THR E 288 -3.17 -38.17 3.06
CA THR E 288 -3.66 -39.06 4.10
C THR E 288 -3.05 -40.46 3.97
N PHE E 289 -3.03 -41.20 5.07
CA PHE E 289 -2.57 -42.59 5.04
C PHE E 289 -3.09 -43.38 6.23
N LYS E 290 -3.21 -44.69 6.05
CA LYS E 290 -3.60 -45.60 7.12
C LYS E 290 -2.46 -46.54 7.44
N TYR E 291 -2.42 -47.02 8.68
CA TYR E 291 -1.42 -47.99 9.08
C TYR E 291 -1.86 -48.78 10.31
N THR E 292 -1.40 -50.03 10.40
CA THR E 292 -1.65 -50.85 11.57
C THR E 292 -0.34 -50.98 12.37
N ASP E 293 -0.43 -50.76 13.68
CA ASP E 293 0.75 -50.73 14.53
C ASP E 293 0.87 -51.98 15.40
N GLU E 294 1.69 -51.88 16.44
CA GLU E 294 1.75 -52.90 17.47
C GLU E 294 0.41 -52.95 18.19
N LYS E 295 0.11 -54.10 18.80
CA LYS E 295 -1.19 -54.37 19.44
C LYS E 295 -2.34 -54.42 18.43
N GLY E 296 -2.06 -54.04 17.18
CA GLY E 296 -2.99 -54.24 16.08
C GLY E 296 -4.22 -53.34 16.04
N VAL E 297 -4.04 -52.05 16.30
CA VAL E 297 -5.14 -51.11 16.16
C VAL E 297 -4.94 -50.25 14.91
N GLU E 298 -6.02 -50.05 14.16
CA GLU E 298 -5.97 -49.28 12.92
C GLU E 298 -5.89 -47.78 13.19
N HIS E 299 -4.95 -47.12 12.53
CA HIS E 299 -4.81 -45.67 12.62
C HIS E 299 -5.16 -45.01 11.30
N THR E 300 -5.78 -43.83 11.37
CA THR E 300 -6.05 -43.05 10.17
C THR E 300 -5.50 -41.64 10.32
N VAL E 301 -4.64 -41.24 9.40
CA VAL E 301 -3.98 -39.95 9.48
C VAL E 301 -4.40 -39.02 8.33
N PHE E 302 -4.76 -37.79 8.68
CA PHE E 302 -4.99 -36.74 7.70
C PHE E 302 -4.13 -35.54 8.07
N PHE E 303 -3.34 -35.05 7.13
CA PHE E 303 -2.46 -33.91 7.39
C PHE E 303 -2.33 -33.03 6.15
N ASP E 304 -1.32 -32.16 6.16
CA ASP E 304 -1.05 -31.31 5.00
C ASP E 304 0.44 -31.26 4.68
N ASP E 305 0.76 -31.38 3.40
CA ASP E 305 2.13 -31.19 2.95
C ASP E 305 2.23 -29.87 2.18
N TYR E 306 3.35 -29.66 1.49
CA TYR E 306 3.58 -28.40 0.81
C TYR E 306 2.68 -28.20 -0.40
N THR E 307 2.24 -29.31 -1.00
CA THR E 307 1.39 -29.24 -2.18
C THR E 307 -0.03 -28.80 -1.80
N SER E 308 -0.55 -29.33 -0.70
CA SER E 308 -1.88 -28.98 -0.24
C SER E 308 -1.89 -27.56 0.34
N TRP E 309 -0.84 -27.22 1.10
CA TRP E 309 -0.68 -25.88 1.64
C TRP E 309 -0.64 -24.84 0.53
N ASN E 310 0.04 -25.18 -0.57
CA ASN E 310 0.16 -24.28 -1.71
C ASN E 310 -1.19 -24.05 -2.38
N ALA E 311 -1.98 -25.11 -2.50
CA ALA E 311 -3.30 -25.01 -3.10
C ALA E 311 -4.22 -24.11 -2.28
N LYS E 312 -4.21 -24.32 -0.96
CA LYS E 312 -5.11 -23.59 -0.07
C LYS E 312 -4.70 -22.13 0.11
N LEU E 313 -3.40 -21.85 -0.02
CA LEU E 313 -2.90 -20.47 0.10
C LEU E 313 -3.16 -19.67 -1.17
N SER E 314 -3.56 -20.36 -2.23
CA SER E 314 -3.91 -19.69 -3.49
C SER E 314 -5.28 -19.02 -3.40
N ILE E 315 -6.05 -19.41 -2.38
CA ILE E 315 -7.38 -18.86 -2.17
C ILE E 315 -7.29 -17.38 -1.81
N ILE E 316 -6.15 -16.97 -1.27
CA ILE E 316 -5.91 -15.58 -0.93
C ILE E 316 -6.02 -14.69 -2.17
N ASN E 317 -5.53 -15.19 -3.31
CA ASN E 317 -5.62 -14.44 -4.55
C ASN E 317 -6.99 -14.55 -5.20
N GLU E 318 -7.67 -15.68 -4.99
CA GLU E 318 -9.02 -15.87 -5.52
C GLU E 318 -9.99 -14.84 -4.98
N PHE E 319 -10.06 -14.74 -3.65
CA PHE E 319 -11.04 -13.88 -3.00
C PHE E 319 -10.50 -12.50 -2.68
N GLY E 320 -9.21 -12.30 -2.91
CA GLY E 320 -8.56 -11.04 -2.58
C GLY E 320 -8.52 -10.86 -1.07
N LEU E 321 -8.15 -11.91 -0.36
CA LEU E 321 -8.10 -11.87 1.09
C LEU E 321 -6.94 -11.02 1.57
N ALA E 322 -7.01 -10.57 2.82
CA ALA E 322 -5.95 -9.78 3.42
C ALA E 322 -4.72 -10.65 3.66
N GLY E 323 -4.95 -11.92 3.96
CA GLY E 323 -3.87 -12.85 4.25
C GLY E 323 -4.36 -14.08 4.97
N VAL E 324 -3.46 -14.73 5.69
CA VAL E 324 -3.79 -16.00 6.34
C VAL E 324 -3.39 -15.98 7.82
N GLY E 325 -4.15 -16.71 8.65
CA GLY E 325 -3.82 -16.85 10.05
C GLY E 325 -3.72 -18.31 10.45
N PRO E 326 -2.57 -18.93 10.19
CA PRO E 326 -2.37 -20.36 10.43
C PRO E 326 -2.27 -20.74 11.91
N TRP E 327 -2.68 -21.97 12.22
CA TRP E 327 -2.55 -22.50 13.57
C TRP E 327 -1.85 -23.86 13.54
N ALA E 328 -0.73 -24.00 14.24
CA ALA E 328 -0.05 -22.91 14.95
C ALA E 328 1.46 -23.13 14.86
N MSE E 329 2.23 -22.15 15.30
CA MSE E 329 3.69 -22.23 15.17
C MSE E 329 4.31 -23.36 15.97
O MSE E 329 5.44 -23.78 15.71
CB MSE E 329 4.33 -20.90 15.60
CG MSE E 329 4.03 -19.75 14.65
SE MSE E 329 5.33 -18.32 14.80
CE MSE E 329 5.12 -17.93 16.70
N GLY E 330 3.58 -23.87 16.96
CA GLY E 330 4.05 -24.97 17.77
C GLY E 330 4.17 -26.27 17.00
N TRP E 331 3.44 -26.36 15.88
CA TRP E 331 3.46 -27.55 15.05
C TRP E 331 4.46 -27.43 13.91
N VAL E 332 5.43 -26.55 14.08
CA VAL E 332 6.47 -26.37 13.06
C VAL E 332 7.85 -26.58 13.67
N ASP E 333 8.50 -27.67 13.28
CA ASP E 333 9.87 -27.94 13.73
C ASP E 333 10.89 -27.54 12.66
N GLU E 334 12.12 -28.01 12.82
CA GLU E 334 13.21 -27.64 11.92
C GLU E 334 12.95 -28.05 10.47
N ASN E 335 12.66 -29.34 10.26
CA ASN E 335 12.51 -29.89 8.91
C ASN E 335 11.31 -29.32 8.16
N THR E 336 10.22 -29.05 8.88
CA THR E 336 9.03 -28.48 8.28
C THR E 336 9.25 -27.01 7.92
N ALA E 337 9.96 -26.30 8.79
CA ALA E 337 10.21 -24.86 8.61
C ALA E 337 11.00 -24.58 7.34
N GLU E 338 11.82 -25.55 6.93
CA GLU E 338 12.70 -25.38 5.78
C GLU E 338 11.93 -25.13 4.49
N GLY E 339 10.74 -25.73 4.38
CA GLY E 339 9.93 -25.59 3.19
C GLY E 339 8.71 -24.70 3.36
N LEU E 340 8.19 -24.64 4.57
CA LEU E 340 6.95 -23.91 4.85
C LEU E 340 7.14 -22.39 4.74
N PHE E 341 8.17 -21.87 5.40
CA PHE E 341 8.42 -20.44 5.39
C PHE E 341 8.67 -19.87 3.99
N PRO E 342 9.47 -20.56 3.14
CA PRO E 342 9.54 -20.07 1.77
C PRO E 342 8.17 -20.04 1.08
N LEU E 343 7.36 -21.05 1.37
CA LEU E 343 6.02 -21.15 0.78
C LEU E 343 5.13 -19.99 1.23
N LEU E 344 5.26 -19.59 2.49
CA LEU E 344 4.55 -18.43 3.00
C LEU E 344 5.00 -17.17 2.26
N ASN E 345 6.30 -17.09 1.99
CA ASN E 345 6.88 -15.94 1.31
C ASN E 345 6.36 -15.78 -0.11
N GLN E 346 6.04 -16.89 -0.76
CA GLN E 346 5.54 -16.86 -2.13
C GLN E 346 4.18 -16.17 -2.20
N HIS E 347 3.28 -16.57 -1.32
CA HIS E 347 1.91 -16.07 -1.33
C HIS E 347 1.76 -14.71 -0.66
N LEU E 348 2.44 -14.52 0.46
CA LEU E 348 2.20 -13.37 1.32
C LEU E 348 3.15 -12.19 1.06
N ARG E 349 4.23 -12.43 0.33
CA ARG E 349 5.17 -11.36 0.03
C ARG E 349 5.22 -11.04 -1.47
N ASN F 2 35.18 22.36 0.39
CA ASN F 2 35.62 22.12 -0.98
C ASN F 2 34.66 21.22 -1.75
N ALA F 3 34.28 20.11 -1.14
CA ALA F 3 33.33 19.19 -1.76
C ALA F 3 31.90 19.56 -1.44
N LYS F 4 31.16 19.95 -2.47
CA LYS F 4 29.77 20.36 -2.29
C LYS F 4 28.81 19.28 -2.77
N ILE F 5 27.52 19.51 -2.56
CA ILE F 5 26.51 18.54 -2.94
C ILE F 5 25.96 18.81 -4.34
N SER F 6 26.04 17.80 -5.20
CA SER F 6 25.52 17.90 -6.55
C SER F 6 24.21 17.12 -6.66
N LEU F 7 23.10 17.84 -6.58
CA LEU F 7 21.79 17.20 -6.65
C LEU F 7 21.20 17.37 -8.04
N GLN F 8 21.11 16.27 -8.79
CA GLN F 8 20.51 16.33 -10.12
C GLN F 8 19.12 15.75 -10.11
N TYR F 9 18.21 16.39 -10.82
CA TYR F 9 16.84 15.88 -10.91
C TYR F 9 16.69 14.98 -12.13
N TRP F 10 16.18 13.79 -11.86
CA TRP F 10 16.14 12.69 -12.80
C TRP F 10 14.74 12.61 -13.42
N ASP F 11 14.41 13.59 -14.26
CA ASP F 11 13.03 13.74 -14.74
C ASP F 11 12.72 12.86 -15.95
N GLY F 12 12.65 11.55 -15.73
CA GLY F 12 12.28 10.62 -16.78
C GLY F 12 10.79 10.43 -16.84
N TYR F 13 10.10 10.92 -15.81
CA TYR F 13 8.64 10.78 -15.69
C TYR F 13 8.21 9.31 -15.73
N ALA F 14 7.52 8.90 -16.79
CA ALA F 14 7.08 7.52 -16.90
C ALA F 14 7.82 6.77 -17.99
N SER F 15 8.91 7.36 -18.48
CA SER F 15 9.68 6.75 -19.56
C SER F 15 10.97 6.12 -19.06
N TYR F 16 10.96 4.79 -18.97
CA TYR F 16 12.09 4.02 -18.45
C TYR F 16 13.38 4.30 -19.21
N GLU F 17 13.31 4.36 -20.53
CA GLU F 17 14.52 4.55 -21.32
C GLU F 17 15.01 5.99 -21.25
N THR F 18 14.14 6.90 -20.86
CA THR F 18 14.54 8.29 -20.66
C THR F 18 15.40 8.40 -19.41
N TYR F 19 15.02 7.67 -18.36
CA TYR F 19 15.84 7.59 -17.16
C TYR F 19 17.23 7.06 -17.50
N LEU F 20 17.27 6.04 -18.36
CA LEU F 20 18.52 5.42 -18.77
C LEU F 20 19.40 6.37 -19.56
N ARG F 21 18.81 7.07 -20.52
N ARG F 21 18.81 7.08 -20.52
CA ARG F 21 19.54 8.02 -21.35
CA ARG F 21 19.56 8.00 -21.35
C ARG F 21 20.19 9.11 -20.51
C ARG F 21 20.17 9.15 -20.55
N GLN F 22 19.44 9.62 -19.54
CA GLN F 22 19.92 10.69 -18.67
C GLN F 22 21.11 10.21 -17.84
N LEU F 23 20.99 9.02 -17.27
CA LEU F 23 22.06 8.46 -16.45
C LEU F 23 23.33 8.27 -17.28
N SER F 24 23.15 7.94 -18.55
CA SER F 24 24.28 7.60 -19.43
C SER F 24 25.05 8.82 -19.90
N LEU F 25 24.54 10.01 -19.59
CA LEU F 25 25.20 11.23 -20.03
C LEU F 25 26.23 11.73 -19.00
N ILE F 26 26.13 11.24 -17.78
CA ILE F 26 27.12 11.55 -16.75
C ILE F 26 28.46 10.90 -17.10
N PRO F 27 29.50 11.73 -17.28
CA PRO F 27 30.83 11.29 -17.72
C PRO F 27 31.63 10.57 -16.63
N GLY F 28 32.75 9.98 -17.03
CA GLY F 28 33.72 9.40 -16.13
C GLY F 28 33.19 8.70 -14.90
N LYS F 29 33.85 8.94 -13.76
CA LYS F 29 33.34 8.47 -12.48
C LYS F 29 32.20 9.37 -12.07
N ALA F 30 31.01 8.78 -11.93
CA ALA F 30 29.78 9.53 -11.67
C ALA F 30 29.90 10.46 -10.46
N THR F 31 30.48 9.96 -9.38
CA THR F 31 30.59 10.72 -8.14
C THR F 31 31.48 11.96 -8.26
N ASP F 32 32.17 12.10 -9.38
CA ASP F 32 32.96 13.30 -9.64
C ASP F 32 32.08 14.42 -10.17
N TYR F 33 30.80 14.14 -10.36
CA TYR F 33 29.90 15.11 -10.97
C TYR F 33 28.55 15.19 -10.26
N VAL F 34 28.07 14.06 -9.74
CA VAL F 34 26.76 14.02 -9.10
C VAL F 34 26.78 13.26 -7.78
N ASP F 35 26.09 13.79 -6.77
CA ASP F 35 25.94 13.12 -5.48
C ASP F 35 24.62 12.37 -5.41
N TYR F 36 23.53 13.09 -5.72
CA TYR F 36 22.19 12.53 -5.63
C TYR F 36 21.42 12.71 -6.92
N VAL F 37 20.68 11.67 -7.32
CA VAL F 37 19.74 11.81 -8.42
C VAL F 37 18.33 11.65 -7.89
N SER F 38 17.42 12.49 -8.38
CA SER F 38 16.04 12.46 -7.91
C SER F 38 15.06 12.17 -9.03
N PRO F 39 14.61 10.91 -9.12
CA PRO F 39 13.63 10.49 -10.13
C PRO F 39 12.22 10.90 -9.74
N ASN F 40 11.41 11.35 -10.70
CA ASN F 40 10.04 11.71 -10.41
C ASN F 40 9.09 10.55 -10.72
N TRP F 41 9.08 9.58 -9.81
CA TRP F 41 8.27 8.38 -9.97
C TRP F 41 6.85 8.55 -9.43
N ARG F 42 6.53 9.76 -8.97
CA ARG F 42 5.22 10.01 -8.40
C ARG F 42 4.16 10.12 -9.50
N GLY F 43 3.16 9.25 -9.42
CA GLY F 43 2.06 9.26 -10.36
C GLY F 43 0.95 10.16 -9.87
N SER F 44 0.47 9.88 -8.66
CA SER F 44 -0.58 10.71 -8.06
C SER F 44 -0.52 10.66 -6.54
N ILE F 45 -0.99 11.73 -5.90
CA ILE F 45 -1.12 11.79 -4.45
C ILE F 45 -2.59 11.89 -4.09
N GLY F 46 -3.05 10.98 -3.23
CA GLY F 46 -4.43 11.01 -2.77
C GLY F 46 -4.60 11.87 -1.53
N THR F 47 -5.79 12.43 -1.35
CA THR F 47 -6.08 13.26 -0.19
C THR F 47 -6.01 12.45 1.11
N ASP F 48 -6.17 11.15 1.00
CA ASP F 48 -6.06 10.25 2.15
C ASP F 48 -4.61 9.97 2.51
N GLY F 49 -3.69 10.40 1.65
CA GLY F 49 -2.27 10.20 1.87
C GLY F 49 -1.66 9.09 1.04
N SER F 50 -2.50 8.38 0.31
CA SER F 50 -2.05 7.27 -0.52
C SER F 50 -1.09 7.75 -1.62
N LEU F 51 -0.16 6.89 -2.00
CA LEU F 51 0.84 7.22 -3.00
C LEU F 51 0.82 6.23 -4.16
N LYS F 52 0.55 6.75 -5.36
CA LYS F 52 0.55 5.93 -6.56
C LYS F 52 1.72 6.31 -7.46
N LEU F 53 2.48 5.31 -7.89
CA LEU F 53 3.68 5.55 -8.68
C LEU F 53 3.39 5.51 -10.18
N VAL F 54 4.38 5.88 -10.99
CA VAL F 54 4.16 6.06 -12.42
C VAL F 54 3.98 4.76 -13.18
N TRP F 55 4.53 3.66 -12.65
CA TRP F 55 4.39 2.36 -13.32
C TRP F 55 3.54 1.43 -12.47
N ASP F 56 3.39 0.18 -12.93
CA ASP F 56 2.53 -0.80 -12.27
C ASP F 56 2.88 -1.01 -10.80
N GLU F 57 1.97 -1.66 -10.08
CA GLU F 57 2.13 -1.87 -8.65
C GLU F 57 3.43 -2.60 -8.32
N GLY F 58 3.69 -3.70 -9.01
CA GLY F 58 4.86 -4.51 -8.73
C GLY F 58 5.95 -4.43 -9.77
N SER F 59 6.03 -3.30 -10.48
CA SER F 59 7.06 -3.12 -11.49
C SER F 59 8.45 -3.20 -10.88
N SER F 60 9.35 -3.90 -11.56
CA SER F 60 10.72 -4.05 -11.10
C SER F 60 11.59 -2.90 -11.59
N ASN F 61 10.97 -1.97 -12.31
CA ASN F 61 11.68 -0.81 -12.85
C ASN F 61 12.38 0.02 -11.78
N TYR F 62 11.71 0.23 -10.66
CA TYR F 62 12.24 1.08 -9.59
C TYR F 62 13.54 0.52 -9.02
N LYS F 63 13.55 -0.76 -8.67
CA LYS F 63 14.74 -1.41 -8.15
C LYS F 63 15.90 -1.37 -9.14
N GLN F 64 15.59 -1.59 -10.41
CA GLN F 64 16.62 -1.67 -11.44
C GLN F 64 17.30 -0.32 -11.69
N LEU F 65 16.52 0.75 -11.71
CA LEU F 65 17.07 2.09 -11.86
C LEU F 65 17.92 2.45 -10.64
N THR F 66 17.45 2.05 -9.47
CA THR F 66 18.13 2.35 -8.22
C THR F 66 19.42 1.58 -8.11
N ASN F 67 19.38 0.29 -8.41
CA ASN F 67 20.56 -0.55 -8.32
C ASN F 67 21.63 -0.09 -9.30
N MSE F 68 21.21 0.43 -10.45
CA MSE F 68 22.13 0.94 -11.44
C MSE F 68 22.79 2.22 -10.96
O MSE F 68 24.02 2.34 -10.98
CB MSE F 68 21.42 1.18 -12.76
CG MSE F 68 22.36 1.57 -13.89
SE MSE F 68 21.47 1.56 -15.61
CE MSE F 68 22.95 2.14 -16.73
N ALA F 69 21.97 3.17 -10.50
CA ALA F 69 22.46 4.43 -9.96
C ALA F 69 23.42 4.18 -8.80
N HIS F 70 23.10 3.18 -7.97
CA HIS F 70 23.98 2.77 -6.89
C HIS F 70 25.29 2.21 -7.43
N GLY F 71 25.20 1.43 -8.50
CA GLY F 71 26.39 0.82 -9.08
C GLY F 71 27.35 1.85 -9.64
N LEU F 72 26.83 3.01 -10.01
CA LEU F 72 27.65 4.08 -10.56
C LEU F 72 28.20 4.97 -9.46
N GLY F 73 27.71 4.76 -8.24
CA GLY F 73 28.23 5.47 -7.08
C GLY F 73 27.32 6.55 -6.53
N MSE F 74 26.18 6.76 -7.19
CA MSE F 74 25.24 7.79 -6.75
C MSE F 74 24.25 7.28 -5.71
O MSE F 74 24.19 6.08 -5.44
CB MSE F 74 24.47 8.35 -7.94
CG MSE F 74 25.31 9.16 -8.90
SE MSE F 74 24.61 8.97 -10.69
CE MSE F 74 25.66 10.30 -11.59
N LYS F 75 23.49 8.19 -5.14
CA LYS F 75 22.41 7.85 -4.22
C LYS F 75 21.08 8.30 -4.82
N VAL F 76 20.01 7.59 -4.49
CA VAL F 76 18.72 7.85 -5.13
C VAL F 76 17.71 8.45 -4.14
N LEU F 77 17.19 9.64 -4.49
CA LEU F 77 16.17 10.31 -3.68
C LEU F 77 14.91 10.58 -4.49
N PRO F 78 13.96 9.63 -4.51
CA PRO F 78 12.72 9.76 -5.26
C PRO F 78 11.96 11.05 -4.96
N LEU F 79 11.61 11.80 -6.00
CA LEU F 79 10.88 13.06 -5.84
C LEU F 79 9.42 12.81 -5.48
N ILE F 80 8.97 13.39 -4.38
CA ILE F 80 7.57 13.34 -4.00
C ILE F 80 6.94 14.72 -4.11
N ASN F 81 6.32 15.00 -5.25
CA ASN F 81 5.77 16.31 -5.53
C ASN F 81 4.25 16.37 -5.46
N GLY F 82 3.73 17.53 -5.06
CA GLY F 82 2.31 17.74 -4.96
C GLY F 82 2.01 19.21 -4.75
N SER F 83 0.75 19.61 -4.95
CA SER F 83 0.36 21.00 -4.77
C SER F 83 -1.15 21.12 -4.64
N GLY F 84 -1.62 22.36 -4.44
CA GLY F 84 -3.04 22.66 -4.49
C GLY F 84 -3.89 22.05 -3.40
N ALA F 85 -5.20 22.01 -3.64
CA ALA F 85 -6.19 21.63 -2.65
C ALA F 85 -6.02 20.19 -2.16
N THR F 86 -5.57 19.32 -3.06
CA THR F 86 -5.33 17.92 -2.70
C THR F 86 -4.35 17.83 -1.54
N LEU F 87 -3.28 18.60 -1.65
CA LEU F 87 -2.22 18.59 -0.65
C LEU F 87 -2.66 19.28 0.64
N ASN F 88 -3.45 20.35 0.50
CA ASN F 88 -4.01 21.02 1.66
C ASN F 88 -4.85 20.09 2.50
N THR F 89 -5.69 19.30 1.84
CA THR F 89 -6.55 18.34 2.52
C THR F 89 -5.72 17.26 3.22
N LEU F 90 -4.64 16.83 2.56
CA LEU F 90 -3.77 15.81 3.12
C LEU F 90 -3.06 16.30 4.37
N LEU F 91 -2.37 17.43 4.25
CA LEU F 91 -1.56 17.98 5.33
C LEU F 91 -2.37 18.38 6.55
N LYS F 92 -3.61 18.80 6.34
CA LYS F 92 -4.46 19.22 7.45
C LYS F 92 -4.97 18.02 8.24
N SER F 93 -4.94 16.85 7.61
CA SER F 93 -5.34 15.61 8.26
C SER F 93 -4.14 14.83 8.77
N PRO F 94 -4.02 14.68 10.10
CA PRO F 94 -2.91 13.94 10.73
C PRO F 94 -2.86 12.48 10.29
N ALA F 95 -4.02 11.88 10.04
CA ALA F 95 -4.07 10.50 9.58
C ALA F 95 -3.54 10.39 8.14
N ALA F 96 -3.88 11.38 7.31
CA ALA F 96 -3.42 11.42 5.94
C ALA F 96 -1.91 11.62 5.88
N ARG F 97 -1.38 12.43 6.79
CA ARG F 97 0.06 12.66 6.86
C ARG F 97 0.80 11.38 7.23
N GLU F 98 0.27 10.66 8.22
CA GLU F 98 0.86 9.40 8.66
C GLU F 98 0.84 8.37 7.54
N LYS F 99 -0.23 8.37 6.75
CA LYS F 99 -0.39 7.45 5.63
C LYS F 99 0.69 7.67 4.58
N LEU F 100 0.95 8.94 4.26
CA LEU F 100 1.94 9.28 3.25
C LEU F 100 3.35 8.91 3.70
N ILE F 101 3.64 9.13 4.99
CA ILE F 101 4.93 8.74 5.54
C ILE F 101 5.14 7.24 5.36
N GLY F 102 4.10 6.46 5.71
CA GLY F 102 4.15 5.02 5.59
C GLY F 102 4.39 4.55 4.17
N GLU F 103 3.75 5.23 3.21
CA GLU F 103 3.90 4.88 1.80
C GLU F 103 5.31 5.19 1.32
N ILE F 104 5.90 6.26 1.85
CA ILE F 104 7.28 6.61 1.53
C ILE F 104 8.24 5.57 2.12
N VAL F 105 7.92 5.12 3.34
CA VAL F 105 8.72 4.10 4.00
C VAL F 105 8.78 2.81 3.20
N VAL F 106 7.62 2.32 2.75
CA VAL F 106 7.58 1.07 1.99
C VAL F 106 8.21 1.27 0.62
N LEU F 107 8.18 2.51 0.11
CA LEU F 107 8.83 2.83 -1.15
C LEU F 107 10.34 2.69 -1.00
N LEU F 108 10.89 3.22 0.08
CA LEU F 108 12.33 3.15 0.33
C LEU F 108 12.76 1.71 0.63
N LYS F 109 11.87 0.96 1.27
CA LYS F 109 12.15 -0.43 1.63
C LYS F 109 12.20 -1.31 0.39
N ASN F 110 11.27 -1.11 -0.54
CA ASN F 110 11.19 -1.91 -1.75
C ASN F 110 12.23 -1.50 -2.79
N THR F 111 12.68 -0.26 -2.70
CA THR F 111 13.55 0.33 -3.71
C THR F 111 15.01 0.32 -3.30
N ASN F 112 15.23 0.40 -1.98
CA ASN F 112 16.55 0.60 -1.38
C ASN F 112 17.11 1.97 -1.74
N ALA F 113 16.21 2.91 -2.05
CA ALA F 113 16.61 4.29 -2.25
C ALA F 113 17.17 4.85 -0.95
N ASP F 114 17.96 5.92 -1.06
CA ASP F 114 18.74 6.40 0.08
C ASP F 114 18.04 7.51 0.85
N GLY F 115 16.86 7.90 0.37
CA GLY F 115 16.12 8.97 1.00
C GLY F 115 15.05 9.51 0.09
N VAL F 116 14.65 10.75 0.30
CA VAL F 116 13.52 11.30 -0.44
C VAL F 116 13.63 12.81 -0.62
N VAL F 117 13.03 13.32 -1.68
CA VAL F 117 12.92 14.75 -1.88
C VAL F 117 11.45 15.16 -1.86
N ILE F 118 11.06 15.94 -0.86
CA ILE F 118 9.70 16.45 -0.77
C ILE F 118 9.56 17.73 -1.58
N ASP F 119 8.66 17.72 -2.55
CA ASP F 119 8.45 18.88 -3.42
C ASP F 119 6.99 19.33 -3.35
N PHE F 120 6.56 19.78 -2.18
CA PHE F 120 5.21 20.32 -2.00
C PHE F 120 5.17 21.77 -2.45
N GLU F 121 4.77 22.01 -3.69
CA GLU F 121 4.82 23.34 -4.27
C GLU F 121 3.53 24.13 -4.07
N THR F 122 3.66 25.45 -4.17
CA THR F 122 2.54 26.36 -4.12
C THR F 122 1.60 26.05 -5.30
N PRO F 123 0.29 26.33 -5.16
CA PRO F 123 -0.41 26.97 -4.03
C PRO F 123 -0.68 26.07 -2.82
N LEU F 124 -0.33 26.58 -1.64
CA LEU F 124 -0.72 25.97 -0.37
C LEU F 124 -1.56 26.98 0.41
N ASP F 125 -2.40 26.48 1.31
CA ASP F 125 -3.31 27.34 2.04
C ASP F 125 -2.57 28.30 2.98
N TYR F 126 -2.74 29.60 2.73
CA TYR F 126 -2.10 30.60 3.58
C TYR F 126 -3.12 31.39 4.42
N GLY F 127 -4.37 30.94 4.42
CA GLY F 127 -5.40 31.58 5.21
C GLY F 127 -5.55 33.07 4.98
N ASP F 128 -5.63 33.83 6.06
CA ASP F 128 -5.70 35.29 5.99
C ASP F 128 -4.32 35.88 5.71
N VAL F 129 -4.27 36.99 4.99
CA VAL F 129 -3.01 37.61 4.63
C VAL F 129 -2.35 38.30 5.83
N LYS F 130 -3.15 38.99 6.62
CA LYS F 130 -2.64 39.71 7.79
C LYS F 130 -1.97 38.77 8.80
N ASP F 131 -2.48 37.55 8.89
CA ASP F 131 -1.93 36.54 9.80
C ASP F 131 -0.82 35.78 9.10
N PRO F 132 0.41 35.89 9.58
CA PRO F 132 1.55 35.21 8.92
C PRO F 132 1.60 33.72 9.23
N TYR F 133 0.89 33.30 10.28
CA TYR F 133 1.12 31.97 10.85
C TYR F 133 -0.05 31.00 10.69
N ASP F 134 -1.16 31.48 10.12
CA ASP F 134 -2.32 30.61 9.93
C ASP F 134 -2.22 29.88 8.59
N GLY F 135 -3.16 28.96 8.36
CA GLY F 135 -3.14 28.18 7.14
C GLY F 135 -2.49 26.82 7.35
N VAL F 136 -1.96 26.26 6.26
CA VAL F 136 -1.39 24.92 6.31
C VAL F 136 0.06 24.94 6.83
N ARG F 137 0.54 26.13 7.17
CA ARG F 137 1.93 26.36 7.59
C ARG F 137 2.44 25.39 8.66
N ASN F 138 1.76 25.35 9.80
CA ASN F 138 2.20 24.49 10.91
C ASN F 138 1.95 23.01 10.66
N ASP F 139 1.00 22.71 9.77
CA ASP F 139 0.71 21.33 9.40
C ASP F 139 1.78 20.79 8.47
N LEU F 140 2.26 21.64 7.57
CA LEU F 140 3.36 21.28 6.69
C LEU F 140 4.61 20.98 7.50
N THR F 141 4.85 21.81 8.52
CA THR F 141 5.99 21.62 9.42
C THR F 141 5.86 20.32 10.19
N ALA F 142 4.66 20.06 10.68
CA ALA F 142 4.36 18.81 11.41
C ALA F 142 4.68 17.60 10.54
N PHE F 143 4.35 17.69 9.26
CA PHE F 143 4.62 16.60 8.33
C PHE F 143 6.11 16.34 8.22
N MSE F 144 6.88 17.38 7.94
CA MSE F 144 8.33 17.26 7.76
C MSE F 144 9.02 16.71 9.00
O MSE F 144 9.91 15.88 8.89
CB MSE F 144 8.93 18.61 7.38
CG MSE F 144 8.48 19.14 6.03
SE MSE F 144 8.76 17.85 4.58
CE MSE F 144 10.69 17.60 4.79
N GLU F 145 8.59 17.16 10.17
CA GLU F 145 9.19 16.70 11.42
C GLU F 145 8.87 15.22 11.66
N SER F 146 7.68 14.80 11.24
CA SER F 146 7.29 13.40 11.34
C SER F 146 8.08 12.54 10.37
N LEU F 147 8.23 13.05 9.14
CA LEU F 147 9.00 12.36 8.11
C LEU F 147 10.46 12.27 8.47
N HIS F 148 11.00 13.36 9.01
CA HIS F 148 12.41 13.44 9.36
C HIS F 148 12.74 12.44 10.45
N SER F 149 11.88 12.36 11.46
CA SER F 149 12.09 11.44 12.56
C SER F 149 12.06 9.98 12.08
N GLU F 150 11.14 9.68 11.16
CA GLU F 150 11.00 8.34 10.62
C GLU F 150 12.23 7.91 9.82
N LEU F 151 12.60 8.72 8.84
CA LEU F 151 13.72 8.39 7.95
C LEU F 151 15.07 8.44 8.67
N GLN F 152 15.13 9.22 9.75
CA GLN F 152 16.37 9.32 10.52
C GLN F 152 16.67 7.98 11.20
N SER F 153 15.61 7.26 11.55
CA SER F 153 15.73 5.94 12.18
C SER F 153 16.15 4.88 11.16
N MSE F 154 15.88 5.16 9.90
CA MSE F 154 16.22 4.24 8.81
C MSE F 154 17.57 4.57 8.19
O MSE F 154 18.00 3.89 7.27
CB MSE F 154 15.15 4.28 7.72
CG MSE F 154 13.87 3.54 8.07
SE MSE F 154 12.57 3.83 6.64
CE MSE F 154 11.76 5.45 7.34
N ASN F 155 18.21 5.62 8.70
CA ASN F 155 19.43 6.16 8.10
C ASN F 155 19.18 6.54 6.64
N LYS F 156 18.07 7.24 6.42
CA LYS F 156 17.73 7.74 5.10
C LYS F 156 17.74 9.27 5.11
N LEU F 157 17.99 9.87 3.96
CA LEU F 157 18.08 11.31 3.85
C LEU F 157 16.73 11.96 3.60
N VAL F 158 16.58 13.20 4.08
CA VAL F 158 15.40 13.99 3.77
C VAL F 158 15.83 15.31 3.13
N VAL F 159 15.42 15.51 1.88
CA VAL F 159 15.65 16.77 1.20
C VAL F 159 14.30 17.41 0.91
N MSE F 160 14.18 18.70 1.18
CA MSE F 160 12.93 19.39 0.87
C MSE F 160 13.15 20.52 -0.13
O MSE F 160 14.03 21.37 0.04
CB MSE F 160 12.29 19.93 2.14
CG MSE F 160 10.86 20.40 1.92
SE MSE F 160 10.13 21.33 3.45
CE MSE F 160 8.28 21.46 2.86
N ALA F 161 12.32 20.53 -1.16
CA ALA F 161 12.34 21.60 -2.16
C ALA F 161 11.29 22.64 -1.82
N VAL F 162 11.73 23.88 -1.59
CA VAL F 162 10.82 24.94 -1.18
C VAL F 162 10.81 26.08 -2.21
N MSE F 163 9.76 26.90 -2.16
CA MSE F 163 9.64 28.03 -3.08
C MSE F 163 10.63 29.14 -2.72
O MSE F 163 10.92 29.37 -1.56
CB MSE F 163 8.22 28.59 -3.06
CG MSE F 163 7.16 27.59 -3.48
SE MSE F 163 7.36 26.94 -5.31
CE MSE F 163 6.93 28.57 -6.27
N PRO F 164 11.16 29.82 -3.75
CA PRO F 164 12.11 30.92 -3.59
C PRO F 164 11.44 32.22 -3.16
N ARG F 165 11.27 32.43 -1.86
CA ARG F 165 10.68 33.67 -1.38
C ARG F 165 11.69 34.80 -1.49
N MSE F 166 11.18 36.01 -1.75
CA MSE F 166 12.02 37.14 -2.10
C MSE F 166 11.87 38.29 -1.10
O MSE F 166 12.82 39.02 -0.84
CB MSE F 166 11.66 37.61 -3.50
CG MSE F 166 12.60 38.61 -4.10
SE MSE F 166 11.77 39.41 -5.67
CE MSE F 166 10.67 37.92 -6.22
N SER F 167 10.66 38.45 -0.56
CA SER F 167 10.40 39.50 0.42
C SER F 167 9.19 39.17 1.27
N SER F 168 8.91 40.05 2.24
CA SER F 168 7.79 39.87 3.16
C SER F 168 6.44 39.96 2.45
N SER F 169 6.43 40.66 1.31
CA SER F 169 5.18 40.95 0.61
C SER F 169 4.56 39.74 -0.08
N GLN F 170 5.30 38.63 -0.14
CA GLN F 170 4.82 37.44 -0.83
C GLN F 170 4.05 36.53 0.11
N TYR F 171 2.90 37.01 0.57
CA TYR F 171 2.09 36.32 1.58
C TYR F 171 1.65 34.92 1.16
N TRP F 172 1.58 34.68 -0.15
CA TRP F 172 1.10 33.39 -0.65
C TRP F 172 2.13 32.28 -0.46
N LEU F 173 3.27 32.62 0.12
CA LEU F 173 4.30 31.63 0.42
C LEU F 173 4.44 31.44 1.93
N ASP F 174 3.44 31.90 2.68
CA ASP F 174 3.49 31.84 4.14
C ASP F 174 3.35 30.42 4.67
N ALA F 175 3.06 29.47 3.78
CA ALA F 175 2.95 28.08 4.18
C ALA F 175 4.33 27.52 4.55
N TYR F 176 5.39 28.16 4.05
CA TYR F 176 6.74 27.70 4.34
C TYR F 176 7.36 28.42 5.54
N ASP F 177 7.43 27.71 6.66
CA ASP F 177 8.18 28.17 7.82
C ASP F 177 9.64 27.75 7.63
N TYR F 178 10.38 28.52 6.83
CA TYR F 178 11.74 28.18 6.44
C TYR F 178 12.64 27.81 7.62
N GLU F 179 12.51 28.55 8.71
CA GLU F 179 13.28 28.28 9.91
C GLU F 179 13.02 26.85 10.42
N ALA F 180 11.76 26.56 10.72
CA ALA F 180 11.37 25.27 11.25
C ALA F 180 11.70 24.13 10.28
N LEU F 181 11.37 24.32 9.01
CA LEU F 181 11.58 23.30 7.99
C LEU F 181 13.06 22.95 7.84
N SER F 182 13.93 23.94 7.99
CA SER F 182 15.37 23.73 7.83
C SER F 182 15.93 22.82 8.93
N HIS F 183 15.20 22.70 10.03
CA HIS F 183 15.63 21.83 11.12
C HIS F 183 15.10 20.41 10.94
N ALA F 184 14.13 20.26 10.03
CA ALA F 184 13.52 18.95 9.79
C ALA F 184 13.99 18.33 8.48
N VAL F 185 15.11 18.83 7.95
CA VAL F 185 15.66 18.29 6.72
C VAL F 185 17.17 18.11 6.81
N ASP F 186 17.74 17.37 5.86
CA ASP F 186 19.18 17.29 5.72
C ASP F 186 19.67 18.39 4.78
N TYR F 187 18.86 18.70 3.78
CA TYR F 187 19.16 19.82 2.89
C TYR F 187 17.89 20.53 2.47
N LEU F 188 17.93 21.86 2.48
CA LEU F 188 16.82 22.67 2.02
C LEU F 188 17.10 23.17 0.62
N HIS F 189 16.46 22.57 -0.38
CA HIS F 189 16.67 22.99 -1.76
C HIS F 189 15.75 24.16 -2.11
N VAL F 190 16.33 25.36 -2.14
CA VAL F 190 15.57 26.54 -2.52
C VAL F 190 15.57 26.64 -4.04
N MSE F 191 14.40 26.38 -4.63
CA MSE F 191 14.28 26.32 -6.07
C MSE F 191 14.34 27.71 -6.72
O MSE F 191 13.32 28.24 -7.14
CB MSE F 191 12.99 25.61 -6.47
CG MSE F 191 12.95 24.15 -6.03
SE MSE F 191 11.28 23.27 -6.45
CE MSE F 191 10.14 24.12 -5.13
N THR F 192 15.54 28.27 -6.80
CA THR F 192 15.72 29.59 -7.35
C THR F 192 15.72 29.59 -8.88
N TYR F 193 14.55 29.34 -9.46
CA TYR F 193 14.36 29.50 -10.90
C TYR F 193 12.89 29.80 -11.19
N ASP F 194 12.57 29.99 -12.47
CA ASP F 194 11.23 30.38 -12.92
C ASP F 194 10.83 31.76 -12.39
N HIS F 195 11.81 32.66 -12.29
CA HIS F 195 11.53 34.05 -11.96
C HIS F 195 10.66 34.66 -13.06
N HIS F 196 10.97 34.28 -14.29
CA HIS F 196 10.06 34.50 -15.41
C HIS F 196 9.54 33.13 -15.83
N TYR F 197 8.25 33.08 -16.19
CA TYR F 197 7.63 31.78 -16.46
C TYR F 197 6.82 31.78 -17.76
N ARG F 198 6.10 30.69 -17.98
CA ARG F 198 5.42 30.40 -19.25
C ARG F 198 4.66 31.58 -19.84
N THR F 199 3.73 32.11 -19.05
CA THR F 199 2.80 33.12 -19.54
C THR F 199 3.12 34.52 -19.04
N SER F 200 4.31 34.72 -18.48
CA SER F 200 4.73 36.05 -18.04
C SER F 200 5.46 36.77 -19.16
N ALA F 201 5.78 38.04 -18.94
CA ALA F 201 6.61 38.78 -19.88
C ALA F 201 7.99 38.14 -19.97
N PRO F 202 8.66 38.30 -21.12
CA PRO F 202 9.99 37.69 -21.30
C PRO F 202 11.03 38.24 -20.34
N GLY F 203 11.87 37.37 -19.82
CA GLY F 203 12.93 37.77 -18.91
C GLY F 203 13.79 36.59 -18.52
N PRO F 204 14.85 36.82 -17.73
CA PRO F 204 15.74 35.73 -17.33
C PRO F 204 15.02 34.73 -16.42
N ILE F 205 15.27 33.44 -16.64
CA ILE F 205 14.62 32.40 -15.85
C ILE F 205 15.11 32.44 -14.41
N ALA F 206 16.37 32.85 -14.23
CA ALA F 206 16.95 32.97 -12.89
C ALA F 206 18.11 33.95 -12.89
N PRO F 207 17.80 35.26 -12.88
CA PRO F 207 18.81 36.32 -12.89
C PRO F 207 19.77 36.19 -11.69
N TYR F 208 21.05 36.47 -11.94
CA TYR F 208 22.08 36.38 -10.90
C TYR F 208 21.72 37.17 -9.62
N PRO F 209 21.37 38.47 -9.75
CA PRO F 209 21.04 39.20 -8.51
C PRO F 209 19.78 38.69 -7.81
N TRP F 210 18.85 38.13 -8.56
CA TRP F 210 17.60 37.65 -7.98
C TRP F 210 17.83 36.38 -7.13
N ILE F 211 18.67 35.49 -7.62
CA ILE F 211 19.04 34.30 -6.85
C ILE F 211 19.60 34.70 -5.49
N LYS F 212 20.54 35.65 -5.49
CA LYS F 212 21.15 36.14 -4.25
C LYS F 212 20.12 36.84 -3.38
N GLN F 213 19.21 37.55 -4.03
CA GLN F 213 18.14 38.27 -3.33
C GLN F 213 17.24 37.29 -2.58
N VAL F 214 16.92 36.17 -3.22
CA VAL F 214 16.12 35.13 -2.59
C VAL F 214 16.86 34.55 -1.41
N LEU F 215 18.10 34.14 -1.63
CA LEU F 215 18.93 33.53 -0.62
C LEU F 215 19.11 34.45 0.59
N THR F 216 19.21 35.74 0.34
CA THR F 216 19.33 36.73 1.39
C THR F 216 18.06 36.76 2.26
N TYR F 217 16.90 36.59 1.65
CA TYR F 217 15.66 36.50 2.41
C TYR F 217 15.65 35.26 3.30
N ILE F 218 15.90 34.11 2.70
CA ILE F 218 15.93 32.84 3.42
C ILE F 218 16.92 32.90 4.58
N GLN F 219 18.04 33.58 4.34
CA GLN F 219 19.05 33.79 5.36
C GLN F 219 18.47 34.63 6.50
N GLY F 220 17.67 35.63 6.14
CA GLY F 220 17.07 36.52 7.11
C GLY F 220 16.00 35.86 7.96
N GLN F 221 15.56 34.68 7.53
CA GLN F 221 14.58 33.90 8.29
C GLN F 221 15.30 33.01 9.29
N GLY F 222 16.63 33.00 9.21
CA GLY F 222 17.45 32.33 10.21
C GLY F 222 17.83 30.90 9.89
N VAL F 223 17.73 30.50 8.62
CA VAL F 223 18.09 29.14 8.25
C VAL F 223 19.60 29.05 7.99
N ASP F 224 20.18 27.92 8.38
CA ASP F 224 21.60 27.68 8.17
C ASP F 224 21.87 27.44 6.71
N MSE F 225 22.53 28.40 6.06
CA MSE F 225 22.80 28.33 4.62
C MSE F 225 23.71 27.15 4.29
O MSE F 225 23.76 26.70 3.16
CB MSE F 225 23.40 29.63 4.13
CG MSE F 225 22.54 30.85 4.44
SE MSE F 225 20.67 30.61 3.97
CE MSE F 225 20.84 30.71 2.02
N SER F 226 24.41 26.67 5.31
CA SER F 226 25.27 25.49 5.16
C SER F 226 24.47 24.26 4.72
N LYS F 227 23.16 24.29 4.95
CA LYS F 227 22.28 23.19 4.58
C LYS F 227 21.40 23.53 3.39
N VAL F 228 21.71 24.62 2.70
CA VAL F 228 20.88 25.06 1.59
C VAL F 228 21.48 24.71 0.23
N LEU F 229 20.66 24.12 -0.62
CA LEU F 229 21.02 23.89 -2.02
C LEU F 229 20.34 24.94 -2.87
N MSE F 230 21.13 25.70 -3.64
CA MSE F 230 20.55 26.68 -4.54
C MSE F 230 19.98 25.98 -5.75
O MSE F 230 20.17 24.78 -5.94
CB MSE F 230 21.58 27.73 -4.95
CG MSE F 230 22.71 27.20 -5.79
SE MSE F 230 23.80 28.62 -6.56
CE MSE F 230 22.49 29.39 -7.78
N GLY F 231 19.28 26.74 -6.59
CA GLY F 231 18.71 26.19 -7.79
C GLY F 231 19.20 26.93 -9.02
N ILE F 232 19.18 26.24 -10.16
CA ILE F 232 19.61 26.86 -11.41
C ILE F 232 18.90 26.12 -12.54
N PRO F 233 18.43 26.87 -13.55
CA PRO F 233 17.74 26.19 -14.66
C PRO F 233 18.70 25.76 -15.75
N TYR F 234 18.46 24.59 -16.32
CA TYR F 234 19.17 24.15 -17.52
C TYR F 234 18.43 24.63 -18.76
N TYR F 235 17.19 25.09 -18.55
CA TYR F 235 16.29 25.40 -19.64
C TYR F 235 16.10 26.90 -19.85
N GLY F 236 15.81 27.27 -21.09
CA GLY F 236 15.46 28.65 -21.40
C GLY F 236 14.06 28.71 -21.97
N ARG F 237 13.61 29.90 -22.35
CA ARG F 237 12.28 30.04 -22.93
C ARG F 237 12.24 30.97 -24.15
N ASP F 238 11.27 30.71 -25.02
CA ASP F 238 11.05 31.51 -26.22
C ASP F 238 9.66 32.14 -26.13
N TRP F 239 9.60 33.45 -25.86
CA TRP F 239 8.34 34.12 -25.61
C TRP F 239 7.76 34.81 -26.84
N VAL F 240 6.43 34.71 -26.98
CA VAL F 240 5.72 35.52 -27.96
C VAL F 240 4.45 36.10 -27.35
N VAL F 241 4.02 37.24 -27.85
CA VAL F 241 2.69 37.75 -27.53
C VAL F 241 1.69 36.90 -28.32
N ASP F 242 0.98 36.03 -27.61
CA ASP F 242 0.12 35.05 -28.26
C ASP F 242 -1.32 35.51 -28.40
N GLY F 243 -1.62 36.69 -27.86
CA GLY F 243 -2.97 37.21 -27.93
C GLY F 243 -3.25 38.39 -27.04
N LYS F 244 -4.46 38.42 -26.51
CA LYS F 244 -4.95 39.58 -25.77
C LYS F 244 -6.07 39.15 -24.83
N ASP F 245 -6.01 39.61 -23.58
CA ASP F 245 -6.97 39.18 -22.56
C ASP F 245 -8.32 39.87 -22.74
N ALA F 246 -9.20 39.73 -21.74
CA ALA F 246 -10.55 40.28 -21.82
C ALA F 246 -10.57 41.80 -21.71
N ASN F 247 -9.47 42.38 -21.26
CA ASN F 247 -9.37 43.82 -21.09
C ASN F 247 -8.44 44.47 -22.12
N GLY F 248 -8.01 43.66 -23.09
CA GLY F 248 -7.21 44.17 -24.19
C GLY F 248 -5.71 44.10 -23.96
N ASN F 249 -5.33 43.72 -22.76
CA ASN F 249 -3.91 43.64 -22.40
C ASN F 249 -3.21 42.48 -23.12
N PRO F 250 -2.00 42.74 -23.62
CA PRO F 250 -1.17 41.71 -24.26
C PRO F 250 -1.00 40.48 -23.36
N THR F 251 -1.08 39.30 -23.95
CA THR F 251 -0.83 38.07 -23.21
C THR F 251 0.38 37.34 -23.81
N TYR F 252 1.09 36.60 -22.97
CA TYR F 252 2.28 35.91 -23.42
C TYR F 252 2.15 34.41 -23.35
N ASN F 253 2.90 33.73 -24.21
CA ASN F 253 3.07 32.30 -24.13
C ASN F 253 4.50 31.97 -24.55
N SER F 254 4.99 30.80 -24.15
CA SER F 254 6.36 30.44 -24.46
C SER F 254 6.58 28.95 -24.45
N THR F 255 7.67 28.51 -25.09
CA THR F 255 8.08 27.11 -25.04
C THR F 255 9.45 27.03 -24.38
N ALA F 256 9.67 25.96 -23.62
CA ALA F 256 10.94 25.76 -22.93
C ALA F 256 11.83 24.81 -23.72
N PHE F 257 13.14 24.99 -23.59
CA PHE F 257 14.11 24.14 -24.29
C PHE F 257 15.50 24.24 -23.67
N GLY F 258 16.39 23.34 -24.08
CA GLY F 258 17.74 23.30 -23.56
C GLY F 258 18.69 24.29 -24.20
N TYR F 259 19.93 24.28 -23.74
CA TYR F 259 20.98 25.18 -24.24
C TYR F 259 21.29 24.97 -25.73
N SER F 260 21.27 23.72 -26.18
CA SER F 260 21.56 23.41 -27.58
C SER F 260 20.53 24.00 -28.53
N LYS F 261 19.25 23.87 -28.17
CA LYS F 261 18.16 24.38 -28.99
C LYS F 261 18.23 25.91 -29.09
N ALA F 262 18.61 26.56 -27.99
CA ALA F 262 18.74 28.01 -27.97
C ALA F 262 19.77 28.48 -28.98
N LEU F 263 20.91 27.78 -29.04
CA LEU F 263 21.96 28.12 -29.99
C LEU F 263 21.51 27.86 -31.43
N GLU F 264 20.81 26.75 -31.63
CA GLU F 264 20.25 26.41 -32.93
C GLU F 264 19.32 27.51 -33.43
N LEU F 265 18.47 28.00 -32.54
CA LEU F 265 17.52 29.05 -32.87
C LEU F 265 18.22 30.33 -33.30
N ALA F 266 19.18 30.79 -32.47
CA ALA F 266 19.90 32.02 -32.75
C ALA F 266 20.63 31.92 -34.09
N ASP F 267 21.18 30.75 -34.37
CA ASP F 267 21.90 30.52 -35.62
C ASP F 267 20.94 30.55 -36.80
N SER F 268 19.81 29.86 -36.66
CA SER F 268 18.81 29.76 -37.71
C SER F 268 18.30 31.11 -38.18
N TYR F 269 18.12 32.03 -37.24
CA TYR F 269 17.56 33.34 -37.54
C TYR F 269 18.64 34.41 -37.61
N GLY F 270 19.89 33.99 -37.51
CA GLY F 270 21.01 34.92 -37.58
C GLY F 270 20.95 35.98 -36.49
N ALA F 271 20.52 35.57 -35.30
CA ALA F 271 20.42 36.50 -34.19
C ALA F 271 21.72 36.53 -33.40
N THR F 272 22.08 37.73 -32.95
CA THR F 272 23.25 37.90 -32.10
C THR F 272 22.86 37.74 -30.64
N ILE F 273 23.63 36.92 -29.92
CA ILE F 273 23.34 36.65 -28.52
C ILE F 273 24.00 37.67 -27.60
N THR F 274 23.21 38.24 -26.71
CA THR F 274 23.67 39.27 -25.79
C THR F 274 23.43 38.81 -24.34
N TYR F 275 24.34 39.19 -23.43
CA TYR F 275 24.15 38.92 -22.02
C TYR F 275 23.41 40.09 -21.36
N SER F 276 22.18 39.83 -20.93
CA SER F 276 21.34 40.84 -20.30
C SER F 276 21.71 41.02 -18.83
N LYS F 277 22.11 42.24 -18.48
CA LYS F 277 22.51 42.56 -17.12
C LYS F 277 21.32 43.01 -16.28
N TYR F 278 20.88 42.15 -15.36
CA TYR F 278 19.70 42.39 -14.54
C TYR F 278 19.76 43.74 -13.83
N ASN F 279 20.88 43.98 -13.15
CA ASN F 279 21.20 45.31 -12.63
C ASN F 279 22.71 45.45 -12.56
N ASP F 280 23.20 46.56 -11.99
CA ASP F 280 24.63 46.82 -11.98
C ASP F 280 25.41 45.81 -11.14
N ALA F 281 24.72 45.02 -10.33
CA ALA F 281 25.36 43.98 -9.55
C ALA F 281 25.33 42.64 -10.27
N ASP F 282 25.12 42.71 -11.59
CA ASP F 282 25.16 41.52 -12.44
C ASP F 282 26.33 41.64 -13.42
N PRO F 283 27.51 41.16 -13.03
CA PRO F 283 28.71 41.29 -13.86
C PRO F 283 28.63 40.52 -15.17
N VAL F 284 28.25 39.24 -15.12
CA VAL F 284 28.24 38.40 -16.30
C VAL F 284 26.94 38.52 -17.10
N GLY F 285 25.81 38.39 -16.42
CA GLY F 285 24.51 38.54 -17.05
C GLY F 285 23.90 37.23 -17.52
N THR F 286 22.81 37.34 -18.28
CA THR F 286 22.08 36.17 -18.76
C THR F 286 21.91 36.28 -20.27
N PRO F 287 22.27 35.23 -21.02
CA PRO F 287 22.24 35.28 -22.48
C PRO F 287 20.82 35.39 -23.03
N THR F 288 20.67 36.20 -24.08
CA THR F 288 19.36 36.47 -24.66
C THR F 288 19.48 36.91 -26.11
N PHE F 289 18.41 36.72 -26.87
CA PHE F 289 18.33 37.26 -28.23
C PHE F 289 16.89 37.37 -28.70
N LYS F 290 16.68 38.20 -29.72
CA LYS F 290 15.37 38.36 -30.32
C LYS F 290 15.42 37.97 -31.79
N TYR F 291 14.28 37.54 -32.32
CA TYR F 291 14.15 37.32 -33.75
C TYR F 291 12.70 37.44 -34.17
N THR F 292 12.47 37.60 -35.47
CA THR F 292 11.13 37.62 -36.02
C THR F 292 10.94 36.42 -36.93
N ASP F 293 9.93 35.60 -36.64
CA ASP F 293 9.70 34.41 -37.47
C ASP F 293 9.04 34.83 -38.78
N GLU F 294 8.87 33.85 -39.67
CA GLU F 294 8.40 34.12 -41.02
C GLU F 294 6.93 34.54 -41.06
N LYS F 295 6.23 34.40 -39.93
CA LYS F 295 4.84 34.82 -39.84
C LYS F 295 4.74 36.24 -39.31
N GLY F 296 5.89 36.86 -39.05
CA GLY F 296 5.95 38.25 -38.63
C GLY F 296 5.87 38.47 -37.13
N VAL F 297 5.92 37.39 -36.36
CA VAL F 297 5.83 37.47 -34.91
C VAL F 297 7.22 37.63 -34.29
N GLU F 298 7.37 38.57 -33.36
CA GLU F 298 8.62 38.76 -32.67
C GLU F 298 8.78 37.75 -31.53
N HIS F 299 9.96 37.15 -31.45
CA HIS F 299 10.27 36.20 -30.39
C HIS F 299 11.36 36.76 -29.48
N THR F 300 11.24 36.49 -28.18
CA THR F 300 12.26 36.90 -27.23
C THR F 300 12.73 35.70 -26.43
N VAL F 301 14.03 35.43 -26.49
CA VAL F 301 14.58 34.24 -25.85
C VAL F 301 15.49 34.60 -24.70
N PHE F 302 15.30 33.94 -23.57
CA PHE F 302 16.24 33.98 -22.47
C PHE F 302 16.62 32.55 -22.13
N PHE F 303 17.90 32.32 -21.85
CA PHE F 303 18.37 30.99 -21.50
C PHE F 303 19.66 31.09 -20.70
N ASP F 304 20.34 29.97 -20.53
CA ASP F 304 21.59 29.95 -19.80
C ASP F 304 22.66 29.17 -20.54
N ASP F 305 23.88 29.68 -20.54
CA ASP F 305 24.99 28.98 -21.16
C ASP F 305 26.09 28.72 -20.13
N TYR F 306 27.25 28.28 -20.61
CA TYR F 306 28.36 27.96 -19.72
C TYR F 306 28.82 29.18 -18.94
N THR F 307 28.76 30.35 -19.57
CA THR F 307 29.21 31.58 -18.94
C THR F 307 28.28 32.02 -17.81
N SER F 308 26.98 32.00 -18.08
CA SER F 308 26.00 32.40 -17.07
C SER F 308 25.88 31.35 -15.96
N TRP F 309 25.95 30.07 -16.33
CA TRP F 309 25.92 28.99 -15.36
C TRP F 309 27.10 29.09 -14.40
N ASN F 310 28.27 29.40 -14.94
CA ASN F 310 29.48 29.54 -14.14
C ASN F 310 29.37 30.69 -13.14
N ALA F 311 28.80 31.80 -13.60
CA ALA F 311 28.57 32.96 -12.73
C ALA F 311 27.64 32.62 -11.57
N LYS F 312 26.49 32.00 -11.89
CA LYS F 312 25.50 31.71 -10.87
C LYS F 312 25.95 30.61 -9.89
N LEU F 313 26.75 29.66 -10.37
CA LEU F 313 27.27 28.60 -9.50
C LEU F 313 28.22 29.18 -8.45
N SER F 314 28.80 30.34 -8.74
CA SER F 314 29.72 31.01 -7.82
C SER F 314 29.01 31.48 -6.55
N ILE F 315 27.68 31.52 -6.59
CA ILE F 315 26.89 31.96 -5.44
C ILE F 315 27.05 30.98 -4.28
N ILE F 316 27.42 29.74 -4.60
CA ILE F 316 27.67 28.71 -3.59
C ILE F 316 28.76 29.15 -2.61
N ASN F 317 29.82 29.76 -3.12
CA ASN F 317 30.91 30.24 -2.26
C ASN F 317 30.55 31.50 -1.49
N GLU F 318 29.77 32.38 -2.11
CA GLU F 318 29.39 33.64 -1.49
C GLU F 318 28.52 33.45 -0.26
N PHE F 319 27.59 32.49 -0.33
CA PHE F 319 26.66 32.23 0.77
C PHE F 319 27.03 30.99 1.56
N GLY F 320 28.14 30.34 1.20
CA GLY F 320 28.58 29.14 1.88
C GLY F 320 27.52 28.05 1.84
N LEU F 321 26.96 27.83 0.65
CA LEU F 321 25.88 26.88 0.47
C LEU F 321 26.37 25.44 0.45
N ALA F 322 25.45 24.50 0.67
CA ALA F 322 25.78 23.08 0.65
C ALA F 322 26.04 22.62 -0.77
N GLY F 323 25.37 23.25 -1.72
CA GLY F 323 25.52 22.92 -3.12
C GLY F 323 24.39 23.43 -3.99
N VAL F 324 24.11 22.70 -5.06
CA VAL F 324 23.15 23.14 -6.07
C VAL F 324 22.27 21.99 -6.51
N GLY F 325 21.02 22.30 -6.84
CA GLY F 325 20.09 21.32 -7.37
C GLY F 325 19.45 21.85 -8.64
N PRO F 326 20.11 21.63 -9.78
CA PRO F 326 19.60 22.15 -11.06
C PRO F 326 18.39 21.38 -11.59
N TRP F 327 17.50 22.08 -12.28
CA TRP F 327 16.38 21.44 -12.95
C TRP F 327 16.44 21.69 -14.45
N ALA F 328 16.49 20.64 -15.27
CA ALA F 328 16.65 19.25 -14.84
C ALA F 328 17.45 18.53 -15.94
N MSE F 329 17.85 17.28 -15.68
CA MSE F 329 18.75 16.58 -16.60
C MSE F 329 18.12 16.26 -17.96
O MSE F 329 18.83 15.90 -18.90
CB MSE F 329 19.25 15.29 -15.97
CG MSE F 329 20.51 15.49 -15.11
SE MSE F 329 21.35 13.80 -14.66
CE MSE F 329 19.82 12.89 -13.87
N GLY F 330 16.80 16.41 -18.06
CA GLY F 330 16.12 16.15 -19.31
C GLY F 330 16.34 17.28 -20.33
N TRP F 331 16.87 18.40 -19.85
CA TRP F 331 17.14 19.54 -20.72
C TRP F 331 18.58 19.54 -21.20
N VAL F 332 19.28 18.45 -20.93
CA VAL F 332 20.70 18.34 -21.29
C VAL F 332 20.92 17.22 -22.30
N ASP F 333 21.43 17.57 -23.47
CA ASP F 333 21.79 16.53 -24.43
C ASP F 333 23.30 16.30 -24.44
N GLU F 334 23.77 15.47 -25.36
CA GLU F 334 25.18 15.09 -25.41
C GLU F 334 26.10 16.29 -25.63
N ASN F 335 25.63 17.27 -26.40
CA ASN F 335 26.44 18.46 -26.66
C ASN F 335 26.58 19.33 -25.43
N THR F 336 25.45 19.62 -24.78
CA THR F 336 25.45 20.46 -23.60
C THR F 336 26.20 19.80 -22.45
N ALA F 337 26.02 18.50 -22.31
CA ALA F 337 26.67 17.74 -21.24
C ALA F 337 28.18 17.84 -21.31
N GLU F 338 28.70 17.97 -22.53
CA GLU F 338 30.13 17.98 -22.78
C GLU F 338 30.84 19.12 -22.03
N GLY F 339 30.14 20.23 -21.84
CA GLY F 339 30.71 21.38 -21.18
C GLY F 339 30.07 21.67 -19.83
N LEU F 340 28.91 21.07 -19.58
CA LEU F 340 28.17 21.31 -18.36
C LEU F 340 28.74 20.55 -17.18
N PHE F 341 28.92 19.25 -17.35
CA PHE F 341 29.45 18.40 -16.29
C PHE F 341 30.87 18.78 -15.84
N PRO F 342 31.78 19.13 -16.78
CA PRO F 342 33.06 19.63 -16.28
C PRO F 342 32.89 20.89 -15.44
N LEU F 343 31.95 21.74 -15.84
CA LEU F 343 31.66 22.97 -15.11
C LEU F 343 31.16 22.66 -13.70
N LEU F 344 30.33 21.62 -13.59
CA LEU F 344 29.84 21.15 -12.30
C LEU F 344 30.98 20.66 -11.41
N ASN F 345 31.92 19.94 -12.02
CA ASN F 345 33.06 19.38 -11.29
C ASN F 345 33.94 20.47 -10.70
N GLN F 346 34.18 21.54 -11.47
CA GLN F 346 35.00 22.65 -11.02
C GLN F 346 34.45 23.29 -9.75
N HIS F 347 33.13 23.50 -9.70
CA HIS F 347 32.51 24.19 -8.58
C HIS F 347 32.19 23.28 -7.40
N LEU F 348 31.86 22.02 -7.69
CA LEU F 348 31.33 21.13 -6.65
C LEU F 348 32.31 20.08 -6.16
N ARG F 349 33.54 20.11 -6.66
CA ARG F 349 34.57 19.17 -6.22
C ARG F 349 35.87 19.89 -5.87
CA CA G . -17.73 -9.67 -41.42
CA CA H . -13.11 -10.58 -35.81
CA CA I . -7.28 19.03 -46.27
CA CA J . -23.42 5.53 -23.34
CL CL K . -20.18 16.11 -24.87
CA CA L . 40.43 -27.36 -47.70
CA CA M . -54.21 40.09 28.88
CA CA N . 60.22 -18.60 29.52
CA CA O . 57.81 -6.76 19.10
C1 PEG P . 52.39 -18.94 38.92
O1 PEG P . 51.89 -20.13 39.56
C2 PEG P . 53.88 -18.79 39.23
O2 PEG P . 54.07 -18.42 40.59
C3 PEG P . 55.45 -18.44 40.96
C4 PEG P . 55.60 -18.09 42.44
O4 PEG P . 56.97 -18.27 42.83
CA CA Q . -31.05 -17.65 17.36
CA CA R . -1.62 33.72 6.43
CL CL S . 6.06 25.35 -20.55
#